data_9NTK
#
_entry.id   9NTK
#
_cell.length_a   92.834
_cell.length_b   118.477
_cell.length_c   109.546
_cell.angle_alpha   90.000
_cell.angle_beta   98.488
_cell.angle_gamma   90.000
#
_symmetry.space_group_name_H-M   'P 1 21 1'
#
loop_
_entity.id
_entity.type
_entity.pdbx_description
1 polymer 'Adenosine deaminase AGSA,Adenosine deaminase AGSA,Chimeric Adenosine deaminase growth factor'
2 branched alpha-D-mannopyranose-(1-6)-beta-D-mannopyranose-(1-4)-2-acetamido-2-deoxy-beta-D-glucopyranose-(1-4)-2-acetamido-2-deoxy-beta-D-glucopyranose
3 non-polymer 'ZINC ION'
4 non-polymer "pentostatin 5'-phosphate"
5 non-polymer 2-acetamido-2-deoxy-beta-D-glucopyranose
6 non-polymer 1,2-ETHANEDIOL
7 non-polymer GLYCEROL
8 water water
#
_entity_poly.entity_id   1
_entity_poly.type   'polypeptide(L)'
_entity_poly.pdbx_seq_one_letter_code
;MSSFSTHNFVAIATFVCWFCCLATAAPLTSKAAYLLKRNSLIEEDASRKLGAKIVLTNEEKVLDDFILAEKRKLIDDSRL
NQTEYMPAASFYRSKDFIDTTFAYKIIQDMPKGGALHLHDTASARIDWIVSNATYRDHVYMCMDQDNFVRLTVSGTGPPA
NSGCEWKLVETERANSGDIAAFDHWLKSNISLLTTDPLVTYPSLDKVWGRFDKHFSQLRGIIYHTPIRRDYYRQILEEFR
SDNVQYVEVRSSLSGFFELDGTVHDAEFGLNLYKSVTEEFQREYPDFIGAKIILSGLRFKSQEEILNEVKIAMDLHKKYP
DFFLGYDLVGQEDPNFSLLHYLDALLYPSIQNPPYRLPYFFHAAETNWQETEVDYNLADALLLNTTRVGHGFALIKHPRF
TELAKENGVAVEVNPISNQILGLVRDVRNHALVPLIADDYPIVISSDDPGAWEASPLSHDFYVALMDLCGRDTALTFLKQ
LALNSIRYSAMSDTEKVAAKAKWTTQWDKFVKTSVEGLKPHINDRSHHHHHHHHHH
;
_entity_poly.pdbx_strand_id   A,B,C,D
#
loop_
_chem_comp.id
_chem_comp.type
_chem_comp.name
_chem_comp.formula
A1CDW non-polymer 'pentostatin 5'-phosphate' 'C11 H17 N4 O7 P'
BMA D-saccharide, beta linking beta-D-mannopyranose 'C6 H12 O6'
EDO non-polymer 1,2-ETHANEDIOL 'C2 H6 O2'
GOL non-polymer GLYCEROL 'C3 H8 O3'
MAN D-saccharide, alpha linking alpha-D-mannopyranose 'C6 H12 O6'
NAG D-saccharide, beta linking 2-acetamido-2-deoxy-beta-D-glucopyranose 'C8 H15 N O6'
ZN non-polymer 'ZINC ION' 'Zn 2'
#
# COMPACT_ATOMS: atom_id res chain seq x y z
N LEU A 28 26.81 16.64 11.23
CA LEU A 28 25.81 15.94 12.02
C LEU A 28 26.14 14.44 12.19
N THR A 29 25.11 13.60 12.12
CA THR A 29 25.26 12.16 12.30
C THR A 29 25.82 11.52 11.04
N SER A 30 26.53 10.41 11.22
CA SER A 30 26.96 9.63 10.06
C SER A 30 25.76 9.15 9.25
N LYS A 31 24.68 8.76 9.94
CA LYS A 31 23.43 8.40 9.29
C LYS A 31 22.77 9.60 8.61
N ALA A 32 22.79 10.77 9.24
CA ALA A 32 22.18 11.95 8.64
C ALA A 32 22.97 12.44 7.43
N ALA A 33 24.30 12.41 7.52
CA ALA A 33 25.13 12.75 6.36
C ALA A 33 24.92 11.76 5.22
N TYR A 34 24.82 10.48 5.55
CA TYR A 34 24.50 9.49 4.53
C TYR A 34 23.19 9.83 3.84
N LEU A 35 22.15 10.17 4.63
CA LEU A 35 20.83 10.46 4.06
C LEU A 35 20.86 11.69 3.17
N LEU A 36 21.61 12.73 3.56
CA LEU A 36 21.76 13.90 2.70
C LEU A 36 22.44 13.55 1.37
N LYS A 37 23.52 12.76 1.43
CA LYS A 37 24.19 12.36 0.20
C LYS A 37 23.30 11.49 -0.67
N ARG A 38 22.51 10.60 -0.05
CA ARG A 38 21.58 9.76 -0.80
C ARG A 38 20.49 10.60 -1.47
N ASN A 39 19.94 11.58 -0.76
CA ASN A 39 18.93 12.44 -1.35
C ASN A 39 19.50 13.22 -2.53
N SER A 40 20.70 13.78 -2.37
CA SER A 40 21.33 14.54 -3.45
C SER A 40 21.56 13.66 -4.68
N LEU A 41 22.08 12.45 -4.48
CA LEU A 41 22.35 11.54 -5.59
C LEU A 41 21.07 11.13 -6.31
N ILE A 42 20.02 10.81 -5.54
CA ILE A 42 18.78 10.36 -6.16
C ILE A 42 18.11 11.49 -6.93
N GLU A 43 18.10 12.71 -6.38
CA GLU A 43 17.46 13.76 -7.17
C GLU A 43 18.31 14.16 -8.38
N GLU A 44 19.65 14.08 -8.29
CA GLU A 44 20.45 14.30 -9.50
C GLU A 44 20.11 13.27 -10.57
N ASP A 45 19.90 12.02 -10.18
CA ASP A 45 19.55 11.03 -11.19
C ASP A 45 18.18 11.33 -11.80
N ALA A 46 17.21 11.72 -10.95
CA ALA A 46 15.85 11.93 -11.41
C ALA A 46 15.66 13.24 -12.18
N SER A 47 16.54 14.22 -12.01
CA SER A 47 16.40 15.49 -12.69
C SER A 47 16.81 15.41 -14.17
N ARG A 48 17.23 14.25 -14.62
CA ARG A 48 17.71 14.11 -15.99
C ARG A 48 16.71 13.45 -16.90
N LYS A 49 15.52 13.12 -16.39
CA LYS A 49 14.53 12.44 -17.19
C LYS A 49 13.76 13.42 -18.06
N LEU A 50 13.01 12.86 -19.01
CA LEU A 50 12.16 13.66 -19.90
C LEU A 50 11.06 14.33 -19.09
N GLY A 51 10.89 15.63 -19.29
CA GLY A 51 9.88 16.40 -18.58
C GLY A 51 10.26 16.87 -17.19
N ALA A 52 11.49 16.61 -16.74
CA ALA A 52 11.90 17.01 -15.39
C ALA A 52 11.97 18.53 -15.24
N LYS A 53 12.04 19.26 -16.34
CA LYS A 53 12.12 20.71 -16.28
C LYS A 53 10.73 21.37 -16.36
N ILE A 54 9.68 20.57 -16.42
CA ILE A 54 8.31 21.08 -16.49
C ILE A 54 7.90 21.64 -15.13
N VAL A 55 7.36 22.86 -15.11
CA VAL A 55 6.80 23.46 -13.91
C VAL A 55 5.28 23.38 -13.96
N LEU A 56 4.68 22.84 -12.91
CA LEU A 56 3.24 22.66 -12.86
C LEU A 56 2.58 23.74 -11.99
N THR A 57 1.42 24.22 -12.46
CA THR A 57 0.56 25.07 -11.63
C THR A 57 -0.15 24.22 -10.57
N ASN A 58 -0.87 24.89 -9.67
CA ASN A 58 -1.54 24.18 -8.57
C ASN A 58 -2.63 23.26 -9.09
N GLU A 59 -3.38 23.70 -10.10
CA GLU A 59 -4.40 22.85 -10.69
C GLU A 59 -3.78 21.65 -11.39
N GLU A 60 -2.72 21.91 -12.17
CA GLU A 60 -1.98 20.82 -12.79
C GLU A 60 -1.48 19.84 -11.75
N LYS A 61 -1.07 20.35 -10.58
CA LYS A 61 -0.63 19.46 -9.52
C LYS A 61 -1.79 18.63 -8.98
N VAL A 62 -3.00 19.18 -8.97
CA VAL A 62 -4.17 18.37 -8.60
C VAL A 62 -4.26 17.17 -9.52
N LEU A 63 -4.20 17.43 -10.83
CA LEU A 63 -4.27 16.32 -11.80
C LEU A 63 -3.10 15.36 -11.66
N ASP A 64 -1.90 15.89 -11.41
CA ASP A 64 -0.70 15.06 -11.27
C ASP A 64 -0.84 14.10 -10.10
N ASP A 65 -1.33 14.60 -8.96
CA ASP A 65 -1.54 13.74 -7.80
C ASP A 65 -2.62 12.70 -8.08
N PHE A 66 -3.69 13.11 -8.78
CA PHE A 66 -4.73 12.15 -9.13
C PHE A 66 -4.15 10.98 -9.92
N ILE A 67 -3.36 11.27 -10.96
CA ILE A 67 -2.80 10.20 -11.78
C ILE A 67 -1.76 9.38 -10.99
N LEU A 68 -0.86 10.05 -10.28
CA LEU A 68 0.18 9.34 -9.56
C LEU A 68 -0.40 8.40 -8.52
N ALA A 69 -1.53 8.76 -7.90
CA ALA A 69 -2.12 7.89 -6.88
C ALA A 69 -2.53 6.55 -7.45
N GLU A 70 -3.21 6.55 -8.61
CA GLU A 70 -3.61 5.29 -9.22
C GLU A 70 -2.39 4.53 -9.73
N LYS A 71 -1.42 5.24 -10.30
CA LYS A 71 -0.22 4.56 -10.78
C LYS A 71 0.52 3.87 -9.64
N ARG A 72 0.68 4.57 -8.51
CA ARG A 72 1.36 4.00 -7.36
C ARG A 72 0.57 2.85 -6.78
N LYS A 73 -0.75 2.97 -6.74
CA LYS A 73 -1.57 1.86 -6.25
C LYS A 73 -1.31 0.62 -7.08
N LEU A 74 -1.31 0.74 -8.41
CA LEU A 74 -1.09 -0.42 -9.27
C LEU A 74 0.33 -0.99 -9.10
N ILE A 75 1.35 -0.13 -9.12
CA ILE A 75 2.72 -0.61 -9.03
C ILE A 75 2.96 -1.29 -7.68
N ASP A 76 2.52 -0.66 -6.59
CA ASP A 76 2.75 -1.21 -5.26
C ASP A 76 1.93 -2.48 -5.02
N ASP A 77 0.70 -2.52 -5.56
CA ASP A 77 -0.09 -3.75 -5.47
C ASP A 77 0.59 -4.89 -6.20
N SER A 78 1.09 -4.62 -7.41
CA SER A 78 1.76 -5.68 -8.16
C SER A 78 3.06 -6.12 -7.48
N ARG A 79 3.83 -5.17 -6.97
CA ARG A 79 5.15 -5.49 -6.41
C ARG A 79 5.01 -6.20 -5.07
N LEU A 80 4.14 -5.70 -4.20
CA LEU A 80 4.08 -6.22 -2.84
C LEU A 80 3.12 -7.40 -2.71
N ASN A 81 2.03 -7.43 -3.46
CA ASN A 81 1.14 -8.59 -3.47
C ASN A 81 1.53 -9.65 -4.49
N GLN A 82 2.62 -9.41 -5.22
CA GLN A 82 3.22 -10.40 -6.13
C GLN A 82 2.22 -10.87 -7.17
N THR A 83 1.54 -9.91 -7.81
CA THR A 83 0.55 -10.15 -8.83
C THR A 83 1.00 -9.51 -10.13
N GLU A 84 0.28 -9.84 -11.21
CA GLU A 84 0.65 -9.31 -12.52
C GLU A 84 0.37 -7.82 -12.61
N TYR A 85 1.24 -7.12 -13.33
CA TYR A 85 1.12 -5.70 -13.59
C TYR A 85 0.43 -5.53 -14.94
N MET A 86 -0.91 -5.38 -14.89
CA MET A 86 -1.69 -5.39 -16.13
C MET A 86 -1.24 -4.38 -17.17
N PRO A 87 -0.87 -3.14 -16.83
CA PRO A 87 -0.46 -2.20 -17.88
C PRO A 87 0.72 -2.68 -18.72
N ALA A 88 1.50 -3.64 -18.24
CA ALA A 88 2.62 -4.15 -19.02
C ALA A 88 2.29 -5.43 -19.76
N ALA A 89 1.08 -5.96 -19.61
CA ALA A 89 0.73 -7.19 -20.28
C ALA A 89 0.41 -6.94 -21.75
N SER A 90 0.12 -8.02 -22.48
CA SER A 90 -0.26 -7.91 -23.88
C SER A 90 -1.50 -7.04 -24.03
N PHE A 91 -1.52 -6.20 -25.07
CA PHE A 91 -2.63 -5.27 -25.25
C PHE A 91 -3.97 -5.98 -25.31
N TYR A 92 -4.03 -7.18 -25.90
CA TYR A 92 -5.26 -7.94 -25.91
C TYR A 92 -5.80 -8.17 -24.51
N ARG A 93 -4.91 -8.35 -23.53
CA ARG A 93 -5.35 -8.65 -22.18
C ARG A 93 -5.53 -7.41 -21.33
N SER A 94 -4.76 -6.36 -21.57
CA SER A 94 -4.84 -5.17 -20.75
C SER A 94 -5.82 -4.12 -21.25
N LYS A 95 -6.32 -4.24 -22.49
CA LYS A 95 -7.11 -3.14 -23.04
C LYS A 95 -8.38 -2.89 -22.22
N ASP A 96 -9.09 -3.95 -21.83
CA ASP A 96 -10.29 -3.78 -21.02
C ASP A 96 -9.94 -3.20 -19.65
N PHE A 97 -8.87 -3.71 -19.04
CA PHE A 97 -8.41 -3.17 -17.78
C PHE A 97 -8.11 -1.69 -17.88
N ILE A 98 -7.45 -1.29 -18.97
CA ILE A 98 -7.17 0.13 -19.21
C ILE A 98 -8.47 0.91 -19.33
N ASP A 99 -9.45 0.36 -20.05
CA ASP A 99 -10.72 1.06 -20.21
C ASP A 99 -11.51 1.17 -18.90
N THR A 100 -11.12 0.45 -17.84
CA THR A 100 -11.77 0.60 -16.55
C THR A 100 -10.94 1.38 -15.53
N THR A 101 -10.03 2.25 -15.97
CA THR A 101 -9.24 3.04 -15.03
C THR A 101 -9.60 4.51 -15.13
N PHE A 102 -9.42 5.22 -14.01
CA PHE A 102 -9.70 6.65 -13.99
C PHE A 102 -8.64 7.42 -14.78
N ALA A 103 -7.39 7.00 -14.66
CA ALA A 103 -6.30 7.68 -15.37
C ALA A 103 -6.50 7.66 -16.87
N TYR A 104 -7.11 6.60 -17.40
CA TYR A 104 -7.33 6.56 -18.84
C TYR A 104 -8.35 7.61 -19.28
N LYS A 105 -9.37 7.88 -18.43
CA LYS A 105 -10.31 8.96 -18.76
C LYS A 105 -9.61 10.32 -18.72
N ILE A 106 -8.73 10.52 -17.75
CA ILE A 106 -7.95 11.75 -17.73
C ILE A 106 -7.13 11.90 -19.00
N ILE A 107 -6.50 10.80 -19.43
CA ILE A 107 -5.64 10.84 -20.61
C ILE A 107 -6.45 11.04 -21.88
N GLN A 108 -7.65 10.47 -21.95
CA GLN A 108 -8.55 10.72 -23.07
C GLN A 108 -8.86 12.21 -23.19
N ASP A 109 -9.16 12.84 -22.06
CA ASP A 109 -9.54 14.26 -22.09
C ASP A 109 -8.35 15.17 -22.37
N MET A 110 -7.13 14.69 -22.19
CA MET A 110 -5.96 15.55 -22.30
C MET A 110 -5.67 15.85 -23.77
N PRO A 111 -5.52 17.12 -24.14
CA PRO A 111 -5.08 17.42 -25.51
C PRO A 111 -3.62 17.05 -25.72
N LYS A 112 -3.38 15.94 -26.41
CA LYS A 112 -2.04 15.37 -26.50
C LYS A 112 -1.18 16.01 -27.59
N GLY A 113 -1.69 16.98 -28.32
CA GLY A 113 -0.91 17.65 -29.33
C GLY A 113 -1.03 16.95 -30.67
N GLY A 114 0.09 16.45 -31.17
CA GLY A 114 0.16 15.87 -32.51
C GLY A 114 0.56 14.41 -32.49
N ALA A 115 -0.07 13.62 -33.37
CA ALA A 115 0.36 12.27 -33.66
C ALA A 115 1.27 12.34 -34.89
N LEU A 116 2.56 12.05 -34.69
CA LEU A 116 3.55 12.25 -35.73
C LEU A 116 3.89 10.99 -36.52
N HIS A 117 3.35 9.82 -36.14
CA HIS A 117 3.71 8.58 -36.82
C HIS A 117 2.46 7.74 -37.05
N LEU A 118 1.89 7.83 -38.26
CA LEU A 118 0.68 7.11 -38.62
C LEU A 118 0.77 6.59 -40.05
N HIS A 119 0.05 5.50 -40.31
CA HIS A 119 -0.08 4.95 -41.65
C HIS A 119 -1.54 5.05 -42.05
N ASP A 120 -1.82 5.70 -43.18
CA ASP A 120 -3.18 6.13 -43.47
C ASP A 120 -4.14 4.96 -43.55
N THR A 121 -3.73 3.84 -44.15
CA THR A 121 -4.63 2.70 -44.30
C THR A 121 -4.90 1.96 -43.00
N ALA A 122 -4.28 2.36 -41.88
CA ALA A 122 -4.56 1.70 -40.61
C ALA A 122 -4.75 2.70 -39.49
N SER A 123 -5.20 3.91 -39.83
CA SER A 123 -5.36 4.98 -38.86
C SER A 123 -6.80 5.25 -38.47
N ALA A 124 -7.76 4.49 -38.99
CA ALA A 124 -9.16 4.67 -38.68
C ALA A 124 -9.76 3.32 -38.32
N ARG A 125 -10.95 3.36 -37.72
CA ARG A 125 -11.53 2.14 -37.18
C ARG A 125 -11.96 1.21 -38.30
N ILE A 126 -11.72 -0.09 -38.08
CA ILE A 126 -12.28 -1.12 -38.94
C ILE A 126 -13.80 -1.06 -38.90
N ASP A 127 -14.35 -0.60 -37.78
CA ASP A 127 -15.80 -0.49 -37.64
C ASP A 127 -16.40 0.36 -38.75
N TRP A 128 -15.73 1.45 -39.12
CA TRP A 128 -16.22 2.29 -40.21
C TRP A 128 -16.13 1.57 -41.55
N ILE A 129 -15.07 0.79 -41.77
CA ILE A 129 -14.97 0.01 -43.01
C ILE A 129 -16.15 -0.96 -43.10
N VAL A 130 -16.52 -1.57 -41.96
CA VAL A 130 -17.59 -2.57 -41.97
C VAL A 130 -18.95 -1.91 -42.13
N SER A 131 -19.27 -0.93 -41.28
CA SER A 131 -20.60 -0.36 -41.23
C SER A 131 -20.87 0.69 -42.31
N ASN A 132 -19.83 1.27 -42.91
CA ASN A 132 -20.02 2.26 -43.97
C ASN A 132 -19.51 1.77 -45.32
N ALA A 133 -18.24 1.34 -45.41
CA ALA A 133 -17.63 1.08 -46.71
C ALA A 133 -18.22 -0.15 -47.38
N THR A 134 -18.42 -1.23 -46.63
CA THR A 134 -18.97 -2.46 -47.22
C THR A 134 -20.50 -2.42 -47.36
N TYR A 135 -21.13 -1.26 -47.19
CA TYR A 135 -22.54 -1.09 -47.54
C TYR A 135 -22.75 -0.37 -48.87
N ARG A 136 -21.68 0.05 -49.52
CA ARG A 136 -21.77 0.68 -50.84
C ARG A 136 -21.84 -0.38 -51.93
N ASP A 137 -22.30 0.03 -53.10
CA ASP A 137 -22.43 -0.94 -54.19
C ASP A 137 -21.07 -1.30 -54.76
N HIS A 138 -21.04 -2.46 -55.43
CA HIS A 138 -19.86 -3.00 -56.09
C HIS A 138 -18.76 -3.44 -55.12
N VAL A 139 -19.11 -3.77 -53.88
CA VAL A 139 -18.15 -4.28 -52.92
C VAL A 139 -18.31 -5.79 -52.85
N TYR A 140 -17.22 -6.50 -53.13
CA TYR A 140 -17.18 -7.96 -53.19
C TYR A 140 -16.27 -8.50 -52.10
N MET A 141 -16.63 -9.67 -51.59
CA MET A 141 -15.85 -10.33 -50.55
C MET A 141 -15.54 -11.75 -51.00
N CYS A 142 -14.46 -12.30 -50.45
CA CYS A 142 -14.13 -13.69 -50.70
C CYS A 142 -13.25 -14.21 -49.59
N MET A 143 -13.18 -15.54 -49.49
CA MET A 143 -12.31 -16.20 -48.53
C MET A 143 -11.09 -16.74 -49.27
N ASP A 144 -9.89 -16.30 -48.88
CA ASP A 144 -8.69 -16.73 -49.59
C ASP A 144 -8.21 -18.08 -49.05
N GLN A 145 -7.09 -18.56 -49.60
CA GLN A 145 -6.62 -19.90 -49.29
C GLN A 145 -6.26 -20.08 -47.81
N ASP A 146 -5.91 -19.01 -47.12
CA ASP A 146 -5.60 -19.08 -45.70
C ASP A 146 -6.80 -18.75 -44.83
N ASN A 147 -8.00 -18.74 -45.41
CA ASN A 147 -9.26 -18.51 -44.69
C ASN A 147 -9.32 -17.09 -44.11
N PHE A 148 -8.87 -16.11 -44.88
CA PHE A 148 -8.99 -14.70 -44.53
C PHE A 148 -9.89 -14.02 -45.54
N VAL A 149 -10.72 -13.11 -45.05
CA VAL A 149 -11.65 -12.42 -45.93
C VAL A 149 -10.91 -11.31 -46.66
N ARG A 150 -11.12 -11.24 -47.97
CA ARG A 150 -10.61 -10.16 -48.80
C ARG A 150 -11.81 -9.36 -49.30
N LEU A 151 -11.68 -8.04 -49.26
CA LEU A 151 -12.71 -7.11 -49.71
C LEU A 151 -12.14 -6.30 -50.86
N THR A 152 -12.95 -6.09 -51.89
CA THR A 152 -12.54 -5.30 -53.05
C THR A 152 -13.75 -4.61 -53.65
N VAL A 153 -13.48 -3.64 -54.52
CA VAL A 153 -14.52 -2.92 -55.23
C VAL A 153 -14.32 -3.17 -56.72
N SER A 154 -15.38 -3.57 -57.40
CA SER A 154 -15.34 -3.76 -58.85
C SER A 154 -16.65 -3.27 -59.44
N GLY A 155 -16.58 -2.26 -60.30
CA GLY A 155 -17.79 -1.63 -60.80
C GLY A 155 -18.34 -2.24 -62.08
N THR A 156 -17.49 -3.01 -62.77
CA THR A 156 -17.80 -3.58 -64.08
C THR A 156 -17.97 -5.10 -64.06
N GLY A 157 -18.63 -5.60 -63.01
CA GLY A 157 -18.86 -7.01 -62.84
C GLY A 157 -17.96 -7.61 -61.78
N PRO A 158 -18.14 -8.90 -61.50
CA PRO A 158 -17.36 -9.53 -60.43
C PRO A 158 -15.87 -9.47 -60.75
N PRO A 159 -15.02 -9.52 -59.73
CA PRO A 159 -13.59 -9.29 -59.96
C PRO A 159 -12.98 -10.33 -60.90
N ALA A 160 -12.00 -9.86 -61.68
CA ALA A 160 -11.36 -10.61 -62.74
C ALA A 160 -10.36 -11.64 -62.23
N ASN A 161 -10.19 -11.78 -60.91
CA ASN A 161 -9.33 -12.80 -60.35
C ASN A 161 -10.19 -14.04 -60.08
N SER A 162 -9.92 -15.11 -60.81
CA SER A 162 -10.65 -16.35 -60.63
C SER A 162 -10.00 -17.27 -59.60
N GLY A 163 -8.86 -16.89 -59.02
CA GLY A 163 -8.27 -17.67 -57.95
C GLY A 163 -9.08 -17.68 -56.68
N CYS A 164 -9.86 -16.63 -56.45
CA CYS A 164 -10.83 -16.56 -55.35
C CYS A 164 -12.23 -16.62 -55.92
N GLU A 165 -13.17 -17.12 -55.13
CA GLU A 165 -14.59 -17.14 -55.52
C GLU A 165 -15.29 -15.97 -54.85
N TRP A 166 -15.50 -14.90 -55.61
CA TRP A 166 -16.02 -13.63 -55.10
C TRP A 166 -17.54 -13.65 -54.99
N LYS A 167 -18.05 -13.18 -53.88
CA LYS A 167 -19.48 -12.99 -53.70
C LYS A 167 -19.75 -11.52 -53.42
N LEU A 168 -20.90 -11.02 -53.85
CA LEU A 168 -21.31 -9.66 -53.54
C LEU A 168 -21.67 -9.52 -52.07
N VAL A 169 -21.11 -8.49 -51.42
CA VAL A 169 -21.25 -8.35 -49.97
C VAL A 169 -22.70 -8.15 -49.57
N GLU A 170 -23.46 -7.40 -50.39
CA GLU A 170 -24.85 -7.11 -50.06
C GLU A 170 -25.68 -8.39 -49.96
N THR A 171 -25.49 -9.32 -50.90
CA THR A 171 -26.28 -10.54 -50.88
C THR A 171 -25.95 -11.43 -49.68
N GLU A 172 -24.66 -11.60 -49.38
CA GLU A 172 -24.29 -12.45 -48.24
C GLU A 172 -24.77 -11.84 -46.94
N ARG A 173 -24.65 -10.51 -46.81
CA ARG A 173 -25.17 -9.84 -45.63
C ARG A 173 -26.66 -10.07 -45.50
N ALA A 174 -27.39 -10.01 -46.63
CA ALA A 174 -28.82 -10.26 -46.60
C ALA A 174 -29.14 -11.68 -46.18
N ASN A 175 -28.35 -12.65 -46.64
CA ASN A 175 -28.62 -14.05 -46.33
C ASN A 175 -28.21 -14.44 -44.92
N SER A 176 -27.52 -13.55 -44.19
CA SER A 176 -27.13 -13.88 -42.83
C SER A 176 -28.34 -14.07 -41.92
N GLY A 177 -29.30 -13.16 -41.97
CA GLY A 177 -30.42 -13.19 -41.06
C GLY A 177 -30.19 -12.45 -39.75
N ASP A 178 -28.93 -12.15 -39.42
CA ASP A 178 -28.57 -11.32 -38.28
C ASP A 178 -27.46 -10.40 -38.78
N ILE A 179 -27.84 -9.18 -39.18
CA ILE A 179 -26.90 -8.24 -39.81
C ILE A 179 -25.79 -7.88 -38.85
N ALA A 180 -26.14 -7.65 -37.57
CA ALA A 180 -25.11 -7.33 -36.58
C ALA A 180 -24.11 -8.46 -36.46
N ALA A 181 -24.59 -9.70 -36.44
CA ALA A 181 -23.69 -10.85 -36.34
C ALA A 181 -22.76 -10.93 -37.54
N PHE A 182 -23.31 -10.71 -38.74
CA PHE A 182 -22.50 -10.74 -39.95
C PHE A 182 -21.42 -9.66 -39.91
N ASP A 183 -21.82 -8.44 -39.58
CA ASP A 183 -20.88 -7.32 -39.55
C ASP A 183 -19.82 -7.54 -38.47
N HIS A 184 -20.22 -8.09 -37.31
CA HIS A 184 -19.25 -8.36 -36.27
C HIS A 184 -18.24 -9.42 -36.69
N TRP A 185 -18.71 -10.46 -37.39
CA TRP A 185 -17.77 -11.45 -37.89
C TRP A 185 -16.82 -10.82 -38.90
N LEU A 186 -17.33 -9.96 -39.77
CA LEU A 186 -16.49 -9.27 -40.75
C LEU A 186 -15.39 -8.47 -40.06
N LYS A 187 -15.75 -7.69 -39.04
CA LYS A 187 -14.73 -6.96 -38.29
C LYS A 187 -13.76 -7.92 -37.61
N SER A 188 -14.29 -9.04 -37.09
CA SER A 188 -13.45 -10.02 -36.41
C SER A 188 -12.46 -10.68 -37.35
N ASN A 189 -12.84 -10.89 -38.61
CA ASN A 189 -11.92 -11.53 -39.54
C ASN A 189 -10.84 -10.58 -40.02
N ILE A 190 -10.96 -9.28 -39.70
CA ILE A 190 -10.01 -8.29 -40.15
C ILE A 190 -9.08 -7.78 -39.04
N SER A 191 -9.54 -7.74 -37.79
CA SER A 191 -8.76 -7.12 -36.72
C SER A 191 -7.61 -8.02 -36.27
N LEU A 192 -6.54 -7.39 -35.78
CA LEU A 192 -5.45 -8.13 -35.16
C LEU A 192 -5.68 -8.43 -33.70
N LEU A 193 -6.71 -7.85 -33.10
CA LEU A 193 -6.95 -8.03 -31.67
C LEU A 193 -8.15 -8.93 -31.37
N THR A 194 -8.65 -9.66 -32.36
CA THR A 194 -9.71 -10.64 -32.10
C THR A 194 -9.22 -11.76 -31.20
N THR A 195 -7.99 -12.19 -31.40
CA THR A 195 -7.31 -13.12 -30.51
C THR A 195 -6.07 -12.43 -29.96
N ASP A 196 -5.44 -13.04 -28.96
CA ASP A 196 -4.20 -12.49 -28.45
C ASP A 196 -3.07 -12.74 -29.43
N PRO A 197 -2.52 -11.70 -30.06
CA PRO A 197 -1.46 -11.94 -31.06
C PRO A 197 -0.25 -12.62 -30.46
N LEU A 198 0.09 -12.34 -29.20
CA LEU A 198 1.24 -12.99 -28.59
C LEU A 198 1.04 -14.48 -28.43
N VAL A 199 -0.20 -14.95 -28.42
CA VAL A 199 -0.52 -16.37 -28.33
C VAL A 199 -0.77 -16.97 -29.71
N THR A 200 -1.56 -16.28 -30.53
CA THR A 200 -2.01 -16.84 -31.80
C THR A 200 -0.90 -16.83 -32.86
N TYR A 201 -0.01 -15.84 -32.81
CA TYR A 201 1.08 -15.72 -33.78
C TYR A 201 2.39 -15.53 -33.04
N PRO A 202 2.86 -16.59 -32.36
CA PRO A 202 3.94 -16.46 -31.38
C PRO A 202 5.35 -16.45 -31.96
N SER A 203 5.54 -15.67 -33.02
CA SER A 203 6.88 -15.42 -33.56
C SER A 203 6.84 -14.17 -34.42
N LEU A 204 8.02 -13.65 -34.73
CA LEU A 204 8.11 -12.46 -35.55
C LEU A 204 7.52 -12.69 -36.93
N ASP A 205 7.86 -13.83 -37.55
CA ASP A 205 7.33 -14.15 -38.87
C ASP A 205 5.82 -14.31 -38.84
N LYS A 206 5.30 -14.94 -37.79
CA LYS A 206 3.87 -15.22 -37.75
C LYS A 206 3.06 -13.93 -37.62
N VAL A 207 3.47 -13.05 -36.70
CA VAL A 207 2.72 -11.80 -36.53
C VAL A 207 2.92 -10.88 -37.73
N TRP A 208 4.09 -10.88 -38.36
CA TRP A 208 4.21 -10.06 -39.56
C TRP A 208 3.40 -10.63 -40.72
N GLY A 209 3.26 -11.96 -40.78
CA GLY A 209 2.36 -12.55 -41.75
C GLY A 209 0.93 -12.08 -41.55
N ARG A 210 0.48 -12.05 -40.28
CA ARG A 210 -0.86 -11.55 -39.99
C ARG A 210 -1.01 -10.08 -40.35
N PHE A 211 0.02 -9.28 -40.04
CA PHE A 211 -0.04 -7.84 -40.31
C PHE A 211 -0.15 -7.56 -41.82
N ASP A 212 0.74 -8.19 -42.60
CA ASP A 212 0.68 -8.06 -44.05
C ASP A 212 -0.66 -8.56 -44.58
N LYS A 213 -1.16 -9.68 -44.05
CA LYS A 213 -2.45 -10.17 -44.48
C LYS A 213 -3.55 -9.16 -44.23
N HIS A 214 -3.50 -8.46 -43.09
CA HIS A 214 -4.47 -7.42 -42.80
C HIS A 214 -4.49 -6.35 -43.89
N PHE A 215 -3.30 -5.84 -44.24
CA PHE A 215 -3.26 -4.82 -45.27
C PHE A 215 -3.75 -5.36 -46.61
N SER A 216 -3.42 -6.61 -46.93
CA SER A 216 -3.89 -7.18 -48.19
C SER A 216 -5.38 -7.50 -48.16
N GLN A 217 -5.95 -7.73 -46.97
CA GLN A 217 -7.39 -7.92 -46.86
C GLN A 217 -8.12 -6.64 -47.25
N LEU A 218 -7.59 -5.49 -46.82
CA LEU A 218 -8.28 -4.23 -47.11
C LEU A 218 -7.81 -3.52 -48.38
N ARG A 219 -6.75 -4.01 -49.03
CA ARG A 219 -6.21 -3.30 -50.19
C ARG A 219 -7.29 -2.97 -51.21
N GLY A 220 -8.12 -3.96 -51.55
CA GLY A 220 -9.03 -3.80 -52.66
C GLY A 220 -10.13 -2.80 -52.41
N ILE A 221 -10.50 -2.58 -51.16
CA ILE A 221 -11.65 -1.71 -50.91
C ILE A 221 -11.18 -0.33 -50.47
N ILE A 222 -10.02 -0.24 -49.81
CA ILE A 222 -9.63 1.05 -49.25
C ILE A 222 -8.90 1.94 -50.24
N TYR A 223 -8.58 1.45 -51.43
CA TYR A 223 -7.99 2.31 -52.46
C TYR A 223 -9.02 2.81 -53.47
N HIS A 224 -10.30 2.49 -53.29
CA HIS A 224 -11.35 3.08 -54.13
C HIS A 224 -11.56 4.52 -53.70
N THR A 225 -11.43 5.44 -54.67
CA THR A 225 -11.34 6.87 -54.38
C THR A 225 -12.39 7.41 -53.42
N PRO A 226 -13.70 7.18 -53.61
CA PRO A 226 -14.67 7.71 -52.64
C PRO A 226 -14.49 7.17 -51.24
N ILE A 227 -14.23 5.86 -51.14
CA ILE A 227 -14.00 5.23 -49.84
C ILE A 227 -12.73 5.78 -49.22
N ARG A 228 -11.67 5.98 -50.01
CA ARG A 228 -10.40 6.49 -49.47
C ARG A 228 -10.56 7.91 -48.93
N ARG A 229 -11.25 8.77 -49.68
CA ARG A 229 -11.50 10.13 -49.20
C ARG A 229 -12.33 10.12 -47.91
N ASP A 230 -13.42 9.34 -47.88
CA ASP A 230 -14.21 9.30 -46.66
C ASP A 230 -13.43 8.68 -45.50
N TYR A 231 -12.56 7.71 -45.78
CA TYR A 231 -11.74 7.10 -44.74
C TYR A 231 -10.76 8.10 -44.14
N TYR A 232 -10.13 8.92 -44.99
CA TYR A 232 -9.23 9.97 -44.49
C TYR A 232 -9.97 10.98 -43.63
N ARG A 233 -11.18 11.37 -44.06
CA ARG A 233 -12.03 12.22 -43.23
C ARG A 233 -12.29 11.57 -41.87
N GLN A 234 -12.55 10.27 -41.87
CA GLN A 234 -12.77 9.56 -40.62
C GLN A 234 -11.53 9.60 -39.74
N ILE A 235 -10.35 9.55 -40.35
CA ILE A 235 -9.12 9.67 -39.57
C ILE A 235 -9.11 11.00 -38.81
N LEU A 236 -9.39 12.10 -39.53
CA LEU A 236 -9.39 13.39 -38.84
C LEU A 236 -10.45 13.46 -37.74
N GLU A 237 -11.64 12.92 -38.00
CA GLU A 237 -12.70 12.96 -37.00
C GLU A 237 -12.30 12.19 -35.73
N GLU A 238 -11.80 10.96 -35.90
CA GLU A 238 -11.46 10.16 -34.74
C GLU A 238 -10.30 10.76 -33.96
N PHE A 239 -9.27 11.27 -34.64
CA PHE A 239 -8.15 11.85 -33.91
C PHE A 239 -8.56 13.14 -33.21
N ARG A 240 -9.44 13.93 -33.82
CA ARG A 240 -9.95 15.11 -33.12
C ARG A 240 -10.76 14.72 -31.89
N SER A 241 -11.61 13.70 -32.00
CA SER A 241 -12.42 13.29 -30.86
C SER A 241 -11.57 12.69 -29.74
N ASP A 242 -10.40 12.12 -30.07
CA ASP A 242 -9.44 11.72 -29.04
C ASP A 242 -8.56 12.88 -28.58
N ASN A 243 -8.95 14.12 -28.88
CA ASN A 243 -8.24 15.32 -28.43
C ASN A 243 -6.82 15.37 -28.97
N VAL A 244 -6.65 15.00 -30.24
CA VAL A 244 -5.42 15.23 -30.97
C VAL A 244 -5.69 16.30 -32.01
N GLN A 245 -4.86 17.34 -32.04
CA GLN A 245 -5.09 18.48 -32.92
C GLN A 245 -4.25 18.48 -34.17
N TYR A 246 -3.24 17.61 -34.27
CA TYR A 246 -2.32 17.64 -35.39
C TYR A 246 -1.89 16.22 -35.74
N VAL A 247 -1.85 15.90 -37.03
CA VAL A 247 -1.40 14.58 -37.48
C VAL A 247 -0.47 14.74 -38.66
N GLU A 248 0.59 13.94 -38.66
CA GLU A 248 1.44 13.74 -39.84
C GLU A 248 1.29 12.29 -40.26
N VAL A 249 0.83 12.06 -41.48
CA VAL A 249 0.45 10.74 -41.98
C VAL A 249 1.39 10.31 -43.10
N ARG A 250 1.82 9.05 -43.06
CA ARG A 250 2.56 8.41 -44.13
C ARG A 250 1.59 7.71 -45.09
N SER A 251 1.80 7.91 -46.39
CA SER A 251 0.90 7.40 -47.41
C SER A 251 1.65 7.15 -48.72
N SER A 252 1.25 6.10 -49.44
CA SER A 252 1.77 5.84 -50.78
C SER A 252 1.19 6.80 -51.83
N LEU A 253 -0.01 7.32 -51.58
CA LEU A 253 -0.65 8.44 -52.26
C LEU A 253 -1.16 8.14 -53.66
N SER A 254 -0.71 7.05 -54.26
CA SER A 254 -1.06 6.75 -55.63
C SER A 254 -1.88 5.47 -55.67
N GLY A 255 -2.46 5.21 -56.84
CA GLY A 255 -3.25 4.02 -57.03
C GLY A 255 -4.73 4.14 -56.70
N PHE A 256 -5.21 5.33 -56.36
CA PHE A 256 -6.64 5.47 -56.09
C PHE A 256 -7.40 5.26 -57.40
N PHE A 257 -8.40 4.39 -57.35
CA PHE A 257 -9.09 3.99 -58.56
C PHE A 257 -10.58 4.34 -58.50
N GLU A 258 -11.17 4.42 -59.69
CA GLU A 258 -12.58 4.71 -59.91
C GLU A 258 -13.32 3.43 -60.32
N LEU A 259 -14.66 3.51 -60.33
CA LEU A 259 -15.46 2.35 -60.71
C LEU A 259 -15.18 1.93 -62.15
N ASP A 260 -14.77 2.86 -63.01
CA ASP A 260 -14.53 2.58 -64.42
C ASP A 260 -13.13 2.05 -64.70
N GLY A 261 -12.29 1.90 -63.68
CA GLY A 261 -10.95 1.37 -63.84
C GLY A 261 -9.86 2.41 -63.87
N THR A 262 -10.21 3.69 -63.94
CA THR A 262 -9.21 4.75 -63.91
C THR A 262 -8.42 4.69 -62.61
N VAL A 263 -7.10 4.80 -62.72
CA VAL A 263 -6.17 4.78 -61.59
C VAL A 263 -5.43 6.10 -61.59
N HIS A 264 -5.44 6.78 -60.44
CA HIS A 264 -4.87 8.12 -60.34
C HIS A 264 -3.42 8.06 -59.86
N ASP A 265 -2.73 9.19 -59.99
CA ASP A 265 -1.32 9.27 -59.62
C ASP A 265 -1.19 9.80 -58.18
N ALA A 266 0.06 10.08 -57.78
CA ALA A 266 0.31 10.51 -56.41
C ALA A 266 -0.19 11.93 -56.16
N GLU A 267 -0.09 12.80 -57.17
CA GLU A 267 -0.55 14.17 -56.99
C GLU A 267 -2.05 14.22 -56.76
N PHE A 268 -2.79 13.30 -57.39
CA PHE A 268 -4.23 13.22 -57.15
C PHE A 268 -4.54 12.90 -55.71
N GLY A 269 -3.87 11.88 -55.16
CA GLY A 269 -4.08 11.52 -53.77
C GLY A 269 -3.70 12.66 -52.84
N LEU A 270 -2.57 13.33 -53.13
CA LEU A 270 -2.15 14.45 -52.31
C LEU A 270 -3.22 15.53 -52.28
N ASN A 271 -3.79 15.87 -53.43
CA ASN A 271 -4.78 16.94 -53.44
C ASN A 271 -6.10 16.51 -52.82
N LEU A 272 -6.49 15.25 -53.00
CA LEU A 272 -7.67 14.73 -52.31
C LEU A 272 -7.53 14.93 -50.81
N TYR A 273 -6.40 14.48 -50.26
CA TYR A 273 -6.13 14.67 -48.84
C TYR A 273 -6.11 16.15 -48.48
N LYS A 274 -5.50 16.99 -49.33
CA LYS A 274 -5.38 18.40 -49.01
C LYS A 274 -6.73 19.08 -48.91
N SER A 275 -7.65 18.77 -49.83
CA SER A 275 -8.96 19.42 -49.78
C SER A 275 -9.78 18.93 -48.60
N VAL A 276 -9.71 17.61 -48.30
CA VAL A 276 -10.42 17.13 -47.11
C VAL A 276 -9.88 17.81 -45.86
N THR A 277 -8.55 17.96 -45.79
CA THR A 277 -7.92 18.58 -44.63
C THR A 277 -8.35 20.02 -44.47
N GLU A 278 -8.35 20.77 -45.56
CA GLU A 278 -8.72 22.17 -45.50
C GLU A 278 -10.19 22.34 -45.11
N GLU A 279 -11.07 21.48 -45.65
CA GLU A 279 -12.48 21.50 -45.25
C GLU A 279 -12.62 21.24 -43.74
N PHE A 280 -11.90 20.23 -43.25
CA PHE A 280 -11.95 19.92 -41.82
C PHE A 280 -11.48 21.09 -40.99
N GLN A 281 -10.40 21.76 -41.43
CA GLN A 281 -9.87 22.90 -40.70
C GLN A 281 -10.88 24.02 -40.65
N ARG A 282 -11.54 24.31 -41.77
CA ARG A 282 -12.55 25.37 -41.76
C ARG A 282 -13.70 25.01 -40.81
N GLU A 283 -14.07 23.73 -40.76
CA GLU A 283 -15.19 23.33 -39.92
C GLU A 283 -14.82 23.30 -38.43
N TYR A 284 -13.55 23.09 -38.09
CA TYR A 284 -13.11 22.97 -36.71
C TYR A 284 -11.91 23.87 -36.45
N PRO A 285 -12.14 25.14 -36.10
CA PRO A 285 -11.01 26.06 -35.86
C PRO A 285 -10.07 25.62 -34.75
N ASP A 286 -10.55 24.82 -33.79
CA ASP A 286 -9.68 24.30 -32.73
C ASP A 286 -8.61 23.36 -33.27
N PHE A 287 -8.88 22.71 -34.40
CA PHE A 287 -7.92 21.80 -35.01
C PHE A 287 -6.73 22.55 -35.58
N ILE A 288 -5.55 21.92 -35.52
CA ILE A 288 -4.34 22.54 -36.06
C ILE A 288 -4.16 22.22 -37.54
N GLY A 289 -4.16 20.95 -37.92
CA GLY A 289 -4.09 20.58 -39.32
C GLY A 289 -3.46 19.22 -39.49
N ALA A 290 -3.06 18.93 -40.72
CA ALA A 290 -2.49 17.63 -41.09
C ALA A 290 -1.48 17.83 -42.21
N LYS A 291 -0.45 16.98 -42.23
CA LYS A 291 0.56 16.98 -43.28
C LYS A 291 0.88 15.54 -43.68
N ILE A 292 1.46 15.37 -44.88
CA ILE A 292 1.59 14.07 -45.54
C ILE A 292 3.05 13.78 -45.86
N ILE A 293 3.46 12.54 -45.60
CA ILE A 293 4.78 12.02 -45.95
C ILE A 293 4.57 10.89 -46.95
N LEU A 294 5.31 10.92 -48.06
CA LEU A 294 5.22 9.85 -49.05
C LEU A 294 5.98 8.62 -48.58
N SER A 295 5.35 7.45 -48.70
CA SER A 295 5.93 6.19 -48.26
C SER A 295 6.01 5.19 -49.41
N GLY A 296 7.17 4.51 -49.51
CA GLY A 296 7.36 3.42 -50.43
C GLY A 296 7.73 2.15 -49.67
N LEU A 297 7.70 1.02 -50.37
CA LEU A 297 7.88 -0.28 -49.74
C LEU A 297 9.31 -0.78 -49.89
N ARG A 298 9.85 -1.31 -48.78
CA ARG A 298 11.23 -1.73 -48.60
C ARG A 298 11.63 -2.91 -49.44
N PHE A 299 10.75 -3.44 -50.28
CA PHE A 299 11.09 -4.60 -51.10
C PHE A 299 10.99 -4.31 -52.59
N LYS A 300 10.78 -3.05 -52.99
CA LYS A 300 10.74 -2.69 -54.40
C LYS A 300 12.15 -2.55 -54.97
N SER A 301 12.21 -2.52 -56.30
CA SER A 301 13.49 -2.35 -57.01
C SER A 301 14.05 -0.96 -56.77
N GLN A 302 15.37 -0.82 -56.97
CA GLN A 302 15.98 0.50 -56.85
C GLN A 302 15.41 1.47 -57.87
N GLU A 303 15.05 0.99 -59.06
CA GLU A 303 14.46 1.87 -60.08
C GLU A 303 13.13 2.45 -59.62
N GLU A 304 12.25 1.63 -59.07
CA GLU A 304 10.97 2.16 -58.62
C GLU A 304 11.15 3.13 -57.45
N ILE A 305 12.05 2.82 -56.52
CA ILE A 305 12.27 3.73 -55.39
C ILE A 305 12.86 5.05 -55.87
N LEU A 306 13.71 5.00 -56.90
CA LEU A 306 14.22 6.26 -57.47
C LEU A 306 13.10 7.07 -58.10
N ASN A 307 12.16 6.39 -58.81
CA ASN A 307 11.00 7.10 -59.36
C ASN A 307 10.21 7.77 -58.26
N GLU A 308 9.99 7.06 -57.16
CA GLU A 308 9.24 7.63 -56.06
C GLU A 308 9.96 8.81 -55.45
N VAL A 309 11.30 8.76 -55.42
CA VAL A 309 12.06 9.90 -54.93
C VAL A 309 11.85 11.12 -55.83
N LYS A 310 11.82 10.90 -57.15
CA LYS A 310 11.57 12.00 -58.07
C LYS A 310 10.18 12.58 -57.84
N ILE A 311 9.18 11.71 -57.64
CA ILE A 311 7.81 12.13 -57.39
C ILE A 311 7.74 12.95 -56.11
N ALA A 312 8.41 12.48 -55.05
CA ALA A 312 8.43 13.20 -53.78
C ALA A 312 9.08 14.56 -53.93
N MET A 313 10.15 14.63 -54.74
CA MET A 313 10.83 15.90 -54.99
C MET A 313 9.87 16.90 -55.63
N ASP A 314 9.16 16.45 -56.66
CA ASP A 314 8.21 17.33 -57.34
C ASP A 314 7.08 17.75 -56.40
N LEU A 315 6.59 16.81 -55.58
CA LEU A 315 5.48 17.14 -54.67
C LEU A 315 5.94 18.12 -53.59
N HIS A 316 7.17 17.97 -53.10
CA HIS A 316 7.70 18.91 -52.10
C HIS A 316 7.94 20.28 -52.71
N LYS A 317 8.33 20.34 -53.98
CA LYS A 317 8.47 21.63 -54.63
C LYS A 317 7.12 22.32 -54.80
N LYS A 318 6.10 21.56 -55.22
CA LYS A 318 4.81 22.14 -55.58
C LYS A 318 3.85 22.31 -54.42
N TYR A 319 3.96 21.50 -53.38
CA TYR A 319 3.09 21.63 -52.21
C TYR A 319 3.99 21.72 -50.98
N PRO A 320 4.75 22.81 -50.87
CA PRO A 320 5.78 22.89 -49.82
C PRO A 320 5.24 22.88 -48.40
N ASP A 321 3.95 23.17 -48.17
CA ASP A 321 3.41 23.25 -46.82
C ASP A 321 2.53 22.08 -46.43
N PHE A 322 2.16 21.23 -47.38
CA PHE A 322 1.33 20.07 -47.08
C PHE A 322 2.10 18.77 -47.20
N PHE A 323 3.07 18.72 -48.09
CA PHE A 323 3.89 17.54 -48.31
C PHE A 323 5.24 17.72 -47.64
N LEU A 324 5.63 16.73 -46.83
CA LEU A 324 6.78 16.82 -45.94
C LEU A 324 8.02 16.13 -46.47
N GLY A 325 7.89 14.97 -47.09
CA GLY A 325 9.08 14.24 -47.48
C GLY A 325 8.77 12.79 -47.79
N TYR A 326 9.76 11.93 -47.57
CA TYR A 326 9.70 10.55 -48.03
C TYR A 326 10.08 9.60 -46.90
N ASP A 327 9.56 8.37 -46.99
CA ASP A 327 9.87 7.32 -46.02
C ASP A 327 9.77 5.96 -46.70
N LEU A 328 10.46 4.97 -46.14
CA LEU A 328 10.41 3.58 -46.58
C LEU A 328 9.82 2.71 -45.48
N VAL A 329 8.83 1.90 -45.83
CA VAL A 329 8.04 1.15 -44.87
C VAL A 329 8.01 -0.33 -45.28
N GLY A 330 7.23 -1.12 -44.54
CA GLY A 330 7.29 -2.57 -44.64
C GLY A 330 8.26 -3.16 -43.62
N GLN A 331 8.18 -4.48 -43.45
CA GLN A 331 9.02 -5.15 -42.46
C GLN A 331 10.51 -4.99 -42.78
N GLU A 332 11.29 -4.66 -41.75
CA GLU A 332 12.67 -4.24 -41.95
C GLU A 332 13.67 -5.39 -41.93
N ASP A 333 13.44 -6.44 -41.13
CA ASP A 333 14.43 -7.50 -40.98
C ASP A 333 14.74 -8.24 -42.29
N PRO A 334 13.77 -8.76 -43.05
CA PRO A 334 14.10 -9.59 -44.21
C PRO A 334 14.18 -8.86 -45.53
N ASN A 335 13.91 -7.55 -45.57
CA ASN A 335 13.86 -6.81 -46.81
C ASN A 335 15.14 -5.96 -46.94
N PHE A 336 15.16 -5.06 -47.92
CA PHE A 336 16.38 -4.34 -48.27
C PHE A 336 16.72 -3.26 -47.24
N SER A 337 18.01 -2.98 -47.13
CA SER A 337 18.52 -1.93 -46.27
C SER A 337 18.42 -0.57 -46.97
N LEU A 338 18.69 0.49 -46.21
CA LEU A 338 18.76 1.81 -46.82
C LEU A 338 19.94 1.92 -47.78
N LEU A 339 21.06 1.27 -47.43
CA LEU A 339 22.23 1.29 -48.30
C LEU A 339 21.92 0.68 -49.67
N HIS A 340 21.04 -0.32 -49.72
CA HIS A 340 20.65 -0.92 -50.99
C HIS A 340 20.01 0.12 -51.91
N TYR A 341 19.37 1.15 -51.34
CA TYR A 341 18.72 2.21 -52.11
C TYR A 341 19.55 3.49 -52.12
N LEU A 342 20.85 3.41 -51.82
CA LEU A 342 21.62 4.64 -51.63
C LEU A 342 21.56 5.51 -52.88
N ASP A 343 21.71 4.92 -54.06
CA ASP A 343 21.70 5.70 -55.29
C ASP A 343 20.39 6.50 -55.42
N ALA A 344 19.26 5.90 -55.06
CA ALA A 344 18.02 6.65 -55.08
C ALA A 344 18.03 7.75 -54.04
N LEU A 345 18.39 7.39 -52.79
CA LEU A 345 18.27 8.34 -51.70
C LEU A 345 19.28 9.47 -51.78
N LEU A 346 20.36 9.26 -52.53
CA LEU A 346 21.34 10.32 -52.76
C LEU A 346 21.00 11.20 -53.93
N TYR A 347 20.04 10.80 -54.77
CA TYR A 347 19.71 11.54 -55.99
C TYR A 347 19.41 13.02 -55.73
N PRO A 348 18.57 13.40 -54.78
CA PRO A 348 18.32 14.83 -54.55
C PRO A 348 19.57 15.64 -54.23
N SER A 349 20.55 15.07 -53.52
CA SER A 349 21.71 15.86 -53.11
C SER A 349 22.75 16.00 -54.21
N ILE A 350 22.67 15.23 -55.29
CA ILE A 350 23.64 15.35 -56.37
C ILE A 350 23.12 16.27 -57.48
N GLN A 351 21.97 16.91 -57.26
CA GLN A 351 21.45 17.87 -58.21
C GLN A 351 22.27 19.15 -58.16
N ASN A 352 22.13 19.95 -59.22
CA ASN A 352 22.82 21.24 -59.33
C ASN A 352 21.76 22.32 -59.51
N PRO A 353 21.39 23.07 -58.47
CA PRO A 353 21.88 23.00 -57.09
C PRO A 353 21.31 21.81 -56.35
N PRO A 354 21.97 21.38 -55.28
CA PRO A 354 21.47 20.22 -54.52
C PRO A 354 20.08 20.49 -53.95
N TYR A 355 19.25 19.46 -53.94
CA TYR A 355 17.90 19.55 -53.43
C TYR A 355 17.79 18.80 -52.10
N ARG A 356 17.20 19.44 -51.11
CA ARG A 356 17.03 18.84 -49.79
C ARG A 356 15.65 18.21 -49.71
N LEU A 357 15.56 16.89 -49.93
CA LEU A 357 14.31 16.17 -49.81
C LEU A 357 14.22 15.62 -48.40
N PRO A 358 13.33 16.12 -47.55
CA PRO A 358 13.27 15.62 -46.18
C PRO A 358 12.91 14.15 -46.12
N TYR A 359 13.54 13.44 -45.20
CA TYR A 359 13.36 12.02 -45.01
C TYR A 359 12.83 11.75 -43.60
N PHE A 360 12.06 10.69 -43.46
CA PHE A 360 11.43 10.32 -42.20
C PHE A 360 11.56 8.81 -41.97
N PHE A 361 12.78 8.30 -42.14
CA PHE A 361 13.02 6.87 -42.26
C PHE A 361 12.58 6.07 -41.03
N HIS A 362 11.86 4.97 -41.27
CA HIS A 362 11.82 3.88 -40.30
C HIS A 362 13.22 3.30 -40.16
N ALA A 363 13.68 3.09 -38.93
CA ALA A 363 15.05 2.61 -38.81
C ALA A 363 15.23 1.76 -37.55
N ALA A 364 15.90 0.62 -37.73
CA ALA A 364 16.34 -0.25 -36.62
C ALA A 364 15.17 -0.76 -35.79
N GLU A 365 14.06 -1.10 -36.45
CA GLU A 365 12.93 -1.77 -35.82
C GLU A 365 13.28 -3.25 -35.68
N THR A 366 14.24 -3.52 -34.79
CA THR A 366 14.85 -4.84 -34.79
C THR A 366 15.45 -5.17 -33.43
N ASN A 367 15.53 -6.46 -33.14
CA ASN A 367 16.28 -6.96 -31.99
C ASN A 367 17.74 -7.25 -32.32
N TRP A 368 18.12 -7.13 -33.57
CA TRP A 368 19.46 -7.52 -34.00
C TRP A 368 20.47 -6.43 -33.66
N GLN A 369 21.75 -6.81 -33.67
CA GLN A 369 22.85 -5.93 -33.30
C GLN A 369 24.00 -6.12 -34.27
N GLU A 370 24.55 -5.01 -34.75
CA GLU A 370 25.66 -5.00 -35.73
C GLU A 370 25.30 -5.79 -37.00
N THR A 371 24.06 -5.68 -37.45
CA THR A 371 23.63 -6.26 -38.72
C THR A 371 23.21 -5.14 -39.66
N GLU A 372 22.78 -5.54 -40.85
CA GLU A 372 22.27 -4.58 -41.83
C GLU A 372 21.12 -3.76 -41.26
N VAL A 373 20.23 -4.40 -40.52
CA VAL A 373 18.98 -3.75 -40.14
C VAL A 373 19.24 -2.58 -39.19
N ASP A 374 20.02 -2.80 -38.14
CA ASP A 374 20.22 -1.69 -37.20
C ASP A 374 21.24 -0.68 -37.69
N TYR A 375 22.15 -1.08 -38.58
CA TYR A 375 23.05 -0.11 -39.20
C TYR A 375 22.32 0.83 -40.17
N ASN A 376 21.06 0.57 -40.49
CA ASN A 376 20.24 1.56 -41.17
C ASN A 376 20.31 2.90 -40.45
N LEU A 377 20.42 2.88 -39.12
CA LEU A 377 20.51 4.14 -38.38
C LEU A 377 21.65 5.00 -38.90
N ALA A 378 22.83 4.40 -39.11
CA ALA A 378 23.95 5.18 -39.64
C ALA A 378 23.52 5.91 -40.91
N ASP A 379 22.95 5.16 -41.86
CA ASP A 379 22.53 5.80 -43.11
C ASP A 379 21.45 6.83 -42.85
N ALA A 380 20.51 6.50 -41.96
CA ALA A 380 19.43 7.43 -41.66
C ALA A 380 19.98 8.75 -41.17
N LEU A 381 21.03 8.68 -40.34
CA LEU A 381 21.61 9.91 -39.83
C LEU A 381 22.43 10.63 -40.90
N LEU A 382 23.12 9.88 -41.75
CA LEU A 382 23.93 10.53 -42.76
C LEU A 382 23.11 11.12 -43.90
N LEU A 383 21.83 10.73 -44.00
CA LEU A 383 20.89 11.27 -44.98
C LEU A 383 20.08 12.42 -44.41
N ASN A 384 20.40 12.90 -43.21
CA ASN A 384 19.75 14.06 -42.60
C ASN A 384 18.26 13.83 -42.35
N THR A 385 17.92 12.67 -41.79
CA THR A 385 16.52 12.40 -41.51
C THR A 385 15.99 13.40 -40.47
N THR A 386 14.73 13.80 -40.62
CA THR A 386 14.11 14.70 -39.65
C THR A 386 13.76 13.97 -38.37
N ARG A 387 13.14 12.80 -38.48
CA ARG A 387 12.84 11.96 -37.32
C ARG A 387 13.16 10.52 -37.68
N VAL A 388 13.24 9.65 -36.67
CA VAL A 388 13.43 8.22 -36.87
C VAL A 388 12.23 7.49 -36.28
N GLY A 389 11.61 6.63 -37.09
CA GLY A 389 10.54 5.77 -36.61
C GLY A 389 11.08 4.56 -35.84
N HIS A 390 10.49 4.28 -34.68
CA HIS A 390 10.83 3.14 -33.83
C HIS A 390 12.21 3.29 -33.20
N GLY A 391 13.28 3.10 -33.97
CA GLY A 391 14.63 3.25 -33.44
C GLY A 391 14.93 2.34 -32.29
N PHE A 392 14.37 1.12 -32.30
CA PHE A 392 14.43 0.25 -31.14
C PHE A 392 15.86 -0.13 -30.77
N ALA A 393 16.75 -0.22 -31.76
CA ALA A 393 18.14 -0.62 -31.52
C ALA A 393 19.08 0.56 -31.31
N LEU A 394 18.55 1.79 -31.29
CA LEU A 394 19.42 2.96 -31.19
C LEU A 394 20.24 2.95 -29.91
N ILE A 395 19.65 2.52 -28.80
CA ILE A 395 20.37 2.53 -27.53
C ILE A 395 21.60 1.64 -27.60
N LYS A 396 21.59 0.61 -28.46
CA LYS A 396 22.73 -0.29 -28.61
C LYS A 396 23.89 0.34 -29.37
N HIS A 397 23.78 1.59 -29.79
CA HIS A 397 24.84 2.23 -30.55
C HIS A 397 25.15 3.58 -29.90
N PRO A 398 26.12 3.61 -28.98
CA PRO A 398 26.33 4.84 -28.20
C PRO A 398 26.66 6.05 -29.07
N ARG A 399 27.51 5.88 -30.09
CA ARG A 399 27.86 7.00 -30.95
C ARG A 399 26.66 7.48 -31.75
N PHE A 400 25.84 6.55 -32.24
CA PHE A 400 24.64 6.94 -32.98
C PHE A 400 23.70 7.74 -32.08
N THR A 401 23.54 7.31 -30.83
CA THR A 401 22.66 8.01 -29.89
C THR A 401 23.17 9.42 -29.63
N GLU A 402 24.48 9.57 -29.43
CA GLU A 402 25.05 10.90 -29.23
C GLU A 402 24.85 11.78 -30.45
N LEU A 403 25.12 11.23 -31.63
CA LEU A 403 25.04 12.02 -32.85
C LEU A 403 23.61 12.48 -33.11
N ALA A 404 22.66 11.56 -32.94
CA ALA A 404 21.25 11.88 -33.18
C ALA A 404 20.71 12.86 -32.16
N LYS A 405 21.14 12.72 -30.90
CA LYS A 405 20.73 13.68 -29.87
C LYS A 405 21.27 15.06 -30.18
N GLU A 406 22.53 15.14 -30.62
CA GLU A 406 23.11 16.43 -30.98
C GLU A 406 22.39 17.06 -32.17
N ASN A 407 22.05 16.25 -33.18
CA ASN A 407 21.38 16.75 -34.37
C ASN A 407 19.89 17.05 -34.16
N GLY A 408 19.36 16.80 -32.96
CA GLY A 408 17.95 17.04 -32.72
C GLY A 408 17.02 16.12 -33.47
N VAL A 409 17.43 14.87 -33.71
CA VAL A 409 16.63 13.91 -34.44
C VAL A 409 15.75 13.18 -33.43
N ALA A 410 14.46 13.49 -33.44
CA ALA A 410 13.55 12.86 -32.49
C ALA A 410 13.23 11.43 -32.93
N VAL A 411 12.92 10.61 -31.94
CA VAL A 411 12.54 9.22 -32.17
C VAL A 411 11.06 9.07 -31.91
N GLU A 412 10.35 8.54 -32.91
CA GLU A 412 8.94 8.24 -32.79
C GLU A 412 8.80 6.87 -32.12
N VAL A 413 8.14 6.85 -30.96
CA VAL A 413 7.98 5.64 -30.16
C VAL A 413 6.53 5.20 -30.24
N ASN A 414 6.32 3.94 -30.59
CA ASN A 414 4.99 3.34 -30.71
C ASN A 414 4.97 2.08 -29.86
N PRO A 415 4.69 2.22 -28.56
CA PRO A 415 4.87 1.08 -27.64
C PRO A 415 3.96 -0.10 -27.95
N ILE A 416 2.68 0.16 -28.19
CA ILE A 416 1.74 -0.93 -28.45
C ILE A 416 2.14 -1.67 -29.72
N SER A 417 2.53 -0.92 -30.75
CA SER A 417 3.00 -1.53 -31.98
C SER A 417 4.22 -2.41 -31.74
N ASN A 418 5.19 -1.91 -30.96
CA ASN A 418 6.40 -2.67 -30.71
C ASN A 418 6.10 -3.94 -29.92
N GLN A 419 5.10 -3.92 -29.06
CA GLN A 419 4.72 -5.15 -28.37
C GLN A 419 4.03 -6.12 -29.33
N ILE A 420 3.08 -5.63 -30.12
CA ILE A 420 2.28 -6.51 -30.96
C ILE A 420 3.14 -7.13 -32.07
N LEU A 421 4.04 -6.35 -32.68
CA LEU A 421 4.84 -6.83 -33.79
C LEU A 421 6.15 -7.49 -33.33
N GLY A 422 6.22 -7.95 -32.09
CA GLY A 422 7.24 -8.90 -31.67
C GLY A 422 8.59 -8.35 -31.28
N LEU A 423 8.72 -7.08 -30.92
CA LEU A 423 10.02 -6.56 -30.52
C LEU A 423 10.30 -6.70 -29.03
N VAL A 424 9.26 -6.74 -28.19
CA VAL A 424 9.43 -6.87 -26.75
C VAL A 424 8.10 -7.33 -26.18
N ARG A 425 8.16 -8.09 -25.09
CA ARG A 425 6.94 -8.63 -24.50
C ARG A 425 6.47 -7.78 -23.32
N ASP A 426 7.34 -7.62 -22.33
CA ASP A 426 7.08 -6.72 -21.21
C ASP A 426 7.44 -5.31 -21.62
N VAL A 427 6.44 -4.41 -21.62
CA VAL A 427 6.67 -3.05 -22.04
C VAL A 427 7.68 -2.35 -21.15
N ARG A 428 7.83 -2.80 -19.90
CA ARG A 428 8.84 -2.21 -19.03
C ARG A 428 10.26 -2.51 -19.49
N ASN A 429 10.46 -3.50 -20.36
CA ASN A 429 11.75 -3.82 -20.98
C ASN A 429 11.98 -3.10 -22.30
N HIS A 430 11.11 -2.17 -22.68
CA HIS A 430 11.25 -1.45 -23.93
C HIS A 430 12.61 -0.76 -24.01
N ALA A 431 13.26 -0.89 -25.17
CA ALA A 431 14.63 -0.45 -25.32
C ALA A 431 14.81 1.06 -25.14
N LEU A 432 13.75 1.85 -25.25
CA LEU A 432 13.90 3.31 -25.15
C LEU A 432 13.64 3.88 -23.76
N VAL A 433 13.23 3.08 -22.78
CA VAL A 433 13.05 3.60 -21.42
C VAL A 433 14.31 4.32 -20.93
N PRO A 434 15.52 3.79 -21.10
CA PRO A 434 16.71 4.55 -20.64
C PRO A 434 16.90 5.90 -21.34
N LEU A 435 16.60 5.97 -22.64
CA LEU A 435 16.76 7.23 -23.34
C LEU A 435 15.77 8.26 -22.82
N ILE A 436 14.55 7.83 -22.50
CA ILE A 436 13.60 8.71 -21.82
C ILE A 436 14.17 9.17 -20.48
N ALA A 437 14.79 8.24 -19.75
CA ALA A 437 15.34 8.60 -18.45
C ALA A 437 16.53 9.55 -18.58
N ASP A 438 17.08 9.73 -19.78
CA ASP A 438 18.14 10.72 -19.98
C ASP A 438 17.73 11.83 -20.95
N ASP A 439 16.45 12.20 -20.95
CA ASP A 439 15.98 13.40 -21.64
C ASP A 439 16.33 13.39 -23.14
N TYR A 440 16.09 12.25 -23.77
CA TYR A 440 16.25 12.17 -25.21
C TYR A 440 15.02 12.75 -25.91
N PRO A 441 15.19 13.46 -27.03
CA PRO A 441 14.02 13.99 -27.75
C PRO A 441 13.18 12.92 -28.41
N ILE A 442 11.99 12.64 -27.85
CA ILE A 442 11.13 11.58 -28.39
C ILE A 442 9.69 12.05 -28.42
N VAL A 443 8.92 11.38 -29.28
CA VAL A 443 7.46 11.58 -29.32
C VAL A 443 6.80 10.21 -29.25
N ILE A 444 5.54 10.23 -28.87
CA ILE A 444 4.74 9.01 -28.70
C ILE A 444 3.65 9.00 -29.75
N SER A 445 3.49 7.86 -30.41
CA SER A 445 2.41 7.76 -31.40
C SER A 445 1.87 6.36 -31.42
N SER A 446 0.80 6.19 -32.20
CA SER A 446 0.24 4.87 -32.52
C SER A 446 0.60 4.60 -33.95
N ASP A 447 1.13 3.42 -34.23
CA ASP A 447 1.55 3.14 -35.60
C ASP A 447 0.35 2.95 -36.52
N ASP A 448 -0.42 1.91 -36.21
CA ASP A 448 -1.56 1.48 -36.99
C ASP A 448 -2.71 1.22 -36.03
N PRO A 449 -3.22 2.29 -35.37
CA PRO A 449 -4.18 2.07 -34.28
C PRO A 449 -5.43 1.32 -34.74
N GLY A 450 -5.86 1.52 -35.99
CA GLY A 450 -7.04 0.82 -36.48
C GLY A 450 -6.86 -0.69 -36.64
N ALA A 451 -5.63 -1.13 -36.91
CA ALA A 451 -5.44 -2.55 -37.19
C ALA A 451 -5.61 -3.41 -35.93
N TRP A 452 -5.23 -2.87 -34.76
CA TRP A 452 -5.34 -3.62 -33.52
C TRP A 452 -6.21 -2.89 -32.49
N GLU A 453 -7.19 -2.11 -32.97
CA GLU A 453 -8.29 -1.61 -32.13
C GLU A 453 -7.82 -0.76 -30.95
N ALA A 454 -6.86 0.12 -31.17
CA ALA A 454 -6.50 1.09 -30.16
C ALA A 454 -7.14 2.44 -30.50
N SER A 455 -7.30 3.26 -29.46
CA SER A 455 -7.70 4.64 -29.66
C SER A 455 -6.62 5.36 -30.45
N PRO A 456 -6.96 6.49 -31.08
CA PRO A 456 -5.96 7.19 -31.89
C PRO A 456 -4.64 7.45 -31.18
N LEU A 457 -4.68 8.01 -29.97
CA LEU A 457 -3.45 8.25 -29.24
C LEU A 457 -3.53 7.97 -27.74
N SER A 458 -4.73 7.80 -27.16
CA SER A 458 -4.84 7.74 -25.70
C SER A 458 -4.23 6.46 -25.14
N HIS A 459 -4.42 5.32 -25.84
CA HIS A 459 -3.88 4.06 -25.35
C HIS A 459 -2.36 4.06 -25.30
N ASP A 460 -1.72 4.61 -26.34
CA ASP A 460 -0.27 4.65 -26.35
C ASP A 460 0.26 5.61 -25.30
N PHE A 461 -0.46 6.71 -25.04
CA PHE A 461 -0.10 7.59 -23.94
C PHE A 461 -0.27 6.89 -22.59
N TYR A 462 -1.33 6.10 -22.43
CA TYR A 462 -1.52 5.39 -21.16
C TYR A 462 -0.38 4.40 -20.91
N VAL A 463 -0.03 3.64 -21.95
CA VAL A 463 1.08 2.69 -21.83
C VAL A 463 2.40 3.42 -21.56
N ALA A 464 2.62 4.55 -22.23
CA ALA A 464 3.83 5.33 -21.96
C ALA A 464 3.89 5.78 -20.51
N LEU A 465 2.76 6.27 -19.99
CA LEU A 465 2.69 6.71 -18.59
C LEU A 465 2.96 5.56 -17.63
N MET A 466 2.36 4.40 -17.89
CA MET A 466 2.39 3.30 -16.93
C MET A 466 3.65 2.43 -17.01
N ASP A 467 4.35 2.43 -18.13
CA ASP A 467 5.43 1.48 -18.37
C ASP A 467 6.77 2.13 -18.72
N LEU A 468 6.78 3.25 -19.43
CA LEU A 468 8.01 3.80 -19.95
C LEU A 468 8.66 4.81 -19.01
N CYS A 469 8.05 5.06 -17.86
CA CYS A 469 8.63 5.94 -16.86
C CYS A 469 8.32 5.39 -15.48
N GLY A 470 9.01 5.95 -14.48
CA GLY A 470 9.01 5.39 -13.15
C GLY A 470 7.83 5.83 -12.29
N ARG A 471 7.85 5.34 -11.04
CA ARG A 471 6.76 5.48 -10.09
C ARG A 471 6.49 6.92 -9.67
N ASP A 472 7.43 7.84 -9.89
CA ASP A 472 7.32 9.21 -9.43
C ASP A 472 6.95 10.19 -10.54
N THR A 473 6.63 9.70 -11.73
CA THR A 473 6.43 10.52 -12.92
C THR A 473 5.04 10.29 -13.47
N ALA A 474 4.20 11.32 -13.47
CA ALA A 474 2.94 11.25 -14.21
C ALA A 474 2.75 12.38 -15.22
N LEU A 475 2.60 13.62 -14.78
CA LEU A 475 2.01 14.64 -15.64
C LEU A 475 3.05 15.47 -16.36
N THR A 476 4.19 15.72 -15.70
CA THR A 476 5.28 16.41 -16.36
C THR A 476 5.72 15.63 -17.60
N PHE A 477 5.71 14.31 -17.50
CA PHE A 477 6.09 13.46 -18.63
C PHE A 477 5.09 13.58 -19.78
N LEU A 478 3.78 13.47 -19.48
CA LEU A 478 2.78 13.57 -20.55
C LEU A 478 2.79 14.97 -21.19
N LYS A 479 2.89 16.02 -20.37
CA LYS A 479 2.93 17.36 -20.91
C LYS A 479 4.17 17.56 -21.77
N GLN A 480 5.31 16.99 -21.38
CA GLN A 480 6.50 17.13 -22.21
C GLN A 480 6.34 16.36 -23.52
N LEU A 481 5.68 15.20 -23.50
CA LEU A 481 5.38 14.49 -24.74
C LEU A 481 4.55 15.35 -25.68
N ALA A 482 3.51 16.00 -25.13
CA ALA A 482 2.67 16.87 -25.95
C ALA A 482 3.50 18.01 -26.55
N LEU A 483 4.33 18.65 -25.72
CA LEU A 483 5.15 19.76 -26.21
C LEU A 483 6.15 19.29 -27.27
N ASN A 484 6.71 18.09 -27.08
CA ASN A 484 7.66 17.54 -28.04
C ASN A 484 7.00 17.32 -29.39
N SER A 485 5.74 16.85 -29.40
CA SER A 485 5.08 16.61 -30.68
C SER A 485 4.90 17.90 -31.50
N ILE A 486 4.96 19.06 -30.86
CA ILE A 486 4.97 20.32 -31.61
C ILE A 486 6.40 20.74 -31.96
N ARG A 487 7.31 20.63 -31.00
CA ARG A 487 8.69 21.05 -31.24
C ARG A 487 9.34 20.22 -32.33
N TYR A 488 9.01 18.94 -32.40
CA TYR A 488 9.60 18.02 -33.35
C TYR A 488 8.66 17.70 -34.50
N SER A 489 7.60 18.47 -34.69
CA SER A 489 6.83 18.35 -35.90
C SER A 489 7.64 18.89 -37.09
N ALA A 490 7.16 18.59 -38.30
CA ALA A 490 7.78 19.12 -39.50
C ALA A 490 7.18 20.47 -39.92
N MET A 491 6.45 21.11 -39.02
CA MET A 491 5.89 22.42 -39.27
C MET A 491 6.98 23.50 -39.36
N SER A 492 6.67 24.57 -40.10
CA SER A 492 7.55 25.73 -40.08
C SER A 492 7.48 26.40 -38.70
N ASP A 493 8.43 27.32 -38.46
CA ASP A 493 8.50 27.98 -37.16
C ASP A 493 7.26 28.81 -36.88
N THR A 494 6.78 29.56 -37.88
CA THR A 494 5.55 30.32 -37.71
C THR A 494 4.39 29.39 -37.37
N GLU A 495 4.29 28.27 -38.10
CA GLU A 495 3.24 27.30 -37.87
C GLU A 495 3.35 26.72 -36.46
N LYS A 496 4.58 26.49 -35.98
CA LYS A 496 4.74 25.95 -34.63
C LYS A 496 4.28 26.94 -33.58
N VAL A 497 4.58 28.22 -33.77
CA VAL A 497 4.10 29.23 -32.82
C VAL A 497 2.59 29.22 -32.75
N ALA A 498 1.94 29.22 -33.92
CA ALA A 498 0.48 29.20 -33.93
C ALA A 498 -0.07 27.92 -33.29
N ALA A 499 0.55 26.79 -33.59
CA ALA A 499 0.09 25.51 -33.07
C ALA A 499 0.21 25.46 -31.54
N LYS A 500 1.31 25.96 -30.99
CA LYS A 500 1.45 25.97 -29.54
C LYS A 500 0.41 26.87 -28.90
N ALA A 501 0.08 28.00 -29.54
CA ALA A 501 -0.99 28.83 -28.97
C ALA A 501 -2.32 28.08 -28.94
N LYS A 502 -2.68 27.44 -30.05
CA LYS A 502 -3.94 26.70 -30.11
C LYS A 502 -3.97 25.56 -29.08
N TRP A 503 -2.87 24.82 -29.00
CA TRP A 503 -2.78 23.73 -28.03
C TRP A 503 -2.81 24.26 -26.60
N THR A 504 -2.18 25.40 -26.33
CA THR A 504 -2.21 25.97 -24.99
C THR A 504 -3.62 26.29 -24.57
N THR A 505 -4.40 26.87 -25.48
CA THR A 505 -5.82 27.09 -25.20
C THR A 505 -6.51 25.80 -24.80
N GLN A 506 -6.34 24.75 -25.62
CA GLN A 506 -7.00 23.49 -25.28
C GLN A 506 -6.53 22.92 -23.94
N TRP A 507 -5.23 23.01 -23.67
CA TRP A 507 -4.70 22.44 -22.44
C TRP A 507 -5.24 23.17 -21.22
N ASP A 508 -5.32 24.50 -21.29
CA ASP A 508 -5.89 25.27 -20.17
C ASP A 508 -7.35 24.91 -19.94
N LYS A 509 -8.11 24.79 -21.03
CA LYS A 509 -9.50 24.34 -20.90
C LYS A 509 -9.57 22.98 -20.21
N PHE A 510 -8.71 22.05 -20.63
CA PHE A 510 -8.77 20.69 -20.09
C PHE A 510 -8.43 20.68 -18.61
N VAL A 511 -7.39 21.41 -18.21
CA VAL A 511 -6.98 21.44 -16.81
C VAL A 511 -8.09 22.05 -15.95
N LYS A 512 -8.59 23.21 -16.35
CA LYS A 512 -9.61 23.89 -15.54
C LYS A 512 -10.86 23.03 -15.42
N THR A 513 -11.31 22.41 -16.52
CA THR A 513 -12.51 21.59 -16.48
C THR A 513 -12.32 20.36 -15.58
N SER A 514 -11.18 19.67 -15.73
CA SER A 514 -10.97 18.46 -14.94
C SER A 514 -10.85 18.77 -13.45
N VAL A 515 -10.12 19.84 -13.11
CA VAL A 515 -9.99 20.20 -11.70
C VAL A 515 -11.34 20.57 -11.11
N GLU A 516 -12.17 21.31 -11.86
CA GLU A 516 -13.49 21.62 -11.32
C GLU A 516 -14.34 20.38 -11.16
N GLY A 517 -14.14 19.37 -12.00
CA GLY A 517 -14.88 18.13 -11.81
C GLY A 517 -14.36 17.21 -10.72
N LEU A 518 -13.13 17.43 -10.24
CA LEU A 518 -12.54 16.53 -9.25
C LEU A 518 -12.48 17.11 -7.84
N LYS A 519 -12.31 18.47 -7.69
CA LYS A 519 -12.13 19.18 -6.43
C LYS A 519 -13.47 19.68 -5.88
N PRO A 520 -13.57 19.75 -4.55
CA PRO A 520 -14.77 20.32 -3.92
C PRO A 520 -14.98 21.79 -4.27
N HIS A 521 -16.22 22.23 -4.21
CA HIS A 521 -16.55 23.65 -4.40
C HIS A 521 -16.35 24.42 -3.10
N LEU B 28 37.02 10.98 -56.50
CA LEU B 28 36.13 10.49 -55.45
C LEU B 28 34.69 10.92 -55.80
N THR B 29 33.77 9.96 -55.81
CA THR B 29 32.35 10.18 -56.12
C THR B 29 31.64 10.77 -54.90
N SER B 30 30.53 11.48 -55.14
CA SER B 30 29.69 11.88 -54.02
C SER B 30 29.22 10.65 -53.25
N LYS B 31 28.94 9.55 -53.97
CA LYS B 31 28.63 8.28 -53.33
C LYS B 31 29.83 7.77 -52.54
N ALA B 32 31.05 7.95 -53.07
CA ALA B 32 32.24 7.51 -52.34
C ALA B 32 32.50 8.35 -51.10
N ALA B 33 32.27 9.66 -51.18
CA ALA B 33 32.39 10.48 -49.97
C ALA B 33 31.38 10.06 -48.92
N TYR B 34 30.15 9.77 -49.36
CA TYR B 34 29.16 9.24 -48.43
C TYR B 34 29.65 7.95 -47.79
N LEU B 35 30.20 7.04 -48.59
CA LEU B 35 30.67 5.75 -48.06
C LEU B 35 31.82 5.91 -47.07
N LEU B 36 32.74 6.85 -47.33
CA LEU B 36 33.80 7.12 -46.36
C LEU B 36 33.24 7.64 -45.04
N LYS B 37 32.26 8.57 -45.11
CA LYS B 37 31.65 9.09 -43.88
C LYS B 37 30.94 7.99 -43.11
N ARG B 38 30.23 7.10 -43.83
CA ARG B 38 29.56 5.98 -43.20
C ARG B 38 30.55 5.04 -42.55
N ASN B 39 31.67 4.76 -43.22
CA ASN B 39 32.69 3.89 -42.65
C ASN B 39 33.26 4.49 -41.37
N SER B 40 33.56 5.79 -41.38
CA SER B 40 34.08 6.44 -40.18
C SER B 40 33.08 6.38 -39.03
N LEU B 41 31.80 6.66 -39.32
CA LEU B 41 30.78 6.66 -38.29
C LEU B 41 30.58 5.27 -37.69
N ILE B 42 30.56 4.24 -38.53
CA ILE B 42 30.38 2.87 -38.03
C ILE B 42 31.61 2.43 -37.25
N GLU B 43 32.81 2.83 -37.69
CA GLU B 43 34.01 2.49 -36.93
C GLU B 43 34.04 3.20 -35.58
N GLU B 44 33.62 4.46 -35.54
CA GLU B 44 33.54 5.18 -34.28
C GLU B 44 32.56 4.52 -33.32
N ASP B 45 31.41 4.07 -33.83
CA ASP B 45 30.44 3.43 -32.94
C ASP B 45 30.93 2.08 -32.44
N ALA B 46 31.53 1.27 -33.32
CA ALA B 46 31.94 -0.08 -32.93
C ALA B 46 33.19 -0.09 -32.07
N SER B 47 33.98 0.99 -32.08
CA SER B 47 35.21 1.04 -31.29
C SER B 47 34.98 1.27 -29.81
N ARG B 48 33.74 1.43 -29.37
CA ARG B 48 33.46 1.72 -27.97
C ARG B 48 32.91 0.51 -27.23
N LYS B 49 32.84 -0.65 -27.88
CA LYS B 49 32.26 -1.79 -27.21
C LYS B 49 33.29 -2.44 -26.30
N LEU B 50 32.78 -3.34 -25.45
CA LEU B 50 33.62 -4.08 -24.53
C LEU B 50 34.60 -4.95 -25.33
N GLY B 51 35.90 -4.82 -24.99
CA GLY B 51 36.93 -5.59 -25.66
C GLY B 51 37.42 -5.05 -26.99
N ALA B 52 36.95 -3.86 -27.40
CA ALA B 52 37.37 -3.31 -28.70
C ALA B 52 38.87 -2.99 -28.74
N LYS B 53 39.53 -2.89 -27.59
CA LYS B 53 40.96 -2.64 -27.59
C LYS B 53 41.79 -3.92 -27.50
N ILE B 54 41.14 -5.09 -27.55
CA ILE B 54 41.86 -6.34 -27.52
C ILE B 54 42.54 -6.57 -28.87
N VAL B 55 43.84 -6.88 -28.83
CA VAL B 55 44.61 -7.25 -30.02
C VAL B 55 44.79 -8.76 -30.06
N LEU B 56 44.44 -9.37 -31.18
CA LEU B 56 44.52 -10.82 -31.35
C LEU B 56 45.72 -11.20 -32.21
N THR B 57 46.38 -12.30 -31.84
CA THR B 57 47.40 -12.93 -32.66
C THR B 57 46.77 -13.66 -33.86
N ASN B 58 47.63 -14.16 -34.75
CA ASN B 58 47.15 -14.87 -35.94
C ASN B 58 46.39 -16.15 -35.57
N GLU B 59 46.89 -16.90 -34.59
CA GLU B 59 46.18 -18.08 -34.15
C GLU B 59 44.86 -17.70 -33.48
N GLU B 60 44.89 -16.67 -32.64
CA GLU B 60 43.64 -16.17 -32.08
C GLU B 60 42.68 -15.77 -33.18
N LYS B 61 43.19 -15.18 -34.26
CA LYS B 61 42.31 -14.80 -35.36
C LYS B 61 41.73 -16.03 -36.05
N VAL B 62 42.48 -17.13 -36.12
CA VAL B 62 41.92 -18.39 -36.61
C VAL B 62 40.69 -18.77 -35.79
N LEU B 63 40.84 -18.73 -34.46
CA LEU B 63 39.72 -19.07 -33.58
C LEU B 63 38.56 -18.08 -33.72
N ASP B 64 38.87 -16.79 -33.85
CA ASP B 64 37.84 -15.77 -33.99
C ASP B 64 37.02 -15.97 -35.26
N ASP B 65 37.69 -16.29 -36.36
CA ASP B 65 36.97 -16.57 -37.61
C ASP B 65 36.12 -17.81 -37.47
N PHE B 66 36.64 -18.85 -36.82
CA PHE B 66 35.84 -20.05 -36.62
C PHE B 66 34.54 -19.72 -35.89
N ILE B 67 34.64 -18.96 -34.79
CA ILE B 67 33.46 -18.62 -34.01
C ILE B 67 32.51 -17.71 -34.79
N LEU B 68 33.06 -16.66 -35.42
CA LEU B 68 32.26 -15.70 -36.15
C LEU B 68 31.50 -16.35 -37.28
N ALA B 69 32.08 -17.38 -37.90
CA ALA B 69 31.42 -18.03 -39.03
C ALA B 69 30.11 -18.68 -38.59
N GLU B 70 30.13 -19.45 -37.49
CA GLU B 70 28.91 -20.10 -37.04
C GLU B 70 27.92 -19.08 -36.50
N LYS B 71 28.41 -18.06 -35.79
CA LYS B 71 27.49 -17.03 -35.29
C LYS B 71 26.78 -16.31 -36.44
N ARG B 72 27.52 -15.94 -37.48
CA ARG B 72 26.92 -15.28 -38.62
C ARG B 72 25.98 -16.22 -39.36
N LYS B 73 26.33 -17.50 -39.48
CA LYS B 73 25.41 -18.46 -40.11
C LYS B 73 24.07 -18.46 -39.39
N LEU B 74 24.10 -18.54 -38.04
CA LEU B 74 22.86 -18.57 -37.28
C LEU B 74 22.07 -17.27 -37.44
N ILE B 75 22.75 -16.13 -37.33
CA ILE B 75 22.06 -14.85 -37.40
C ILE B 75 21.42 -14.67 -38.78
N ASP B 76 22.19 -14.96 -39.84
CA ASP B 76 21.68 -14.73 -41.18
C ASP B 76 20.56 -15.72 -41.52
N ASP B 77 20.67 -16.97 -41.07
CA ASP B 77 19.58 -17.91 -41.29
C ASP B 77 18.31 -17.43 -40.60
N SER B 78 18.44 -16.99 -39.35
CA SER B 78 17.26 -16.53 -38.63
C SER B 78 16.66 -15.28 -39.28
N ARG B 79 17.50 -14.32 -39.67
CA ARG B 79 16.99 -13.04 -40.15
C ARG B 79 16.39 -13.17 -41.55
N LEU B 80 17.10 -13.84 -42.46
CA LEU B 80 16.70 -13.83 -43.86
C LEU B 80 15.73 -14.93 -44.21
N ASN B 81 15.86 -16.09 -43.59
CA ASN B 81 14.89 -17.16 -43.79
C ASN B 81 13.70 -17.05 -42.85
N GLN B 82 13.67 -16.03 -41.98
CA GLN B 82 12.55 -15.75 -41.11
C GLN B 82 12.19 -16.96 -40.26
N THR B 83 13.22 -17.50 -39.58
CA THR B 83 13.10 -18.62 -38.66
C THR B 83 13.58 -18.21 -37.28
N GLU B 84 13.29 -19.07 -36.30
CA GLU B 84 13.61 -18.75 -34.91
C GLU B 84 15.12 -18.76 -34.68
N TYR B 85 15.56 -17.83 -33.83
CA TYR B 85 16.97 -17.71 -33.43
C TYR B 85 17.13 -18.46 -32.09
N MET B 86 17.54 -19.73 -32.19
CA MET B 86 17.55 -20.62 -31.03
C MET B 86 18.36 -20.12 -29.84
N PRO B 87 19.55 -19.52 -29.99
CA PRO B 87 20.29 -19.05 -28.81
C PRO B 87 19.55 -18.02 -27.98
N ALA B 88 18.52 -17.39 -28.52
CA ALA B 88 17.75 -16.40 -27.78
C ALA B 88 16.48 -16.98 -27.18
N ALA B 89 16.20 -18.26 -27.42
CA ALA B 89 15.00 -18.89 -26.89
C ALA B 89 15.20 -19.29 -25.42
N SER B 90 14.14 -19.84 -24.83
CA SER B 90 14.21 -20.33 -23.46
C SER B 90 15.30 -21.38 -23.31
N PHE B 91 16.03 -21.32 -22.19
CA PHE B 91 17.14 -22.24 -22.00
C PHE B 91 16.69 -23.69 -22.06
N TYR B 92 15.47 -23.99 -21.60
CA TYR B 92 14.94 -25.35 -21.70
C TYR B 92 14.92 -25.84 -23.13
N ARG B 93 14.63 -24.95 -24.08
CA ARG B 93 14.51 -25.37 -25.47
C ARG B 93 15.83 -25.27 -26.22
N SER B 94 16.69 -24.33 -25.85
CA SER B 94 17.93 -24.12 -26.55
C SER B 94 19.12 -24.91 -26.00
N LYS B 95 19.00 -25.54 -24.82
CA LYS B 95 20.18 -26.14 -24.22
C LYS B 95 20.74 -27.25 -25.10
N ASP B 96 19.87 -28.12 -25.63
CA ASP B 96 20.32 -29.21 -26.48
C ASP B 96 20.89 -28.70 -27.81
N PHE B 97 20.23 -27.70 -28.40
CA PHE B 97 20.78 -27.08 -29.60
C PHE B 97 22.16 -26.50 -29.35
N ILE B 98 22.34 -25.81 -28.22
CA ILE B 98 23.65 -25.29 -27.86
C ILE B 98 24.66 -26.42 -27.75
N ASP B 99 24.26 -27.53 -27.13
CA ASP B 99 25.15 -28.67 -27.00
C ASP B 99 25.46 -29.35 -28.33
N THR B 100 24.73 -29.02 -29.41
CA THR B 100 25.08 -29.58 -30.72
C THR B 100 25.80 -28.58 -31.65
N THR B 101 26.49 -27.58 -31.11
CA THR B 101 27.19 -26.61 -31.94
C THR B 101 28.71 -26.69 -31.74
N PHE B 102 29.45 -26.34 -32.80
CA PHE B 102 30.91 -26.38 -32.71
C PHE B 102 31.45 -25.27 -31.81
N ALA B 103 30.85 -24.09 -31.90
CA ALA B 103 31.29 -22.96 -31.08
C ALA B 103 31.15 -23.25 -29.59
N TYR B 104 30.13 -24.03 -29.19
CA TYR B 104 30.00 -24.35 -27.77
C TYR B 104 31.13 -25.25 -27.28
N LYS B 105 31.62 -26.15 -28.13
CA LYS B 105 32.79 -26.94 -27.74
C LYS B 105 34.01 -26.05 -27.61
N ILE B 106 34.13 -25.07 -28.51
CA ILE B 106 35.20 -24.08 -28.38
C ILE B 106 35.10 -23.36 -27.04
N ILE B 107 33.89 -22.96 -26.66
CA ILE B 107 33.69 -22.21 -25.43
C ILE B 107 33.95 -23.10 -24.22
N GLN B 108 33.60 -24.38 -24.31
CA GLN B 108 33.92 -25.34 -23.25
C GLN B 108 35.42 -25.40 -23.01
N ASP B 109 36.21 -25.46 -24.09
CA ASP B 109 37.67 -25.56 -23.95
C ASP B 109 38.33 -24.27 -23.52
N MET B 110 37.65 -23.15 -23.65
CA MET B 110 38.27 -21.86 -23.39
C MET B 110 38.43 -21.64 -21.88
N PRO B 111 39.60 -21.28 -21.40
CA PRO B 111 39.71 -20.86 -19.99
C PRO B 111 39.03 -19.52 -19.75
N LYS B 112 37.87 -19.55 -19.11
CA LYS B 112 37.05 -18.35 -18.97
C LYS B 112 37.47 -17.49 -17.78
N GLY B 113 38.51 -17.89 -17.06
CA GLY B 113 39.00 -17.08 -15.94
C GLY B 113 38.26 -17.42 -14.67
N GLY B 114 37.56 -16.44 -14.11
CA GLY B 114 36.89 -16.59 -12.83
C GLY B 114 35.40 -16.42 -12.94
N ALA B 115 34.67 -17.25 -12.18
CA ALA B 115 33.24 -17.06 -11.98
C ALA B 115 33.08 -16.28 -10.69
N LEU B 116 32.59 -15.04 -10.80
CA LEU B 116 32.56 -14.13 -9.66
C LEU B 116 31.22 -14.08 -8.94
N HIS B 117 30.19 -14.76 -9.44
CA HIS B 117 28.86 -14.68 -8.85
C HIS B 117 28.25 -16.07 -8.75
N LEU B 118 28.36 -16.70 -7.59
CA LEU B 118 27.85 -18.04 -7.38
C LEU B 118 27.20 -18.16 -6.01
N HIS B 119 26.21 -19.05 -5.91
CA HIS B 119 25.59 -19.39 -4.64
C HIS B 119 25.89 -20.87 -4.38
N ASP B 120 26.49 -21.16 -3.22
CA ASP B 120 27.11 -22.45 -2.99
C ASP B 120 26.10 -23.60 -3.06
N THR B 121 24.90 -23.41 -2.54
CA THR B 121 23.92 -24.49 -2.54
C THR B 121 23.32 -24.78 -3.92
N ALA B 122 23.68 -24.02 -4.95
CA ALA B 122 23.17 -24.37 -6.28
C ALA B 122 24.26 -24.30 -7.34
N SER B 123 25.51 -24.53 -6.95
CA SER B 123 26.62 -24.42 -7.88
C SER B 123 27.15 -25.77 -8.36
N ALA B 124 26.53 -26.88 -7.94
CA ALA B 124 26.98 -28.21 -8.34
C ALA B 124 25.77 -29.02 -8.82
N ARG B 125 26.05 -30.15 -9.47
CA ARG B 125 25.00 -30.92 -10.11
C ARG B 125 24.02 -31.50 -9.09
N ILE B 126 22.73 -31.44 -9.44
CA ILE B 126 21.76 -32.24 -8.72
C ILE B 126 22.11 -33.72 -8.86
N ASP B 127 22.78 -34.06 -9.97
CA ASP B 127 23.16 -35.45 -10.24
C ASP B 127 24.01 -36.01 -9.11
N TRP B 128 24.95 -35.21 -8.59
CA TRP B 128 25.78 -35.65 -7.47
C TRP B 128 24.97 -35.80 -6.20
N ILE B 129 24.01 -34.89 -5.95
CA ILE B 129 23.16 -35.03 -4.77
C ILE B 129 22.38 -36.33 -4.84
N VAL B 130 21.92 -36.70 -6.02
CA VAL B 130 21.13 -37.93 -6.15
C VAL B 130 22.04 -39.16 -6.09
N SER B 131 23.11 -39.18 -6.89
CA SER B 131 23.90 -40.40 -7.03
C SER B 131 24.89 -40.62 -5.89
N ASN B 132 25.27 -39.57 -5.15
CA ASN B 132 26.17 -39.71 -4.02
C ASN B 132 25.46 -39.45 -2.71
N ALA B 133 24.83 -38.28 -2.53
CA ALA B 133 24.37 -37.89 -1.21
C ALA B 133 23.20 -38.73 -0.73
N THR B 134 22.22 -38.99 -1.59
CA THR B 134 21.06 -39.76 -1.15
C THR B 134 21.32 -41.27 -1.08
N TYR B 135 22.59 -41.71 -1.20
CA TYR B 135 22.97 -43.09 -0.94
C TYR B 135 23.62 -43.28 0.42
N ARG B 136 23.80 -42.21 1.19
CA ARG B 136 24.36 -42.28 2.54
C ARG B 136 23.28 -42.63 3.56
N ASP B 137 23.73 -43.09 4.73
CA ASP B 137 22.79 -43.51 5.77
C ASP B 137 22.10 -42.29 6.38
N HIS B 138 20.93 -42.55 6.97
CA HIS B 138 20.13 -41.57 7.69
C HIS B 138 19.57 -40.48 6.77
N VAL B 139 19.45 -40.73 5.47
CA VAL B 139 18.86 -39.78 4.54
C VAL B 139 17.42 -40.17 4.30
N TYR B 140 16.51 -39.24 4.58
CA TYR B 140 15.07 -39.44 4.52
C TYR B 140 14.48 -38.56 3.43
N MET B 141 13.40 -39.05 2.83
CA MET B 141 12.70 -38.29 1.81
C MET B 141 11.21 -38.26 2.14
N CYS B 142 10.54 -37.23 1.66
CA CYS B 142 9.09 -37.18 1.81
C CYS B 142 8.50 -36.27 0.74
N MET B 143 7.19 -36.41 0.54
CA MET B 143 6.46 -35.57 -0.38
C MET B 143 5.71 -34.54 0.46
N ASP B 144 5.99 -33.25 0.21
CA ASP B 144 5.47 -32.18 1.06
C ASP B 144 4.06 -31.77 0.62
N GLN B 145 3.51 -30.75 1.29
CA GLN B 145 2.13 -30.34 1.05
C GLN B 145 1.94 -29.84 -0.38
N ASP B 146 3.00 -29.36 -1.03
CA ASP B 146 2.90 -28.88 -2.40
C ASP B 146 3.28 -29.95 -3.43
N ASN B 147 3.40 -31.22 -3.00
CA ASN B 147 3.74 -32.35 -3.87
C ASN B 147 5.15 -32.24 -4.45
N PHE B 148 6.10 -31.81 -3.62
CA PHE B 148 7.51 -31.74 -3.97
C PHE B 148 8.30 -32.64 -3.04
N VAL B 149 9.38 -33.23 -3.55
CA VAL B 149 10.21 -34.09 -2.74
C VAL B 149 11.11 -33.24 -1.84
N ARG B 150 11.16 -33.59 -0.57
CA ARG B 150 12.06 -32.99 0.42
C ARG B 150 13.03 -34.05 0.91
N LEU B 151 14.29 -33.66 1.03
CA LEU B 151 15.35 -34.54 1.52
C LEU B 151 15.95 -33.97 2.80
N THR B 152 16.19 -34.85 3.77
CA THR B 152 16.76 -34.44 5.05
C THR B 152 17.62 -35.57 5.61
N VAL B 153 18.45 -35.22 6.59
CA VAL B 153 19.30 -36.17 7.29
C VAL B 153 18.92 -36.15 8.76
N SER B 154 18.66 -37.33 9.32
CA SER B 154 18.35 -37.45 10.74
C SER B 154 19.04 -38.68 11.29
N GLY B 155 19.91 -38.49 12.28
CA GLY B 155 20.71 -39.58 12.80
C GLY B 155 20.08 -40.35 13.96
N THR B 156 19.06 -39.77 14.60
CA THR B 156 18.48 -40.33 15.81
C THR B 156 17.07 -40.88 15.57
N GLY B 157 16.83 -41.49 14.42
CA GLY B 157 15.49 -41.91 14.07
C GLY B 157 14.87 -40.96 13.07
N PRO B 158 13.61 -41.22 12.70
CA PRO B 158 12.96 -40.41 11.66
C PRO B 158 12.88 -38.94 12.06
N PRO B 159 12.77 -38.04 11.08
CA PRO B 159 12.81 -36.61 11.39
C PRO B 159 11.69 -36.21 12.33
N ALA B 160 11.98 -35.20 13.16
CA ALA B 160 11.05 -34.78 14.21
C ALA B 160 9.85 -34.01 13.68
N ASN B 161 9.75 -33.79 12.37
CA ASN B 161 8.56 -33.20 11.77
C ASN B 161 7.67 -34.32 11.24
N SER B 162 6.55 -34.55 11.93
CA SER B 162 5.60 -35.58 11.48
C SER B 162 4.54 -35.01 10.54
N GLY B 163 4.60 -33.71 10.23
CA GLY B 163 3.70 -33.14 9.25
C GLY B 163 3.91 -33.72 7.87
N CYS B 164 5.11 -34.22 7.61
CA CYS B 164 5.43 -34.99 6.42
C CYS B 164 5.62 -36.43 6.85
N GLU B 165 5.35 -37.35 5.94
CA GLU B 165 5.55 -38.77 6.21
C GLU B 165 6.90 -39.15 5.65
N TRP B 166 7.89 -39.22 6.53
CA TRP B 166 9.27 -39.43 6.14
C TRP B 166 9.54 -40.93 5.94
N LYS B 167 10.22 -41.25 4.86
CA LYS B 167 10.61 -42.59 4.50
C LYS B 167 12.12 -42.61 4.38
N LEU B 168 12.73 -43.75 4.68
CA LEU B 168 14.16 -43.89 4.46
C LEU B 168 14.42 -43.98 2.95
N VAL B 169 15.37 -43.19 2.45
CA VAL B 169 15.59 -43.13 1.01
C VAL B 169 16.03 -44.50 0.49
N GLU B 170 16.82 -45.22 1.28
CA GLU B 170 17.28 -46.54 0.83
C GLU B 170 16.09 -47.48 0.64
N THR B 171 15.12 -47.43 1.55
CA THR B 171 13.98 -48.34 1.47
C THR B 171 13.14 -48.08 0.23
N GLU B 172 12.88 -46.81 -0.07
CA GLU B 172 12.12 -46.48 -1.27
C GLU B 172 12.90 -46.84 -2.54
N ARG B 173 14.21 -46.58 -2.54
CA ARG B 173 15.02 -46.92 -3.71
C ARG B 173 15.00 -48.42 -3.95
N ALA B 174 15.10 -49.21 -2.88
CA ALA B 174 15.04 -50.66 -3.02
C ALA B 174 13.68 -51.11 -3.50
N ASN B 175 12.61 -50.52 -2.97
CA ASN B 175 11.27 -50.95 -3.37
C ASN B 175 10.84 -50.42 -4.72
N SER B 176 11.61 -49.52 -5.33
CA SER B 176 11.24 -49.01 -6.64
C SER B 176 11.29 -50.12 -7.69
N GLY B 177 12.31 -50.97 -7.65
CA GLY B 177 12.48 -51.99 -8.64
C GLY B 177 13.32 -51.55 -9.83
N ASP B 178 13.48 -50.25 -10.02
CA ASP B 178 14.35 -49.69 -11.05
C ASP B 178 15.11 -48.51 -10.45
N ILE B 179 16.36 -48.76 -10.05
CA ILE B 179 17.15 -47.73 -9.39
C ILE B 179 17.35 -46.53 -10.30
N ALA B 180 17.65 -46.77 -11.58
CA ALA B 180 17.84 -45.66 -12.50
C ALA B 180 16.58 -44.81 -12.64
N ALA B 181 15.41 -45.47 -12.76
CA ALA B 181 14.16 -44.73 -12.85
C ALA B 181 13.90 -43.92 -11.60
N PHE B 182 14.17 -44.50 -10.43
CA PHE B 182 14.00 -43.81 -9.16
C PHE B 182 14.90 -42.58 -9.09
N ASP B 183 16.17 -42.75 -9.42
CA ASP B 183 17.11 -41.63 -9.36
C ASP B 183 16.74 -40.54 -10.35
N HIS B 184 16.30 -40.93 -11.55
CA HIS B 184 15.90 -39.94 -12.53
C HIS B 184 14.67 -39.17 -12.07
N TRP B 185 13.70 -39.86 -11.45
CA TRP B 185 12.54 -39.15 -10.94
C TRP B 185 12.94 -38.17 -9.84
N LEU B 186 13.87 -38.58 -8.98
CA LEU B 186 14.33 -37.69 -7.91
C LEU B 186 14.98 -36.42 -8.49
N LYS B 187 15.89 -36.61 -9.46
CA LYS B 187 16.52 -35.47 -10.11
C LYS B 187 15.48 -34.60 -10.80
N SER B 188 14.48 -35.22 -11.41
CA SER B 188 13.41 -34.49 -12.09
C SER B 188 12.54 -33.72 -11.11
N ASN B 189 12.30 -34.29 -9.93
CA ASN B 189 11.46 -33.62 -8.95
C ASN B 189 12.21 -32.49 -8.25
N ILE B 190 13.53 -32.39 -8.44
CA ILE B 190 14.30 -31.32 -7.84
C ILE B 190 14.68 -30.23 -8.85
N SER B 191 14.88 -30.57 -10.12
CA SER B 191 15.40 -29.62 -11.08
C SER B 191 14.35 -28.60 -11.52
N LEU B 192 14.82 -27.40 -11.88
CA LEU B 192 14.01 -26.37 -12.51
C LEU B 192 13.89 -26.52 -14.02
N LEU B 193 14.64 -27.45 -14.63
CA LEU B 193 14.63 -27.63 -16.07
C LEU B 193 13.93 -28.92 -16.49
N THR B 194 13.18 -29.55 -15.60
CA THR B 194 12.42 -30.73 -15.98
C THR B 194 11.36 -30.38 -17.02
N THR B 195 10.71 -29.22 -16.86
CA THR B 195 9.82 -28.63 -17.84
C THR B 195 10.34 -27.24 -18.21
N ASP B 196 9.73 -26.62 -19.22
CA ASP B 196 10.10 -25.25 -19.56
C ASP B 196 9.59 -24.28 -18.49
N PRO B 197 10.45 -23.62 -17.73
CA PRO B 197 9.94 -22.73 -16.67
C PRO B 197 9.07 -21.62 -17.21
N LEU B 198 9.40 -21.10 -18.40
CA LEU B 198 8.61 -20.02 -18.96
C LEU B 198 7.19 -20.45 -19.30
N VAL B 199 6.93 -21.75 -19.45
CA VAL B 199 5.59 -22.26 -19.71
C VAL B 199 4.93 -22.74 -18.43
N THR B 200 5.66 -23.51 -17.62
CA THR B 200 5.09 -24.12 -16.42
C THR B 200 4.88 -23.12 -15.28
N TYR B 201 5.74 -22.11 -15.16
CA TYR B 201 5.63 -21.11 -14.10
C TYR B 201 5.70 -19.71 -14.74
N PRO B 202 4.65 -19.34 -15.51
CA PRO B 202 4.72 -18.16 -16.39
C PRO B 202 4.42 -16.83 -15.72
N SER B 203 5.03 -16.59 -14.57
CA SER B 203 4.97 -15.28 -13.93
C SER B 203 6.13 -15.15 -12.95
N LEU B 204 6.42 -13.91 -12.56
CA LEU B 204 7.52 -13.68 -11.63
C LEU B 204 7.26 -14.40 -10.31
N ASP B 205 6.03 -14.29 -9.80
CA ASP B 205 5.68 -14.94 -8.54
C ASP B 205 5.79 -16.47 -8.66
N LYS B 206 5.30 -17.05 -9.76
CA LYS B 206 5.26 -18.50 -9.89
C LYS B 206 6.68 -19.08 -10.00
N VAL B 207 7.52 -18.47 -10.83
CA VAL B 207 8.88 -18.98 -10.96
C VAL B 207 9.68 -18.75 -9.68
N TRP B 208 9.44 -17.65 -8.97
CA TRP B 208 10.16 -17.50 -7.70
C TRP B 208 9.65 -18.50 -6.67
N GLY B 209 8.36 -18.86 -6.73
CA GLY B 209 7.87 -19.93 -5.89
C GLY B 209 8.58 -21.25 -6.15
N ARG B 210 8.76 -21.58 -7.43
CA ARG B 210 9.47 -22.81 -7.79
C ARG B 210 10.92 -22.76 -7.32
N PHE B 211 11.57 -21.61 -7.49
CA PHE B 211 12.97 -21.46 -7.10
C PHE B 211 13.17 -21.62 -5.58
N ASP B 212 12.35 -20.90 -4.80
CA ASP B 212 12.40 -21.05 -3.34
C ASP B 212 12.09 -22.48 -2.92
N LYS B 213 11.11 -23.12 -3.57
CA LYS B 213 10.79 -24.51 -3.25
C LYS B 213 11.99 -25.40 -3.49
N HIS B 214 12.75 -25.16 -4.56
CA HIS B 214 13.97 -25.92 -4.81
C HIS B 214 14.91 -25.84 -3.61
N PHE B 215 15.15 -24.62 -3.14
CA PHE B 215 16.08 -24.48 -2.03
C PHE B 215 15.56 -25.19 -0.77
N SER B 216 14.25 -25.13 -0.53
CA SER B 216 13.75 -25.84 0.66
C SER B 216 13.74 -27.35 0.45
N GLN B 217 13.69 -27.82 -0.81
CA GLN B 217 13.78 -29.25 -1.07
C GLN B 217 15.13 -29.78 -0.65
N LEU B 218 16.20 -29.02 -0.91
CA LEU B 218 17.54 -29.50 -0.58
C LEU B 218 18.09 -29.01 0.76
N ARG B 219 17.42 -28.09 1.45
CA ARG B 219 17.97 -27.51 2.67
C ARG B 219 18.40 -28.57 3.68
N GLY B 220 17.53 -29.56 3.92
CA GLY B 220 17.76 -30.49 5.01
C GLY B 220 18.93 -31.42 4.79
N ILE B 221 19.29 -31.68 3.53
CA ILE B 221 20.35 -32.66 3.27
C ILE B 221 21.66 -31.94 2.96
N ILE B 222 21.58 -30.73 2.40
CA ILE B 222 22.81 -30.09 1.97
C ILE B 222 23.49 -29.32 3.10
N TYR B 223 22.88 -29.22 4.26
CA TYR B 223 23.52 -28.60 5.40
C TYR B 223 24.15 -29.61 6.35
N HIS B 224 24.07 -30.90 6.03
CA HIS B 224 24.78 -31.91 6.81
C HIS B 224 26.26 -31.83 6.50
N THR B 225 27.08 -31.63 7.54
CA THR B 225 28.49 -31.25 7.37
C THR B 225 29.26 -32.12 6.40
N PRO B 226 29.24 -33.46 6.48
CA PRO B 226 30.00 -34.24 5.48
C PRO B 226 29.52 -34.03 4.05
N ILE B 227 28.19 -34.02 3.87
CA ILE B 227 27.63 -33.79 2.56
C ILE B 227 28.00 -32.40 2.07
N ARG B 228 27.94 -31.40 2.95
CA ARG B 228 28.26 -30.03 2.56
C ARG B 228 29.72 -29.90 2.12
N ARG B 229 30.63 -30.51 2.88
CA ARG B 229 32.03 -30.48 2.49
C ARG B 229 32.25 -31.14 1.14
N ASP B 230 31.71 -32.36 0.96
CA ASP B 230 31.88 -33.04 -0.31
C ASP B 230 31.22 -32.28 -1.46
N TYR B 231 30.09 -31.62 -1.19
CA TYR B 231 29.41 -30.81 -2.20
C TYR B 231 30.27 -29.63 -2.62
N TYR B 232 30.92 -28.97 -1.65
CA TYR B 232 31.81 -27.87 -1.99
C TYR B 232 32.98 -28.36 -2.86
N ARG B 233 33.53 -29.52 -2.51
CA ARG B 233 34.57 -30.12 -3.34
C ARG B 233 34.06 -30.36 -4.76
N GLN B 234 32.81 -30.82 -4.88
CA GLN B 234 32.21 -31.03 -6.19
C GLN B 234 32.12 -29.73 -6.96
N ILE B 235 31.82 -28.63 -6.28
CA ILE B 235 31.82 -27.32 -6.95
C ILE B 235 33.18 -27.07 -7.57
N LEU B 236 34.24 -27.24 -6.78
CA LEU B 236 35.58 -26.96 -7.26
C LEU B 236 35.93 -27.84 -8.46
N GLU B 237 35.58 -29.13 -8.37
CA GLU B 237 35.89 -30.05 -9.47
C GLU B 237 35.16 -29.68 -10.75
N GLU B 238 33.85 -29.44 -10.66
CA GLU B 238 33.07 -29.15 -11.85
C GLU B 238 33.52 -27.84 -12.49
N PHE B 239 33.84 -26.82 -11.69
CA PHE B 239 34.28 -25.57 -12.29
C PHE B 239 35.67 -25.72 -12.91
N ARG B 240 36.55 -26.52 -12.30
CA ARG B 240 37.84 -26.77 -12.92
C ARG B 240 37.71 -27.52 -14.23
N SER B 241 36.85 -28.55 -14.27
CA SER B 241 36.69 -29.32 -15.49
C SER B 241 36.04 -28.50 -16.60
N ASP B 242 35.25 -27.50 -16.25
CA ASP B 242 34.71 -26.55 -17.23
C ASP B 242 35.69 -25.41 -17.52
N ASN B 243 36.96 -25.59 -17.15
CA ASN B 243 38.05 -24.65 -17.47
C ASN B 243 37.86 -23.28 -16.84
N VAL B 244 37.36 -23.27 -15.61
CA VAL B 244 37.28 -22.08 -14.77
C VAL B 244 38.28 -22.26 -13.63
N GLN B 245 39.16 -21.27 -13.44
CA GLN B 245 40.25 -21.40 -12.47
C GLN B 245 40.02 -20.66 -11.16
N TYR B 246 39.00 -19.80 -11.06
CA TYR B 246 38.80 -18.99 -9.88
C TYR B 246 37.30 -18.79 -9.64
N VAL B 247 36.88 -18.95 -8.38
CA VAL B 247 35.48 -18.74 -8.04
C VAL B 247 35.41 -17.95 -6.74
N GLU B 248 34.50 -16.98 -6.70
CA GLU B 248 34.11 -16.30 -5.47
C GLU B 248 32.68 -16.70 -5.20
N VAL B 249 32.44 -17.34 -4.05
CA VAL B 249 31.18 -17.97 -3.73
C VAL B 249 30.49 -17.23 -2.59
N ARG B 250 29.19 -17.04 -2.73
CA ARG B 250 28.35 -16.54 -1.66
C ARG B 250 27.77 -17.70 -0.87
N SER B 251 27.82 -17.60 0.46
CA SER B 251 27.40 -18.67 1.35
C SER B 251 26.88 -18.07 2.67
N SER B 252 25.85 -18.70 3.24
CA SER B 252 25.41 -18.25 4.56
C SER B 252 26.37 -18.72 5.66
N LEU B 253 27.12 -19.80 5.40
CA LEU B 253 28.29 -20.27 6.15
C LEU B 253 28.02 -20.91 7.51
N SER B 254 26.82 -20.77 8.06
CA SER B 254 26.51 -21.29 9.38
C SER B 254 25.41 -22.32 9.25
N GLY B 255 25.17 -23.05 10.33
CA GLY B 255 24.10 -24.01 10.36
C GLY B 255 24.47 -25.40 9.91
N PHE B 256 25.74 -25.66 9.61
CA PHE B 256 26.13 -27.03 9.24
C PHE B 256 25.95 -27.91 10.47
N PHE B 257 25.27 -29.05 10.30
CA PHE B 257 24.90 -29.89 11.43
C PHE B 257 25.47 -31.30 11.29
N GLU B 258 25.56 -31.97 12.44
CA GLU B 258 26.08 -33.33 12.56
C GLU B 258 24.94 -34.32 12.80
N LEU B 259 25.28 -35.61 12.75
CA LEU B 259 24.27 -36.65 12.96
C LEU B 259 23.66 -36.57 14.35
N ASP B 260 24.42 -36.08 15.33
CA ASP B 260 23.97 -36.02 16.72
C ASP B 260 23.21 -34.74 17.06
N GLY B 261 23.01 -33.84 16.10
CA GLY B 261 22.25 -32.64 16.32
C GLY B 261 23.08 -31.39 16.55
N THR B 262 24.39 -31.53 16.71
CA THR B 262 25.26 -30.36 16.86
C THR B 262 25.17 -29.49 15.62
N VAL B 263 25.04 -28.18 15.83
CA VAL B 263 24.97 -27.20 14.74
C VAL B 263 26.14 -26.25 14.88
N HIS B 264 26.88 -26.06 13.79
CA HIS B 264 28.10 -25.27 13.81
C HIS B 264 27.82 -23.83 13.40
N ASP B 265 28.79 -22.95 13.69
CA ASP B 265 28.67 -21.52 13.42
C ASP B 265 29.32 -21.14 12.08
N ALA B 266 29.42 -19.84 11.84
CA ALA B 266 29.93 -19.35 10.55
C ALA B 266 31.43 -19.57 10.41
N GLU B 267 32.17 -19.47 11.51
CA GLU B 267 33.60 -19.69 11.43
C GLU B 267 33.91 -21.14 11.07
N PHE B 268 33.09 -22.07 11.57
CA PHE B 268 33.29 -23.48 11.24
C PHE B 268 33.13 -23.71 9.74
N GLY B 269 32.04 -23.20 9.16
CA GLY B 269 31.83 -23.36 7.73
C GLY B 269 32.94 -22.71 6.92
N LEU B 270 33.36 -21.51 7.34
CA LEU B 270 34.44 -20.83 6.64
C LEU B 270 35.68 -21.70 6.60
N ASN B 271 36.05 -22.29 7.75
CA ASN B 271 37.29 -23.08 7.80
C ASN B 271 37.16 -24.40 7.06
N LEU B 272 35.98 -25.02 7.11
CA LEU B 272 35.74 -26.20 6.30
C LEU B 272 36.02 -25.91 4.83
N TYR B 273 35.42 -24.83 4.32
CA TYR B 273 35.65 -24.44 2.94
C TYR B 273 37.12 -24.14 2.69
N LYS B 274 37.76 -23.45 3.63
CA LYS B 274 39.15 -23.03 3.42
C LYS B 274 40.08 -24.24 3.28
N SER B 275 39.90 -25.26 4.13
CA SER B 275 40.77 -26.41 4.03
C SER B 275 40.47 -27.23 2.78
N VAL B 276 39.19 -27.37 2.40
CA VAL B 276 38.89 -28.06 1.15
C VAL B 276 39.52 -27.33 -0.02
N THR B 277 39.49 -25.99 0.02
CA THR B 277 40.10 -25.19 -1.04
C THR B 277 41.61 -25.38 -1.10
N GLU B 278 42.27 -25.36 0.06
CA GLU B 278 43.72 -25.49 0.06
C GLU B 278 44.15 -26.87 -0.44
N GLU B 279 43.42 -27.91 -0.03
CA GLU B 279 43.68 -29.25 -0.54
C GLU B 279 43.52 -29.31 -2.05
N PHE B 280 42.43 -28.72 -2.55
CA PHE B 280 42.21 -28.70 -3.99
C PHE B 280 43.34 -27.97 -4.71
N GLN B 281 43.80 -26.85 -4.14
CA GLN B 281 44.89 -26.10 -4.76
C GLN B 281 46.18 -26.91 -4.82
N ARG B 282 46.53 -27.59 -3.72
CA ARG B 282 47.76 -28.40 -3.74
C ARG B 282 47.62 -29.52 -4.77
N GLU B 283 46.42 -30.07 -4.91
CA GLU B 283 46.22 -31.20 -5.81
C GLU B 283 46.22 -30.77 -7.29
N TYR B 284 45.82 -29.53 -7.58
CA TYR B 284 45.70 -29.02 -8.96
C TYR B 284 46.37 -27.66 -9.06
N PRO B 285 47.68 -27.63 -9.28
CA PRO B 285 48.39 -26.33 -9.38
C PRO B 285 47.88 -25.41 -10.48
N ASP B 286 47.21 -25.93 -11.51
CA ASP B 286 46.64 -25.04 -12.52
C ASP B 286 45.52 -24.17 -11.95
N PHE B 287 44.85 -24.65 -10.91
CA PHE B 287 43.76 -23.89 -10.31
C PHE B 287 44.30 -22.67 -9.56
N ILE B 288 43.51 -21.59 -9.59
CA ILE B 288 43.89 -20.35 -8.92
C ILE B 288 43.41 -20.31 -7.48
N GLY B 289 42.13 -20.55 -7.24
CA GLY B 289 41.63 -20.66 -5.89
C GLY B 289 40.16 -20.29 -5.80
N ALA B 290 39.73 -20.09 -4.57
CA ALA B 290 38.35 -19.78 -4.25
C ALA B 290 38.33 -18.88 -3.03
N LYS B 291 37.34 -17.99 -2.99
CA LYS B 291 37.13 -17.11 -1.84
C LYS B 291 35.63 -17.05 -1.54
N ILE B 292 35.31 -16.62 -0.32
CA ILE B 292 33.96 -16.76 0.22
C ILE B 292 33.43 -15.38 0.59
N ILE B 293 32.17 -15.14 0.23
CA ILE B 293 31.42 -13.95 0.61
C ILE B 293 30.26 -14.42 1.48
N LEU B 294 30.09 -13.80 2.64
CA LEU B 294 28.96 -14.14 3.51
C LEU B 294 27.67 -13.52 2.98
N SER B 295 26.61 -14.32 2.96
CA SER B 295 25.31 -13.91 2.47
C SER B 295 24.27 -13.99 3.58
N GLY B 296 23.43 -12.95 3.67
CA GLY B 296 22.28 -12.94 4.55
C GLY B 296 21.00 -12.75 3.74
N LEU B 297 19.87 -13.01 4.38
CA LEU B 297 18.58 -13.06 3.69
C LEU B 297 17.82 -11.74 3.82
N ARG B 298 17.28 -11.29 2.68
CA ARG B 298 16.62 -9.99 2.52
C ARG B 298 15.31 -9.87 3.29
N PHE B 299 14.89 -10.90 4.02
CA PHE B 299 13.62 -10.84 4.75
C PHE B 299 13.79 -11.08 6.25
N LYS B 300 15.02 -11.15 6.76
CA LYS B 300 15.23 -11.34 8.19
C LYS B 300 15.11 -10.00 8.93
N SER B 301 15.01 -10.09 10.24
CA SER B 301 14.92 -8.89 11.06
C SER B 301 16.22 -8.09 10.99
N GLN B 302 16.11 -6.79 11.31
CA GLN B 302 17.30 -5.94 11.36
C GLN B 302 18.28 -6.41 12.43
N GLU B 303 17.78 -6.96 13.55
CA GLU B 303 18.68 -7.46 14.59
C GLU B 303 19.56 -8.57 14.04
N GLU B 304 18.95 -9.52 13.33
CA GLU B 304 19.70 -10.63 12.75
C GLU B 304 20.71 -10.15 11.72
N ILE B 305 20.32 -9.21 10.87
CA ILE B 305 21.27 -8.74 9.86
C ILE B 305 22.42 -7.99 10.51
N LEU B 306 22.15 -7.25 11.59
CA LEU B 306 23.24 -6.58 12.31
C LEU B 306 24.17 -7.60 12.96
N ASN B 307 23.60 -8.69 13.51
CA ASN B 307 24.43 -9.77 14.03
C ASN B 307 25.35 -10.31 12.94
N GLU B 308 24.78 -10.55 11.75
CA GLU B 308 25.56 -11.09 10.66
C GLU B 308 26.62 -10.11 10.20
N VAL B 309 26.34 -8.81 10.25
CA VAL B 309 27.36 -7.83 9.88
C VAL B 309 28.51 -7.86 10.89
N LYS B 310 28.21 -7.98 12.18
CA LYS B 310 29.29 -8.10 13.16
C LYS B 310 30.09 -9.38 12.94
N ILE B 311 29.39 -10.48 12.64
CA ILE B 311 30.07 -11.74 12.34
C ILE B 311 30.99 -11.58 11.13
N ALA B 312 30.51 -10.88 10.10
CA ALA B 312 31.31 -10.65 8.91
C ALA B 312 32.52 -9.79 9.23
N MET B 313 32.37 -8.83 10.13
CA MET B 313 33.51 -8.03 10.55
C MET B 313 34.58 -8.92 11.20
N ASP B 314 34.15 -9.79 12.12
CA ASP B 314 35.09 -10.68 12.78
C ASP B 314 35.75 -11.62 11.78
N LEU B 315 34.97 -12.16 10.83
CA LEU B 315 35.51 -13.09 9.86
C LEU B 315 36.49 -12.40 8.91
N HIS B 316 36.20 -11.16 8.50
CA HIS B 316 37.12 -10.43 7.65
C HIS B 316 38.38 -10.03 8.39
N LYS B 317 38.25 -9.75 9.70
CA LYS B 317 39.43 -9.45 10.50
C LYS B 317 40.33 -10.66 10.62
N LYS B 318 39.74 -11.83 10.85
CA LYS B 318 40.55 -13.00 11.19
C LYS B 318 41.00 -13.79 9.97
N TYR B 319 40.31 -13.69 8.84
CA TYR B 319 40.68 -14.39 7.60
C TYR B 319 40.73 -13.39 6.45
N PRO B 320 41.65 -12.44 6.51
CA PRO B 320 41.62 -11.33 5.54
C PRO B 320 41.85 -11.74 4.11
N ASP B 321 42.39 -12.94 3.89
CA ASP B 321 42.74 -13.37 2.55
C ASP B 321 41.80 -14.41 1.96
N PHE B 322 40.89 -14.96 2.75
CA PHE B 322 39.92 -15.93 2.26
C PHE B 322 38.48 -15.43 2.30
N PHE B 323 38.15 -14.57 3.27
CA PHE B 323 36.81 -14.04 3.44
C PHE B 323 36.75 -12.63 2.86
N LEU B 324 35.78 -12.40 1.98
CA LEU B 324 35.73 -11.17 1.19
C LEU B 324 34.79 -10.12 1.77
N GLY B 325 33.62 -10.52 2.23
CA GLY B 325 32.69 -9.51 2.69
C GLY B 325 31.29 -10.07 2.82
N TYR B 326 30.31 -9.19 2.68
CA TYR B 326 28.94 -9.48 3.02
C TYR B 326 28.01 -9.09 1.88
N ASP B 327 26.87 -9.78 1.81
CA ASP B 327 25.88 -9.53 0.79
C ASP B 327 24.51 -9.91 1.35
N LEU B 328 23.47 -9.29 0.78
CA LEU B 328 22.09 -9.63 1.10
C LEU B 328 21.42 -10.19 -0.15
N VAL B 329 20.81 -11.38 -0.01
CA VAL B 329 20.29 -12.13 -1.16
C VAL B 329 18.84 -12.52 -0.88
N GLY B 330 18.26 -13.31 -1.76
CA GLY B 330 16.84 -13.57 -1.77
C GLY B 330 16.11 -12.64 -2.73
N GLN B 331 14.87 -12.98 -3.01
CA GLN B 331 14.10 -12.20 -3.98
C GLN B 331 13.98 -10.75 -3.53
N GLU B 332 14.19 -9.84 -4.47
CA GLU B 332 14.35 -8.42 -4.16
C GLU B 332 13.04 -7.63 -4.23
N ASP B 333 12.10 -8.00 -5.13
CA ASP B 333 10.88 -7.20 -5.29
C ASP B 333 10.00 -7.15 -4.04
N PRO B 334 9.58 -8.26 -3.43
CA PRO B 334 8.62 -8.16 -2.32
C PRO B 334 9.24 -8.09 -0.93
N ASN B 335 10.56 -8.12 -0.81
CA ASN B 335 11.23 -8.11 0.48
C ASN B 335 11.83 -6.74 0.77
N PHE B 336 12.64 -6.67 1.82
CA PHE B 336 13.13 -5.38 2.32
C PHE B 336 14.19 -4.77 1.42
N SER B 337 14.26 -3.45 1.45
CA SER B 337 15.27 -2.69 0.74
C SER B 337 16.55 -2.62 1.56
N LEU B 338 17.63 -2.15 0.92
CA LEU B 338 18.87 -1.92 1.64
C LEU B 338 18.72 -0.79 2.66
N LEU B 339 17.94 0.25 2.32
CA LEU B 339 17.74 1.34 3.24
C LEU B 339 17.10 0.86 4.54
N HIS B 340 16.23 -0.15 4.46
CA HIS B 340 15.63 -0.75 5.65
C HIS B 340 16.68 -1.31 6.61
N TYR B 341 17.81 -1.77 6.10
CA TYR B 341 18.87 -2.32 6.95
C TYR B 341 20.02 -1.33 7.12
N LEU B 342 19.78 -0.03 6.90
CA LEU B 342 20.88 0.93 6.87
C LEU B 342 21.69 0.92 8.16
N ASP B 343 21.00 0.88 9.30
CA ASP B 343 21.70 0.90 10.58
C ASP B 343 22.68 -0.26 10.69
N ALA B 344 22.29 -1.44 10.21
CA ALA B 344 23.22 -2.56 10.20
C ALA B 344 24.38 -2.28 9.26
N LEU B 345 24.07 -1.84 8.03
CA LEU B 345 25.12 -1.71 7.04
C LEU B 345 26.04 -0.54 7.34
N LEU B 346 25.56 0.45 8.09
CA LEU B 346 26.39 1.56 8.50
C LEU B 346 27.19 1.26 9.76
N TYR B 347 26.84 0.18 10.46
CA TYR B 347 27.54 -0.14 11.70
C TYR B 347 29.05 -0.21 11.56
N PRO B 348 29.63 -0.91 10.56
CA PRO B 348 31.10 -0.94 10.48
C PRO B 348 31.74 0.43 10.39
N SER B 349 31.11 1.36 9.67
CA SER B 349 31.70 2.66 9.40
C SER B 349 31.58 3.64 10.56
N ILE B 350 30.75 3.36 11.56
CA ILE B 350 30.58 4.29 12.68
C ILE B 350 31.50 3.92 13.82
N GLN B 351 32.38 2.94 13.61
CA GLN B 351 33.33 2.56 14.65
C GLN B 351 34.45 3.60 14.78
N ASN B 352 35.13 3.54 15.93
CA ASN B 352 36.29 4.38 16.23
C ASN B 352 37.49 3.50 16.51
N PRO B 353 38.39 3.30 15.53
CA PRO B 353 38.38 3.84 14.16
C PRO B 353 37.41 3.08 13.24
N PRO B 354 37.00 3.74 12.16
CA PRO B 354 36.02 3.12 11.25
C PRO B 354 36.55 1.83 10.63
N TYR B 355 35.63 0.87 10.42
CA TYR B 355 35.95 -0.40 9.78
C TYR B 355 35.28 -0.47 8.42
N ARG B 356 36.05 -0.84 7.40
CA ARG B 356 35.55 -0.97 6.03
C ARG B 356 35.23 -2.44 5.78
N LEU B 357 33.95 -2.80 5.90
CA LEU B 357 33.50 -4.15 5.58
C LEU B 357 33.07 -4.18 4.12
N PRO B 358 33.79 -4.87 3.24
CA PRO B 358 33.42 -4.87 1.82
C PRO B 358 32.05 -5.49 1.60
N TYR B 359 31.30 -4.91 0.67
CA TYR B 359 29.95 -5.34 0.35
C TYR B 359 29.89 -5.77 -1.11
N PHE B 360 28.99 -6.69 -1.40
CA PHE B 360 28.84 -7.26 -2.74
C PHE B 360 27.36 -7.35 -3.10
N PHE B 361 26.64 -6.24 -2.91
CA PHE B 361 25.19 -6.28 -2.93
C PHE B 361 24.63 -6.75 -4.27
N HIS B 362 23.63 -7.64 -4.19
CA HIS B 362 22.65 -7.78 -5.25
C HIS B 362 21.84 -6.48 -5.30
N ALA B 363 21.62 -5.94 -6.51
CA ALA B 363 20.88 -4.68 -6.57
C ALA B 363 20.12 -4.54 -7.89
N ALA B 364 18.85 -4.12 -7.78
CA ALA B 364 18.01 -3.76 -8.92
C ALA B 364 17.79 -4.92 -9.89
N GLU B 365 17.57 -6.12 -9.33
CA GLU B 365 17.16 -7.27 -10.12
C GLU B 365 15.66 -7.16 -10.41
N THR B 366 15.30 -6.15 -11.21
CA THR B 366 13.90 -5.77 -11.27
C THR B 366 13.56 -5.09 -12.58
N ASN B 367 12.29 -5.18 -12.96
CA ASN B 367 11.78 -4.40 -14.08
C ASN B 367 11.24 -3.05 -13.65
N TRP B 368 11.18 -2.79 -12.35
CA TRP B 368 10.54 -1.58 -11.86
C TRP B 368 11.48 -0.39 -11.99
N GLN B 369 10.89 0.80 -11.94
CA GLN B 369 11.61 2.05 -12.13
C GLN B 369 11.14 3.06 -11.10
N GLU B 370 12.10 3.73 -10.45
CA GLU B 370 11.85 4.71 -9.38
C GLU B 370 11.05 4.10 -8.22
N THR B 371 11.34 2.85 -7.89
CA THR B 371 10.75 2.22 -6.70
C THR B 371 11.86 1.88 -5.73
N GLU B 372 11.45 1.29 -4.60
CA GLU B 372 12.39 0.87 -3.57
C GLU B 372 13.48 -0.04 -4.15
N VAL B 373 13.09 -0.94 -5.07
CA VAL B 373 13.99 -2.00 -5.50
C VAL B 373 15.16 -1.46 -6.31
N ASP B 374 14.87 -0.64 -7.33
CA ASP B 374 15.99 -0.15 -8.14
C ASP B 374 16.74 0.99 -7.45
N TYR B 375 16.10 1.71 -6.53
CA TYR B 375 16.85 2.69 -5.74
C TYR B 375 17.79 2.04 -4.74
N ASN B 376 17.74 0.72 -4.55
CA ASN B 376 18.83 0.02 -3.88
C ASN B 376 20.18 0.38 -4.49
N LEU B 377 20.21 0.65 -5.81
CA LEU B 377 21.46 1.05 -6.44
C LEU B 377 22.07 2.25 -5.73
N ALA B 378 21.26 3.27 -5.44
CA ALA B 378 21.76 4.44 -4.72
C ALA B 378 22.47 4.03 -3.43
N ASP B 379 21.85 3.15 -2.65
CA ASP B 379 22.46 2.69 -1.43
C ASP B 379 23.74 1.91 -1.71
N ALA B 380 23.69 1.05 -2.73
CA ALA B 380 24.84 0.19 -3.02
C ALA B 380 26.09 1.00 -3.33
N LEU B 381 25.93 2.08 -4.10
CA LEU B 381 27.10 2.91 -4.40
C LEU B 381 27.52 3.72 -3.18
N LEU B 382 26.56 4.17 -2.37
CA LEU B 382 26.96 4.97 -1.22
C LEU B 382 27.55 4.12 -0.10
N LEU B 383 27.35 2.81 -0.13
CA LEU B 383 28.00 1.89 0.80
C LEU B 383 29.32 1.35 0.26
N ASN B 384 29.76 1.85 -0.89
CA ASN B 384 31.06 1.47 -1.46
C ASN B 384 31.11 -0.01 -1.84
N THR B 385 30.05 -0.50 -2.49
CA THR B 385 30.04 -1.88 -2.91
C THR B 385 31.18 -2.14 -3.88
N THR B 386 31.79 -3.32 -3.76
CA THR B 386 32.88 -3.69 -4.67
C THR B 386 32.33 -4.04 -6.05
N ARG B 387 31.29 -4.87 -6.10
CA ARG B 387 30.61 -5.20 -7.34
C ARG B 387 29.11 -5.11 -7.11
N VAL B 388 28.35 -5.08 -8.20
CA VAL B 388 26.90 -5.13 -8.15
C VAL B 388 26.44 -6.40 -8.86
N GLY B 389 25.63 -7.20 -8.17
CA GLY B 389 25.01 -8.36 -8.80
C GLY B 389 23.81 -7.93 -9.63
N HIS B 390 23.74 -8.44 -10.86
CA HIS B 390 22.62 -8.20 -11.78
C HIS B 390 22.56 -6.75 -12.28
N GLY B 391 22.12 -5.83 -11.43
CA GLY B 391 22.05 -4.43 -11.85
C GLY B 391 21.16 -4.21 -13.05
N PHE B 392 20.08 -4.99 -13.16
CA PHE B 392 19.27 -5.01 -14.38
C PHE B 392 18.63 -3.66 -14.67
N ALA B 393 18.31 -2.87 -13.65
CA ALA B 393 17.67 -1.58 -13.85
C ALA B 393 18.67 -0.43 -13.90
N LEU B 394 19.97 -0.73 -13.84
CA LEU B 394 21.00 0.31 -13.81
C LEU B 394 20.94 1.19 -15.04
N ILE B 395 20.67 0.61 -16.21
CA ILE B 395 20.63 1.39 -17.44
C ILE B 395 19.57 2.48 -17.36
N LYS B 396 18.53 2.27 -16.56
CA LYS B 396 17.45 3.24 -16.40
C LYS B 396 17.83 4.44 -15.52
N HIS B 397 19.08 4.51 -15.05
CA HIS B 397 19.49 5.60 -14.16
C HIS B 397 20.80 6.20 -14.64
N PRO B 398 20.75 7.27 -15.43
CA PRO B 398 21.99 7.79 -16.07
C PRO B 398 23.07 8.20 -15.06
N ARG B 399 22.68 8.94 -14.01
CA ARG B 399 23.63 9.38 -13.01
C ARG B 399 24.21 8.20 -12.25
N PHE B 400 23.38 7.22 -11.91
CA PHE B 400 23.89 6.03 -11.24
C PHE B 400 24.90 5.30 -12.13
N THR B 401 24.61 5.18 -13.43
CA THR B 401 25.53 4.49 -14.31
C THR B 401 26.87 5.21 -14.38
N GLU B 402 26.83 6.55 -14.49
CA GLU B 402 28.07 7.33 -14.51
C GLU B 402 28.85 7.17 -13.22
N LEU B 403 28.16 7.24 -12.09
CA LEU B 403 28.85 7.15 -10.81
C LEU B 403 29.50 5.79 -10.64
N ALA B 404 28.78 4.73 -11.02
CA ALA B 404 29.33 3.38 -10.87
C ALA B 404 30.52 3.16 -11.79
N LYS B 405 30.46 3.72 -13.02
CA LYS B 405 31.59 3.63 -13.95
C LYS B 405 32.79 4.41 -13.42
N GLU B 406 32.54 5.61 -12.88
CA GLU B 406 33.60 6.43 -12.29
C GLU B 406 34.26 5.71 -11.12
N ASN B 407 33.48 5.05 -10.26
CA ASN B 407 34.04 4.32 -9.12
C ASN B 407 34.62 2.95 -9.50
N GLY B 408 34.52 2.53 -10.76
CA GLY B 408 35.03 1.23 -11.14
C GLY B 408 34.25 0.06 -10.56
N VAL B 409 32.94 0.23 -10.39
CA VAL B 409 32.08 -0.80 -9.82
C VAL B 409 31.59 -1.70 -10.95
N ALA B 410 32.11 -2.92 -11.01
CA ALA B 410 31.70 -3.85 -12.05
C ALA B 410 30.33 -4.46 -11.75
N VAL B 411 29.65 -4.89 -12.81
CA VAL B 411 28.35 -5.54 -12.72
C VAL B 411 28.50 -7.01 -13.08
N GLU B 412 28.04 -7.88 -12.18
CA GLU B 412 28.00 -9.32 -12.44
C GLU B 412 26.74 -9.63 -13.22
N VAL B 413 26.89 -10.19 -14.41
CA VAL B 413 25.79 -10.50 -15.32
C VAL B 413 25.60 -12.00 -15.37
N ASN B 414 24.37 -12.44 -15.16
CA ASN B 414 24.00 -13.85 -15.20
C ASN B 414 22.82 -13.99 -16.16
N PRO B 415 23.09 -14.11 -17.47
CA PRO B 415 22.00 -14.01 -18.46
C PRO B 415 20.94 -15.08 -18.35
N ILE B 416 21.37 -16.34 -18.20
CA ILE B 416 20.41 -17.44 -18.11
C ILE B 416 19.54 -17.28 -16.86
N SER B 417 20.16 -16.84 -15.77
CA SER B 417 19.40 -16.59 -14.55
C SER B 417 18.33 -15.54 -14.78
N ASN B 418 18.70 -14.43 -15.42
CA ASN B 418 17.72 -13.37 -15.64
C ASN B 418 16.59 -13.83 -16.51
N GLN B 419 16.85 -14.74 -17.46
CA GLN B 419 15.76 -15.27 -18.27
C GLN B 419 14.85 -16.18 -17.44
N ILE B 420 15.44 -17.12 -16.71
CA ILE B 420 14.63 -18.11 -16.02
C ILE B 420 13.82 -17.46 -14.91
N LEU B 421 14.39 -16.50 -14.19
CA LEU B 421 13.71 -15.83 -13.08
C LEU B 421 12.92 -14.60 -13.51
N GLY B 422 12.53 -14.52 -14.78
CA GLY B 422 11.46 -13.62 -15.18
C GLY B 422 11.82 -12.17 -15.42
N LEU B 423 13.08 -11.85 -15.69
CA LEU B 423 13.42 -10.46 -15.98
C LEU B 423 13.29 -10.11 -17.46
N VAL B 424 13.46 -11.08 -18.35
CA VAL B 424 13.39 -10.84 -19.79
C VAL B 424 13.16 -12.19 -20.48
N ARG B 425 12.49 -12.15 -21.63
CA ARG B 425 12.20 -13.35 -22.39
C ARG B 425 13.24 -13.57 -23.49
N ASP B 426 13.38 -12.60 -24.40
CA ASP B 426 14.41 -12.61 -25.42
C ASP B 426 15.70 -12.06 -24.84
N VAL B 427 16.75 -12.89 -24.85
CA VAL B 427 18.03 -12.47 -24.28
C VAL B 427 18.63 -11.28 -25.02
N ARG B 428 18.26 -11.08 -26.30
CA ARG B 428 18.72 -9.89 -27.01
C ARG B 428 18.09 -8.61 -26.46
N ASN B 429 17.02 -8.72 -25.67
CA ASN B 429 16.39 -7.60 -24.98
C ASN B 429 16.99 -7.34 -23.61
N HIS B 430 18.07 -8.03 -23.26
CA HIS B 430 18.68 -7.85 -21.95
C HIS B 430 19.06 -6.40 -21.71
N ALA B 431 18.74 -5.90 -20.51
CA ALA B 431 18.93 -4.49 -20.19
C ALA B 431 20.39 -4.07 -20.22
N LEU B 432 21.33 -5.01 -20.11
CA LEU B 432 22.74 -4.67 -20.02
C LEU B 432 23.46 -4.68 -21.37
N VAL B 433 22.78 -5.11 -22.45
CA VAL B 433 23.39 -5.06 -23.78
C VAL B 433 23.93 -3.67 -24.13
N PRO B 434 23.20 -2.57 -23.91
CA PRO B 434 23.77 -1.24 -24.25
C PRO B 434 25.02 -0.91 -23.45
N LEU B 435 25.06 -1.34 -22.20
CA LEU B 435 26.23 -1.08 -21.37
C LEU B 435 27.44 -1.87 -21.88
N ILE B 436 27.23 -3.10 -22.36
CA ILE B 436 28.32 -3.81 -23.03
C ILE B 436 28.78 -3.05 -24.26
N ALA B 437 27.84 -2.55 -25.06
CA ALA B 437 28.24 -1.82 -26.25
C ALA B 437 28.92 -0.48 -25.94
N ASP B 438 28.86 -0.01 -24.70
CA ASP B 438 29.60 1.21 -24.34
C ASP B 438 30.68 0.95 -23.29
N ASP B 439 31.31 -0.24 -23.32
CA ASP B 439 32.51 -0.53 -22.53
C ASP B 439 32.31 -0.32 -21.02
N TYR B 440 31.18 -0.74 -20.52
CA TYR B 440 31.00 -0.69 -19.08
C TYR B 440 31.71 -1.87 -18.43
N PRO B 441 32.32 -1.68 -17.26
CA PRO B 441 32.99 -2.82 -16.58
C PRO B 441 32.01 -3.88 -16.09
N ILE B 442 32.00 -5.05 -16.76
CA ILE B 442 31.07 -6.13 -16.44
C ILE B 442 31.83 -7.46 -16.42
N VAL B 443 31.25 -8.43 -15.72
CA VAL B 443 31.73 -9.83 -15.74
C VAL B 443 30.51 -10.71 -16.00
N ILE B 444 30.78 -11.93 -16.47
CA ILE B 444 29.73 -12.90 -16.77
C ILE B 444 29.82 -14.07 -15.80
N SER B 445 28.69 -14.47 -15.24
CA SER B 445 28.66 -15.62 -14.35
C SER B 445 27.33 -16.35 -14.49
N SER B 446 27.25 -17.52 -13.84
CA SER B 446 26.02 -18.29 -13.69
C SER B 446 25.60 -18.18 -12.23
N ASP B 447 24.36 -17.79 -11.99
CA ASP B 447 23.99 -17.59 -10.58
C ASP B 447 23.87 -18.93 -9.85
N ASP B 448 22.98 -19.79 -10.32
CA ASP B 448 22.71 -21.09 -9.70
C ASP B 448 22.67 -22.16 -10.79
N PRO B 449 23.81 -22.45 -11.43
CA PRO B 449 23.79 -23.37 -12.58
C PRO B 449 23.23 -24.74 -12.27
N GLY B 450 23.43 -25.22 -11.03
CA GLY B 450 22.93 -26.53 -10.67
C GLY B 450 21.42 -26.63 -10.60
N ALA B 451 20.76 -25.53 -10.26
CA ALA B 451 19.31 -25.59 -10.11
C ALA B 451 18.61 -25.76 -11.46
N TRP B 452 19.18 -25.21 -12.54
CA TRP B 452 18.57 -25.30 -13.86
C TRP B 452 19.51 -25.95 -14.87
N GLU B 453 20.44 -26.79 -14.39
CA GLU B 453 21.20 -27.72 -15.24
C GLU B 453 22.00 -27.04 -16.33
N ALA B 454 22.66 -25.94 -16.01
CA ALA B 454 23.61 -25.33 -16.93
C ALA B 454 25.03 -25.73 -16.55
N SER B 455 25.93 -25.68 -17.54
CA SER B 455 27.34 -25.90 -17.24
C SER B 455 27.83 -24.77 -16.33
N PRO B 456 28.92 -25.00 -15.60
CA PRO B 456 29.35 -23.98 -14.62
C PRO B 456 29.47 -22.59 -15.20
N LEU B 457 30.13 -22.43 -16.34
CA LEU B 457 30.24 -21.12 -16.95
C LEU B 457 30.10 -21.15 -18.46
N SER B 458 30.19 -22.31 -19.11
CA SER B 458 30.25 -22.36 -20.57
C SER B 458 28.93 -21.91 -21.20
N HIS B 459 27.80 -22.34 -20.64
CA HIS B 459 26.49 -22.00 -21.19
C HIS B 459 26.24 -20.49 -21.14
N ASP B 460 26.61 -19.84 -20.03
CA ASP B 460 26.42 -18.41 -19.92
C ASP B 460 27.35 -17.64 -20.85
N PHE B 461 28.57 -18.13 -21.05
CA PHE B 461 29.46 -17.53 -22.03
C PHE B 461 28.90 -17.69 -23.45
N TYR B 462 28.35 -18.86 -23.77
CA TYR B 462 27.77 -19.04 -25.11
C TYR B 462 26.60 -18.10 -25.33
N VAL B 463 25.72 -17.98 -24.33
CA VAL B 463 24.60 -17.07 -24.43
C VAL B 463 25.07 -15.63 -24.54
N ALA B 464 26.09 -15.24 -23.77
CA ALA B 464 26.64 -13.90 -23.89
C ALA B 464 27.17 -13.62 -25.29
N LEU B 465 27.93 -14.59 -25.83
CA LEU B 465 28.48 -14.47 -27.17
C LEU B 465 27.37 -14.37 -28.22
N MET B 466 26.30 -15.16 -28.09
CA MET B 466 25.27 -15.23 -29.12
C MET B 466 24.25 -14.10 -29.03
N ASP B 467 24.05 -13.50 -27.85
CA ASP B 467 22.94 -12.56 -27.64
C ASP B 467 23.34 -11.18 -27.16
N LEU B 468 24.39 -11.06 -26.36
CA LEU B 468 24.69 -9.81 -25.68
C LEU B 468 25.64 -8.92 -26.48
N CYS B 469 26.08 -9.38 -27.65
CA CYS B 469 26.91 -8.56 -28.52
C CYS B 469 26.57 -8.88 -29.96
N GLY B 470 27.09 -8.05 -30.88
CA GLY B 470 26.64 -8.04 -32.25
C GLY B 470 27.31 -9.03 -33.19
N ARG B 471 26.88 -8.96 -34.45
CA ARG B 471 27.23 -9.93 -35.48
C ARG B 471 28.72 -9.90 -35.84
N ASP B 472 29.45 -8.86 -35.43
CA ASP B 472 30.86 -8.71 -35.76
C ASP B 472 31.77 -9.00 -34.56
N THR B 473 31.23 -9.50 -33.47
CA THR B 473 31.94 -9.64 -32.19
C THR B 473 31.97 -11.11 -31.80
N ALA B 474 33.16 -11.72 -31.77
CA ALA B 474 33.27 -13.05 -31.17
C ALA B 474 34.32 -13.15 -30.07
N LEU B 475 35.60 -13.04 -30.39
CA LEU B 475 36.62 -13.55 -29.48
C LEU B 475 37.23 -12.48 -28.59
N THR B 476 37.38 -11.26 -29.11
CA THR B 476 37.88 -10.17 -28.28
C THR B 476 36.96 -9.95 -27.09
N PHE B 477 35.65 -10.09 -27.31
CA PHE B 477 34.66 -9.92 -26.25
C PHE B 477 34.83 -10.98 -25.15
N LEU B 478 34.95 -12.25 -25.55
CA LEU B 478 35.11 -13.32 -24.57
C LEU B 478 36.44 -13.19 -23.82
N LYS B 479 37.51 -12.85 -24.54
CA LYS B 479 38.80 -12.65 -23.89
C LYS B 479 38.74 -11.47 -22.91
N GLN B 480 38.00 -10.42 -23.27
CA GLN B 480 37.85 -9.30 -22.34
C GLN B 480 37.07 -9.72 -21.10
N LEU B 481 36.06 -10.57 -21.27
CA LEU B 481 35.33 -11.10 -20.13
C LEU B 481 36.25 -11.87 -19.19
N ALA B 482 37.07 -12.75 -19.77
CA ALA B 482 38.01 -13.50 -18.95
C ALA B 482 38.93 -12.56 -18.18
N LEU B 483 39.48 -11.55 -18.87
CA LEU B 483 40.36 -10.60 -18.21
C LEU B 483 39.63 -9.82 -17.12
N ASN B 484 38.38 -9.43 -17.38
CA ASN B 484 37.61 -8.67 -16.39
C ASN B 484 37.36 -9.50 -15.14
N SER B 485 37.11 -10.80 -15.30
CA SER B 485 36.85 -11.62 -14.12
C SER B 485 38.05 -11.68 -13.18
N ILE B 486 39.26 -11.37 -13.68
CA ILE B 486 40.42 -11.28 -12.80
C ILE B 486 40.59 -9.85 -12.29
N ARG B 487 40.40 -8.87 -13.18
CA ARG B 487 40.62 -7.48 -12.82
C ARG B 487 39.62 -6.97 -11.81
N TYR B 488 38.39 -7.46 -11.87
CA TYR B 488 37.34 -7.03 -10.96
C TYR B 488 37.07 -8.06 -9.89
N SER B 489 37.94 -9.04 -9.74
CA SER B 489 37.87 -9.92 -8.60
C SER B 489 38.26 -9.16 -7.33
N ALA B 490 37.99 -9.77 -6.19
CA ALA B 490 38.36 -9.21 -4.89
C ALA B 490 39.75 -9.63 -4.44
N MET B 491 40.58 -10.13 -5.35
CA MET B 491 41.95 -10.51 -5.05
C MET B 491 42.81 -9.28 -4.78
N SER B 492 43.86 -9.47 -3.99
CA SER B 492 44.88 -8.44 -3.86
C SER B 492 45.67 -8.31 -5.17
N ASP B 493 46.44 -7.23 -5.31
CA ASP B 493 47.14 -7.01 -6.58
C ASP B 493 48.16 -8.11 -6.85
N THR B 494 48.90 -8.54 -5.81
CA THR B 494 49.81 -9.66 -5.97
C THR B 494 49.08 -10.90 -6.44
N GLU B 495 47.92 -11.18 -5.82
CA GLU B 495 47.13 -12.33 -6.25
C GLU B 495 46.66 -12.17 -7.69
N LYS B 496 46.31 -10.94 -8.09
CA LYS B 496 45.86 -10.73 -9.48
C LYS B 496 46.99 -10.99 -10.47
N VAL B 497 48.20 -10.55 -10.14
CA VAL B 497 49.33 -10.79 -11.02
C VAL B 497 49.57 -12.30 -11.19
N ALA B 498 49.59 -13.03 -10.07
CA ALA B 498 49.80 -14.48 -10.17
C ALA B 498 48.65 -15.17 -10.90
N ALA B 499 47.42 -14.74 -10.63
CA ALA B 499 46.25 -15.36 -11.26
C ALA B 499 46.30 -15.15 -12.75
N LYS B 500 46.68 -13.95 -13.19
CA LYS B 500 46.79 -13.68 -14.61
C LYS B 500 47.86 -14.54 -15.26
N ALA B 501 48.96 -14.79 -14.54
CA ALA B 501 49.99 -15.68 -15.09
C ALA B 501 49.45 -17.09 -15.30
N LYS B 502 48.75 -17.64 -14.30
CA LYS B 502 48.20 -18.99 -14.46
C LYS B 502 47.19 -19.04 -15.59
N TRP B 503 46.31 -18.03 -15.66
CA TRP B 503 45.31 -18.01 -16.72
C TRP B 503 45.96 -17.83 -18.09
N THR B 504 47.01 -17.03 -18.19
CA THR B 504 47.70 -16.86 -19.47
C THR B 504 48.30 -18.18 -19.94
N THR B 505 48.94 -18.91 -19.03
CA THR B 505 49.45 -20.22 -19.42
C THR B 505 48.34 -21.07 -20.00
N GLN B 506 47.20 -21.14 -19.30
CA GLN B 506 46.10 -21.96 -19.81
C GLN B 506 45.57 -21.44 -21.15
N TRP B 507 45.45 -20.12 -21.29
CA TRP B 507 44.88 -19.56 -22.51
C TRP B 507 45.77 -19.86 -23.71
N ASP B 508 47.09 -19.74 -23.55
CA ASP B 508 47.99 -20.09 -24.64
C ASP B 508 47.89 -21.56 -24.98
N LYS B 509 47.83 -22.42 -23.96
CA LYS B 509 47.65 -23.85 -24.20
C LYS B 509 46.38 -24.09 -25.01
N PHE B 510 45.28 -23.44 -24.63
CA PHE B 510 44.01 -23.63 -25.31
C PHE B 510 44.05 -23.15 -26.76
N VAL B 511 44.66 -21.98 -27.00
CA VAL B 511 44.76 -21.45 -28.35
C VAL B 511 45.57 -22.38 -29.24
N LYS B 512 46.73 -22.81 -28.74
CA LYS B 512 47.59 -23.69 -29.53
C LYS B 512 46.86 -24.98 -29.87
N THR B 513 46.21 -25.60 -28.89
CA THR B 513 45.54 -26.87 -29.14
C THR B 513 44.36 -26.72 -30.10
N SER B 514 43.53 -25.69 -29.91
CA SER B 514 42.38 -25.54 -30.79
C SER B 514 42.81 -25.22 -32.21
N VAL B 515 43.80 -24.33 -32.38
CA VAL B 515 44.26 -24.01 -33.73
C VAL B 515 44.83 -25.24 -34.42
N GLU B 516 45.65 -26.01 -33.72
CA GLU B 516 46.22 -27.18 -34.37
C GLU B 516 45.16 -28.25 -34.65
N GLY B 517 44.08 -28.28 -33.88
CA GLY B 517 43.01 -29.20 -34.27
C GLY B 517 42.12 -28.68 -35.38
N LEU B 518 42.18 -27.38 -35.70
CA LEU B 518 41.30 -26.80 -36.70
C LEU B 518 41.98 -26.42 -38.01
N LYS B 519 43.23 -26.02 -37.99
CA LYS B 519 43.96 -25.54 -39.15
C LYS B 519 44.68 -26.70 -39.84
N PRO B 520 44.83 -26.64 -41.17
CA PRO B 520 45.60 -27.68 -41.87
C PRO B 520 47.06 -27.69 -41.47
N HIS B 521 47.66 -28.87 -41.53
CA HIS B 521 49.08 -29.02 -41.26
C HIS B 521 49.87 -28.84 -42.54
N LEU C 28 -53.56 1.37 40.07
CA LEU C 28 -53.61 2.62 40.83
C LEU C 28 -53.34 3.80 39.87
N THR C 29 -52.36 4.64 40.21
CA THR C 29 -52.04 5.81 39.41
C THR C 29 -51.30 5.42 38.13
N SER C 30 -51.52 6.20 37.06
CA SER C 30 -50.76 6.02 35.83
C SER C 30 -49.27 6.29 36.05
N LYS C 31 -48.95 7.27 36.90
CA LYS C 31 -47.57 7.56 37.24
C LYS C 31 -46.93 6.39 38.01
N ALA C 32 -47.68 5.74 38.89
CA ALA C 32 -47.15 4.59 39.60
C ALA C 32 -46.90 3.42 38.66
N ALA C 33 -47.80 3.20 37.70
CA ALA C 33 -47.58 2.17 36.68
C ALA C 33 -46.34 2.48 35.86
N TYR C 34 -46.15 3.75 35.49
CA TYR C 34 -44.94 4.15 34.81
C TYR C 34 -43.71 3.82 35.65
N LEU C 35 -43.75 4.17 36.93
CA LEU C 35 -42.58 3.98 37.78
C LEU C 35 -42.26 2.50 37.98
N LEU C 36 -43.28 1.67 38.12
CA LEU C 36 -43.03 0.23 38.23
C LEU C 36 -42.40 -0.31 36.95
N LYS C 37 -42.93 0.11 35.79
CA LYS C 37 -42.32 -0.35 34.55
C LYS C 37 -40.89 0.14 34.42
N ARG C 38 -40.62 1.38 34.85
CA ARG C 38 -39.28 1.92 34.81
C ARG C 38 -38.33 1.13 35.71
N ASN C 39 -38.80 0.76 36.90
CA ASN C 39 -37.97 -0.06 37.79
C ASN C 39 -37.68 -1.41 37.17
N SER C 40 -38.69 -2.04 36.58
CA SER C 40 -38.49 -3.34 35.95
C SER C 40 -37.49 -3.23 34.80
N LEU C 41 -37.59 -2.20 33.97
CA LEU C 41 -36.67 -2.04 32.86
C LEU C 41 -35.23 -1.79 33.34
N ILE C 42 -35.07 -0.93 34.35
CA ILE C 42 -33.72 -0.61 34.83
C ILE C 42 -33.07 -1.82 35.51
N GLU C 43 -33.86 -2.59 36.28
CA GLU C 43 -33.29 -3.80 36.87
C GLU C 43 -32.97 -4.82 35.80
N GLU C 44 -33.79 -4.90 34.75
CA GLU C 44 -33.48 -5.77 33.62
C GLU C 44 -32.12 -5.42 33.05
N ASP C 45 -31.86 -4.13 32.87
CA ASP C 45 -30.58 -3.69 32.31
C ASP C 45 -29.42 -3.95 33.26
N ALA C 46 -29.59 -3.66 34.55
CA ALA C 46 -28.48 -3.79 35.48
C ALA C 46 -28.16 -5.24 35.84
N SER C 47 -29.10 -6.16 35.67
CA SER C 47 -28.86 -7.55 36.05
C SER C 47 -27.95 -8.29 35.08
N ARG C 48 -27.51 -7.66 34.00
CA ARG C 48 -26.71 -8.36 33.00
C ARG C 48 -25.22 -8.03 33.06
N LYS C 49 -24.79 -7.21 34.01
CA LYS C 49 -23.40 -6.81 34.07
C LYS C 49 -22.55 -7.87 34.77
N LEU C 50 -21.24 -7.67 34.69
CA LEU C 50 -20.28 -8.54 35.35
C LEU C 50 -20.43 -8.42 36.87
N GLY C 51 -20.54 -9.54 37.55
CA GLY C 51 -20.70 -9.55 39.00
C GLY C 51 -22.11 -9.34 39.49
N ALA C 52 -23.09 -9.24 38.60
CA ALA C 52 -24.48 -9.03 38.99
C ALA C 52 -25.08 -10.21 39.75
N LYS C 53 -24.48 -11.40 39.65
CA LYS C 53 -24.95 -12.57 40.38
C LYS C 53 -24.21 -12.77 41.70
N ILE C 54 -23.31 -11.88 42.07
CA ILE C 54 -22.61 -11.97 43.34
C ILE C 54 -23.53 -11.52 44.46
N VAL C 55 -23.66 -12.36 45.49
CA VAL C 55 -24.39 -12.04 46.72
C VAL C 55 -23.36 -11.74 47.81
N LEU C 56 -23.51 -10.59 48.46
CA LEU C 56 -22.54 -10.15 49.45
C LEU C 56 -23.07 -10.42 50.86
N THR C 57 -22.14 -10.78 51.75
CA THR C 57 -22.44 -10.81 53.17
C THR C 57 -22.54 -9.37 53.70
N ASN C 58 -23.03 -9.25 54.94
CA ASN C 58 -23.27 -7.93 55.54
C ASN C 58 -21.98 -7.14 55.69
N GLU C 59 -20.91 -7.83 56.06
CA GLU C 59 -19.59 -7.26 56.19
C GLU C 59 -19.03 -6.82 54.83
N GLU C 60 -19.18 -7.70 53.84
CA GLU C 60 -18.88 -7.31 52.47
C GLU C 60 -19.70 -6.09 52.08
N LYS C 61 -20.96 -6.02 52.52
CA LYS C 61 -21.77 -4.85 52.20
C LYS C 61 -21.25 -3.60 52.86
N VAL C 62 -20.70 -3.70 54.07
CA VAL C 62 -20.07 -2.55 54.70
C VAL C 62 -18.97 -2.00 53.81
N LEU C 63 -18.10 -2.90 53.35
CA LEU C 63 -17.00 -2.48 52.48
C LEU C 63 -17.52 -1.87 51.18
N ASP C 64 -18.59 -2.47 50.64
CA ASP C 64 -19.21 -2.00 49.41
C ASP C 64 -19.79 -0.60 49.58
N ASP C 65 -20.46 -0.35 50.71
CA ASP C 65 -21.04 0.97 50.97
C ASP C 65 -19.94 2.03 51.09
N PHE C 66 -18.84 1.70 51.76
CA PHE C 66 -17.73 2.64 51.87
C PHE C 66 -17.20 3.06 50.50
N ILE C 67 -16.87 2.07 49.67
CA ILE C 67 -16.33 2.37 48.34
C ILE C 67 -17.35 3.10 47.48
N LEU C 68 -18.61 2.65 47.52
CA LEU C 68 -19.65 3.30 46.74
C LEU C 68 -19.82 4.76 47.15
N ALA C 69 -19.68 5.05 48.45
CA ALA C 69 -19.81 6.42 48.92
C ALA C 69 -18.71 7.30 48.33
N GLU C 70 -17.46 6.82 48.36
CA GLU C 70 -16.40 7.66 47.78
C GLU C 70 -16.56 7.80 46.26
N LYS C 71 -16.94 6.72 45.59
CA LYS C 71 -17.15 6.77 44.14
C LYS C 71 -18.27 7.74 43.77
N ARG C 72 -19.38 7.68 44.49
CA ARG C 72 -20.49 8.58 44.22
C ARG C 72 -20.11 10.02 44.51
N LYS C 73 -19.34 10.26 45.59
CA LYS C 73 -18.88 11.61 45.86
C LYS C 73 -18.10 12.16 44.67
N LEU C 74 -17.16 11.37 44.14
CA LEU C 74 -16.36 11.85 43.01
C LEU C 74 -17.22 12.09 41.78
N ILE C 75 -18.11 11.14 41.46
CA ILE C 75 -18.92 11.28 40.25
C ILE C 75 -19.85 12.47 40.34
N ASP C 76 -20.54 12.63 41.49
CA ASP C 76 -21.51 13.70 41.64
C ASP C 76 -20.84 15.07 41.73
N ASP C 77 -19.69 15.15 42.40
CA ASP C 77 -18.92 16.39 42.41
C ASP C 77 -18.48 16.77 41.00
N SER C 78 -18.01 15.79 40.22
CA SER C 78 -17.58 16.09 38.87
C SER C 78 -18.75 16.53 37.99
N ARG C 79 -19.89 15.83 38.09
CA ARG C 79 -21.02 16.07 37.18
C ARG C 79 -21.78 17.34 37.49
N LEU C 80 -22.08 17.59 38.76
CA LEU C 80 -22.96 18.70 39.11
C LEU C 80 -22.20 19.99 39.30
N ASN C 81 -20.97 19.93 39.81
CA ASN C 81 -20.15 21.11 39.91
C ASN C 81 -19.33 21.36 38.65
N GLN C 82 -19.46 20.48 37.64
CA GLN C 82 -18.86 20.67 36.31
C GLN C 82 -17.34 20.87 36.37
N THR C 83 -16.67 19.94 37.03
CA THR C 83 -15.22 19.92 37.17
C THR C 83 -14.67 18.62 36.61
N GLU C 84 -13.34 18.55 36.50
CA GLU C 84 -12.70 17.38 35.90
C GLU C 84 -12.87 16.12 36.75
N TYR C 85 -13.06 14.99 36.10
CA TYR C 85 -13.19 13.69 36.77
C TYR C 85 -11.81 13.04 36.77
N MET C 86 -11.07 13.23 37.87
CA MET C 86 -9.67 12.83 37.89
C MET C 86 -9.43 11.36 37.58
N PRO C 87 -10.21 10.40 38.07
CA PRO C 87 -9.88 8.99 37.81
C PRO C 87 -9.84 8.63 36.33
N ALA C 88 -10.42 9.44 35.46
CA ALA C 88 -10.39 9.16 34.03
C ALA C 88 -9.31 9.95 33.30
N ALA C 89 -8.56 10.78 34.02
CA ALA C 89 -7.51 11.58 33.42
C ALA C 89 -6.26 10.73 33.15
N SER C 90 -5.25 11.34 32.53
CA SER C 90 -4.00 10.65 32.28
C SER C 90 -3.40 10.14 33.60
N PHE C 91 -2.84 8.94 33.54
CA PHE C 91 -2.29 8.34 34.76
C PHE C 91 -1.24 9.24 35.39
N TYR C 92 -0.47 9.98 34.58
CA TYR C 92 0.50 10.91 35.12
C TYR C 92 -0.15 11.92 36.07
N ARG C 93 -1.35 12.38 35.73
CA ARG C 93 -2.00 13.39 36.54
C ARG C 93 -2.88 12.80 37.62
N SER C 94 -3.46 11.63 37.37
CA SER C 94 -4.39 11.05 38.32
C SER C 94 -3.72 10.18 39.36
N LYS C 95 -2.45 9.81 39.18
CA LYS C 95 -1.82 8.85 40.09
C LYS C 95 -1.72 9.40 41.50
N ASP C 96 -1.28 10.65 41.64
CA ASP C 96 -1.17 11.24 42.97
C ASP C 96 -2.54 11.39 43.62
N PHE C 97 -3.52 11.84 42.83
CA PHE C 97 -4.88 11.92 43.33
C PHE C 97 -5.38 10.56 43.81
N ILE C 98 -5.11 9.50 43.05
CA ILE C 98 -5.50 8.16 43.46
C ILE C 98 -4.85 7.82 44.78
N ASP C 99 -3.55 8.13 44.91
CA ASP C 99 -2.83 7.79 46.13
C ASP C 99 -3.32 8.58 47.34
N THR C 100 -4.10 9.65 47.15
CA THR C 100 -4.69 10.37 48.27
C THR C 100 -6.17 10.05 48.48
N THR C 101 -6.63 8.88 48.06
CA THR C 101 -8.02 8.51 48.26
C THR C 101 -8.11 7.35 49.23
N PHE C 102 -9.25 7.28 49.93
CA PHE C 102 -9.48 6.19 50.87
C PHE C 102 -9.77 4.87 50.17
N ALA C 103 -10.54 4.90 49.07
CA ALA C 103 -10.90 3.67 48.37
C ALA C 103 -9.68 2.92 47.86
N TYR C 104 -8.61 3.64 47.50
CA TYR C 104 -7.42 2.98 46.99
C TYR C 104 -6.74 2.11 48.02
N LYS C 105 -6.76 2.51 49.30
CA LYS C 105 -6.15 1.66 50.32
C LYS C 105 -6.93 0.37 50.46
N ILE C 106 -8.26 0.46 50.39
CA ILE C 106 -9.11 -0.73 50.41
C ILE C 106 -8.74 -1.66 49.26
N ILE C 107 -8.55 -1.10 48.06
CA ILE C 107 -8.23 -1.94 46.91
C ILE C 107 -6.82 -2.53 47.02
N GLN C 108 -5.88 -1.76 47.60
CA GLN C 108 -4.56 -2.32 47.89
C GLN C 108 -4.67 -3.54 48.78
N ASP C 109 -5.50 -3.47 49.82
CA ASP C 109 -5.63 -4.60 50.74
C ASP C 109 -6.38 -5.78 50.13
N MET C 110 -7.13 -5.56 49.06
CA MET C 110 -7.98 -6.62 48.55
C MET C 110 -7.15 -7.66 47.81
N PRO C 111 -7.31 -8.93 48.11
CA PRO C 111 -6.64 -9.95 47.30
C PRO C 111 -7.29 -10.07 45.92
N LYS C 112 -6.64 -9.54 44.90
CA LYS C 112 -7.28 -9.42 43.60
C LYS C 112 -7.22 -10.68 42.76
N GLY C 113 -6.62 -11.74 43.26
CA GLY C 113 -6.53 -13.01 42.55
C GLY C 113 -5.26 -13.10 41.71
N GLY C 114 -5.43 -13.26 40.40
CA GLY C 114 -4.30 -13.49 39.50
C GLY C 114 -4.17 -12.37 38.48
N ALA C 115 -2.93 -12.00 38.19
CA ALA C 115 -2.60 -11.10 37.08
C ALA C 115 -2.23 -11.97 35.88
N LEU C 116 -3.06 -11.93 34.83
CA LEU C 116 -2.88 -12.87 33.72
C LEU C 116 -2.10 -12.30 32.53
N HIS C 117 -1.77 -11.00 32.53
CA HIS C 117 -1.09 -10.37 31.39
C HIS C 117 0.06 -9.55 31.95
N LEU C 118 1.26 -10.10 31.91
CA LEU C 118 2.44 -9.41 32.41
C LEU C 118 3.59 -9.63 31.45
N HIS C 119 4.44 -8.61 31.32
CA HIS C 119 5.62 -8.76 30.50
C HIS C 119 6.82 -8.53 31.41
N ASP C 120 7.69 -9.55 31.50
CA ASP C 120 8.64 -9.69 32.61
C ASP C 120 9.63 -8.54 32.68
N THR C 121 10.13 -8.05 31.55
CA THR C 121 11.16 -7.01 31.61
C THR C 121 10.61 -5.65 32.08
N ALA C 122 9.31 -5.52 32.33
CA ALA C 122 8.76 -4.27 32.87
C ALA C 122 7.75 -4.54 33.97
N SER C 123 7.91 -5.63 34.72
CA SER C 123 6.95 -6.01 35.74
C SER C 123 7.42 -5.73 37.15
N ALA C 124 8.58 -5.10 37.32
CA ALA C 124 9.13 -4.77 38.64
C ALA C 124 9.60 -3.32 38.68
N ARG C 125 9.94 -2.83 39.88
CA ARG C 125 10.25 -1.41 40.06
C ARG C 125 11.52 -1.06 39.32
N ILE C 126 11.51 0.10 38.66
CA ILE C 126 12.77 0.65 38.19
C ILE C 126 13.66 0.98 39.38
N ASP C 127 13.05 1.29 40.54
CA ASP C 127 13.81 1.56 41.76
C ASP C 127 14.73 0.39 42.11
N TRP C 128 14.26 -0.84 41.94
CA TRP C 128 15.14 -1.97 42.21
C TRP C 128 16.28 -2.03 41.20
N ILE C 129 15.99 -1.73 39.93
CA ILE C 129 17.04 -1.73 38.92
C ILE C 129 18.12 -0.72 39.29
N VAL C 130 17.72 0.45 39.79
CA VAL C 130 18.68 1.50 40.11
C VAL C 130 19.41 1.21 41.42
N SER C 131 18.67 0.89 42.47
CA SER C 131 19.23 0.79 43.81
C SER C 131 19.95 -0.53 44.06
N ASN C 132 19.67 -1.56 43.26
CA ASN C 132 20.30 -2.86 43.41
C ASN C 132 21.19 -3.21 42.22
N ALA C 133 20.64 -3.19 41.01
CA ALA C 133 21.37 -3.72 39.87
C ALA C 133 22.54 -2.83 39.49
N THR C 134 22.35 -1.52 39.44
CA THR C 134 23.45 -0.65 39.05
C THR C 134 24.43 -0.41 40.19
N TYR C 135 24.31 -1.16 41.27
CA TYR C 135 25.31 -1.17 42.31
C TYR C 135 26.21 -2.40 42.24
N ARG C 136 25.95 -3.30 41.30
CA ARG C 136 26.83 -4.45 41.10
C ARG C 136 28.03 -4.06 40.24
N ASP C 137 29.07 -4.87 40.31
CA ASP C 137 30.28 -4.58 39.56
C ASP C 137 30.08 -4.87 38.07
N HIS C 138 30.90 -4.22 37.25
CA HIS C 138 30.91 -4.40 35.79
C HIS C 138 29.64 -3.88 35.12
N VAL C 139 28.98 -2.90 35.74
CA VAL C 139 27.79 -2.27 35.18
C VAL C 139 28.21 -0.96 34.55
N TYR C 140 27.91 -0.79 33.26
CA TYR C 140 28.31 0.38 32.51
C TYR C 140 27.07 1.16 32.06
N MET C 141 27.24 2.47 31.98
CA MET C 141 26.19 3.39 31.55
C MET C 141 26.74 4.25 30.44
N CYS C 142 25.84 4.70 29.56
CA CYS C 142 26.27 5.63 28.53
C CYS C 142 25.07 6.45 28.06
N MET C 143 25.36 7.58 27.40
CA MET C 143 24.31 8.42 26.84
C MET C 143 24.22 8.16 25.35
N ASP C 144 23.06 7.68 24.90
CA ASP C 144 22.96 7.32 23.52
C ASP C 144 22.64 8.54 22.66
N GLN C 145 22.47 8.29 21.37
CA GLN C 145 22.29 9.34 20.38
C GLN C 145 21.04 10.16 20.60
N ASP C 146 20.02 9.59 21.26
CA ASP C 146 18.78 10.30 21.52
C ASP C 146 18.73 10.92 22.92
N ASN C 147 19.88 11.00 23.60
CA ASN C 147 19.98 11.57 24.95
C ASN C 147 19.20 10.73 25.96
N PHE C 148 19.31 9.41 25.82
CA PHE C 148 18.73 8.43 26.74
C PHE C 148 19.83 7.59 27.37
N VAL C 149 19.62 7.21 28.62
CA VAL C 149 20.57 6.40 29.35
C VAL C 149 20.47 4.95 28.90
N ARG C 150 21.62 4.34 28.61
CA ARG C 150 21.72 2.91 28.33
C ARG C 150 22.55 2.26 29.42
N LEU C 151 22.09 1.12 29.93
CA LEU C 151 22.79 0.36 30.96
C LEU C 151 23.09 -1.04 30.44
N THR C 152 24.29 -1.53 30.71
CA THR C 152 24.67 -2.87 30.28
C THR C 152 25.66 -3.50 31.25
N VAL C 153 25.83 -4.81 31.10
CA VAL C 153 26.77 -5.59 31.90
C VAL C 153 27.85 -6.11 30.96
N SER C 154 29.10 -5.86 31.31
CA SER C 154 30.23 -6.34 30.51
C SER C 154 31.33 -6.81 31.44
N GLY C 155 31.68 -8.09 31.35
CA GLY C 155 32.63 -8.66 32.27
C GLY C 155 34.07 -8.60 31.83
N THR C 156 34.30 -8.35 30.54
CA THR C 156 35.64 -8.39 29.96
C THR C 156 36.14 -6.99 29.58
N GLY C 157 35.81 -5.98 30.37
CA GLY C 157 36.19 -4.63 30.08
C GLY C 157 35.05 -3.84 29.47
N PRO C 158 35.28 -2.56 29.17
CA PRO C 158 34.20 -1.73 28.65
C PRO C 158 33.71 -2.26 27.30
N PRO C 159 32.45 -2.02 26.97
CA PRO C 159 31.88 -2.58 25.73
C PRO C 159 32.52 -2.07 24.46
N ALA C 160 32.54 -2.94 23.45
CA ALA C 160 33.15 -2.73 22.14
C ALA C 160 32.30 -1.83 21.23
N ASN C 161 31.26 -1.19 21.77
CA ASN C 161 30.39 -0.30 21.00
C ASN C 161 31.01 1.09 20.91
N SER C 162 31.42 1.48 19.70
CA SER C 162 32.00 2.80 19.51
C SER C 162 30.96 3.86 19.17
N GLY C 163 29.69 3.48 18.97
CA GLY C 163 28.65 4.46 18.81
C GLY C 163 28.29 5.17 20.11
N CYS C 164 28.45 4.48 21.25
CA CYS C 164 28.25 5.08 22.55
C CYS C 164 29.57 5.17 23.31
N GLU C 165 29.64 6.13 24.24
CA GLU C 165 30.80 6.28 25.14
C GLU C 165 30.46 5.65 26.48
N TRP C 166 30.90 4.42 26.70
CA TRP C 166 30.52 3.71 27.91
C TRP C 166 31.43 4.09 29.07
N LYS C 167 30.81 4.41 30.22
CA LYS C 167 31.49 4.75 31.45
C LYS C 167 31.02 3.85 32.58
N LEU C 168 31.90 3.61 33.54
CA LEU C 168 31.54 2.81 34.72
C LEU C 168 30.53 3.54 35.60
N VAL C 169 29.47 2.83 35.98
CA VAL C 169 28.43 3.44 36.81
C VAL C 169 28.98 3.80 38.19
N GLU C 170 29.86 2.96 38.73
CA GLU C 170 30.43 3.25 40.05
C GLU C 170 31.22 4.55 40.02
N THR C 171 32.01 4.76 38.96
CA THR C 171 32.81 5.97 38.87
C THR C 171 31.94 7.20 38.75
N GLU C 172 30.89 7.15 37.90
CA GLU C 172 30.02 8.30 37.73
C GLU C 172 29.25 8.61 39.02
N ARG C 173 28.76 7.58 39.70
CA ARG C 173 28.06 7.79 40.97
C ARG C 173 28.98 8.40 42.02
N ALA C 174 30.24 7.95 42.08
CA ALA C 174 31.18 8.53 43.04
C ALA C 174 31.49 9.99 42.71
N ASN C 175 31.69 10.30 41.42
CA ASN C 175 32.02 11.66 41.01
C ASN C 175 30.81 12.59 40.95
N SER C 176 29.60 12.08 41.19
CA SER C 176 28.42 12.93 41.12
C SER C 176 28.44 14.03 42.18
N GLY C 177 28.80 13.68 43.41
CA GLY C 177 28.74 14.60 44.54
C GLY C 177 27.43 14.59 45.30
N ASP C 178 26.35 14.11 44.69
CA ASP C 178 25.08 13.89 45.38
C ASP C 178 24.57 12.55 44.88
N ILE C 179 24.83 11.50 45.65
CA ILE C 179 24.51 10.14 45.22
C ILE C 179 23.00 9.96 45.07
N ALA C 180 22.23 10.50 46.01
CA ALA C 180 20.77 10.41 45.92
C ALA C 180 20.26 11.08 44.66
N ALA C 181 20.82 12.24 44.33
CA ALA C 181 20.43 12.95 43.12
C ALA C 181 20.78 12.14 41.88
N PHE C 182 21.96 11.49 41.87
CA PHE C 182 22.37 10.69 40.73
C PHE C 182 21.39 9.55 40.49
N ASP C 183 21.06 8.81 41.55
CA ASP C 183 20.13 7.69 41.39
C ASP C 183 18.75 8.15 40.95
N HIS C 184 18.28 9.27 41.51
CA HIS C 184 16.98 9.79 41.09
C HIS C 184 16.98 10.21 39.62
N TRP C 185 18.08 10.81 39.15
CA TRP C 185 18.18 11.16 37.74
C TRP C 185 18.17 9.93 36.86
N LEU C 186 18.84 8.85 37.30
CA LEU C 186 18.81 7.61 36.55
C LEU C 186 17.38 7.08 36.40
N LYS C 187 16.65 7.04 37.51
CA LYS C 187 15.26 6.58 37.46
C LYS C 187 14.41 7.50 36.60
N SER C 188 14.64 8.81 36.66
CA SER C 188 13.88 9.75 35.85
C SER C 188 14.17 9.54 34.37
N ASN C 189 15.43 9.23 34.03
CA ASN C 189 15.79 9.04 32.63
C ASN C 189 15.35 7.68 32.10
N ILE C 190 14.89 6.77 32.96
CA ILE C 190 14.45 5.47 32.45
C ILE C 190 12.93 5.37 32.41
N SER C 191 12.24 6.09 33.30
CA SER C 191 10.80 5.94 33.47
C SER C 191 10.00 6.60 32.33
N LEU C 192 8.83 6.03 32.06
CA LEU C 192 7.87 6.62 31.14
C LEU C 192 6.96 7.64 31.81
N LEU C 193 6.98 7.75 33.14
CA LEU C 193 6.10 8.65 33.86
C LEU C 193 6.83 9.86 34.42
N THR C 194 8.03 10.15 33.92
CA THR C 194 8.72 11.37 34.35
C THR C 194 7.99 12.62 33.87
N THR C 195 7.46 12.58 32.65
CA THR C 195 6.59 13.63 32.13
C THR C 195 5.23 13.03 31.79
N ASP C 196 4.26 13.89 31.48
CA ASP C 196 2.97 13.37 31.06
C ASP C 196 3.14 12.80 29.65
N PRO C 197 3.00 11.48 29.45
CA PRO C 197 3.21 10.92 28.11
C PRO C 197 2.25 11.48 27.11
N LEU C 198 1.01 11.78 27.55
CA LEU C 198 0.00 12.34 26.65
C LEU C 198 0.40 13.70 26.13
N VAL C 199 1.31 14.39 26.83
CA VAL C 199 1.81 15.68 26.41
C VAL C 199 3.16 15.55 25.70
N THR C 200 4.07 14.76 26.26
CA THR C 200 5.43 14.68 25.73
C THR C 200 5.52 13.85 24.45
N TYR C 201 4.69 12.81 24.33
CA TYR C 201 4.71 11.93 23.16
C TYR C 201 3.29 11.81 22.62
N PRO C 202 2.74 12.89 22.08
CA PRO C 202 1.30 12.98 21.77
C PRO C 202 0.90 12.35 20.44
N SER C 203 1.39 11.13 20.20
CA SER C 203 0.92 10.34 19.06
C SER C 203 1.27 8.89 19.31
N LEU C 204 0.62 8.00 18.56
CA LEU C 204 0.85 6.57 18.74
C LEU C 204 2.31 6.20 18.45
N ASP C 205 2.83 6.69 17.32
CA ASP C 205 4.20 6.36 16.95
C ASP C 205 5.18 6.91 17.97
N LYS C 206 4.94 8.12 18.48
CA LYS C 206 5.87 8.73 19.41
C LYS C 206 5.91 7.98 20.75
N VAL C 207 4.75 7.64 21.31
CA VAL C 207 4.75 6.94 22.58
C VAL C 207 5.30 5.54 22.40
N TRP C 208 5.03 4.90 21.25
CA TRP C 208 5.59 3.58 21.03
C TRP C 208 7.10 3.67 20.84
N GLY C 209 7.58 4.79 20.28
CA GLY C 209 9.00 5.02 20.25
C GLY C 209 9.60 5.09 21.65
N ARG C 210 8.94 5.82 22.55
CA ARG C 210 9.44 5.88 23.92
C ARG C 210 9.43 4.50 24.58
N PHE C 211 8.37 3.73 24.35
CA PHE C 211 8.22 2.41 24.95
C PHE C 211 9.33 1.45 24.50
N ASP C 212 9.54 1.38 23.18
CA ASP C 212 10.63 0.58 22.65
C ASP C 212 11.98 1.06 23.20
N LYS C 213 12.16 2.39 23.28
CA LYS C 213 13.38 2.96 23.82
C LYS C 213 13.63 2.51 25.25
N HIS C 214 12.58 2.46 26.07
CA HIS C 214 12.69 1.98 27.45
C HIS C 214 13.22 0.55 27.49
N PHE C 215 12.63 -0.33 26.68
CA PHE C 215 13.09 -1.71 26.70
C PHE C 215 14.54 -1.82 26.25
N SER C 216 14.94 -1.02 25.26
CA SER C 216 16.34 -1.06 24.85
C SER C 216 17.25 -0.38 25.87
N GLN C 217 16.73 0.53 26.69
CA GLN C 217 17.55 1.11 27.75
C GLN C 217 17.92 0.07 28.80
N LEU C 218 17.00 -0.84 29.11
CA LEU C 218 17.28 -1.85 30.14
C LEU C 218 17.77 -3.18 29.59
N ARG C 219 17.77 -3.36 28.27
CA ARG C 219 18.11 -4.62 27.64
C ARG C 219 19.46 -5.18 28.11
N GLY C 220 20.50 -4.36 28.10
CA GLY C 220 21.84 -4.88 28.36
C GLY C 220 22.05 -5.32 29.80
N ILE C 221 21.31 -4.74 30.74
CA ILE C 221 21.55 -5.01 32.15
C ILE C 221 20.56 -6.04 32.69
N ILE C 222 19.35 -6.11 32.11
CA ILE C 222 18.35 -7.00 32.68
C ILE C 222 18.43 -8.42 32.13
N TYR C 223 19.28 -8.67 31.14
CA TYR C 223 19.49 -10.01 30.60
C TYR C 223 20.74 -10.72 31.15
N HIS C 224 21.49 -10.08 32.06
CA HIS C 224 22.56 -10.76 32.78
C HIS C 224 21.98 -11.70 33.83
N THR C 225 22.34 -12.97 33.76
CA THR C 225 21.61 -14.01 34.49
C THR C 225 21.38 -13.72 35.97
N PRO C 226 22.38 -13.34 36.77
CA PRO C 226 22.09 -13.08 38.20
C PRO C 226 21.09 -11.96 38.40
N ILE C 227 21.24 -10.87 37.65
CA ILE C 227 20.30 -9.77 37.74
C ILE C 227 18.91 -10.24 37.31
N ARG C 228 18.84 -11.06 36.26
CA ARG C 228 17.56 -11.54 35.77
C ARG C 228 16.84 -12.41 36.79
N ARG C 229 17.57 -13.32 37.43
CA ARG C 229 16.98 -14.16 38.46
C ARG C 229 16.46 -13.30 39.61
N ASP C 230 17.28 -12.34 40.06
CA ASP C 230 16.86 -11.50 41.17
C ASP C 230 15.66 -10.62 40.78
N TYR C 231 15.64 -10.15 39.54
CA TYR C 231 14.52 -9.34 39.07
C TYR C 231 13.22 -10.14 39.04
N TYR C 232 13.29 -11.39 38.58
CA TYR C 232 12.10 -12.24 38.58
C TYR C 232 11.60 -12.47 40.01
N ARG C 233 12.54 -12.70 40.93
CA ARG C 233 12.15 -12.81 42.34
C ARG C 233 11.46 -11.54 42.80
N GLN C 234 11.97 -10.38 42.37
CA GLN C 234 11.34 -9.11 42.71
C GLN C 234 9.92 -9.02 42.19
N ILE C 235 9.67 -9.53 40.98
CA ILE C 235 8.31 -9.55 40.45
C ILE C 235 7.41 -10.33 41.39
N LEU C 236 7.83 -11.55 41.77
CA LEU C 236 6.98 -12.37 42.64
C LEU C 236 6.73 -11.66 43.96
N GLU C 237 7.76 -11.03 44.52
CA GLU C 237 7.62 -10.39 45.82
C GLU C 237 6.65 -9.21 45.75
N GLU C 238 6.85 -8.34 44.76
CA GLU C 238 6.01 -7.14 44.65
C GLU C 238 4.56 -7.51 44.39
N PHE C 239 4.32 -8.54 43.57
CA PHE C 239 2.93 -8.92 43.32
C PHE C 239 2.31 -9.54 44.56
N ARG C 240 3.09 -10.29 45.34
CA ARG C 240 2.54 -10.79 46.60
C ARG C 240 2.19 -9.64 47.53
N SER C 241 3.07 -8.64 47.61
CA SER C 241 2.86 -7.50 48.51
C SER C 241 1.68 -6.64 48.09
N ASP C 242 1.33 -6.65 46.80
CA ASP C 242 0.10 -6.00 46.37
C ASP C 242 -1.11 -6.93 46.49
N ASN C 243 -0.98 -8.04 47.24
CA ASN C 243 -2.08 -8.97 47.49
C ASN C 243 -2.57 -9.62 46.20
N VAL C 244 -1.63 -9.96 45.33
CA VAL C 244 -1.89 -10.78 44.16
C VAL C 244 -1.24 -12.14 44.44
N GLN C 245 -2.01 -13.21 44.26
CA GLN C 245 -1.51 -14.54 44.60
C GLN C 245 -1.04 -15.34 43.39
N TYR C 246 -1.34 -14.88 42.18
CA TYR C 246 -1.05 -15.66 40.97
C TYR C 246 -0.66 -14.73 39.84
N VAL C 247 0.39 -15.11 39.10
CA VAL C 247 0.85 -14.36 37.94
C VAL C 247 1.14 -15.34 36.81
N GLU C 248 0.74 -14.97 35.60
CA GLU C 248 1.21 -15.61 34.39
C GLU C 248 2.01 -14.56 33.62
N VAL C 249 3.29 -14.82 33.43
CA VAL C 249 4.24 -13.85 32.90
C VAL C 249 4.69 -14.27 31.51
N ARG C 250 4.73 -13.31 30.59
CA ARG C 250 5.27 -13.53 29.26
C ARG C 250 6.74 -13.19 29.24
N SER C 251 7.56 -14.07 28.66
CA SER C 251 9.00 -13.92 28.65
C SER C 251 9.57 -14.53 27.38
N SER C 252 10.59 -13.89 26.83
CA SER C 252 11.28 -14.49 25.70
C SER C 252 12.17 -15.65 26.13
N LEU C 253 12.63 -15.63 27.38
CA LEU C 253 13.25 -16.75 28.09
C LEU C 253 14.68 -17.10 27.67
N SER C 254 15.16 -16.56 26.56
CA SER C 254 16.49 -16.94 26.08
C SER C 254 17.40 -15.72 26.09
N GLY C 255 18.68 -15.99 25.91
CA GLY C 255 19.64 -14.91 25.84
C GLY C 255 20.22 -14.48 27.16
N PHE C 256 19.92 -15.18 28.26
CA PHE C 256 20.52 -14.83 29.53
C PHE C 256 22.02 -15.12 29.44
N PHE C 257 22.84 -14.14 29.81
CA PHE C 257 24.27 -14.26 29.58
C PHE C 257 25.06 -14.17 30.88
N GLU C 258 26.26 -14.71 30.82
CA GLU C 258 27.21 -14.72 31.93
C GLU C 258 28.30 -13.68 31.70
N LEU C 259 29.12 -13.47 32.74
CA LEU C 259 30.20 -12.50 32.65
C LEU C 259 31.20 -12.86 31.57
N ASP C 260 31.38 -14.16 31.29
CA ASP C 260 32.36 -14.61 30.32
C ASP C 260 31.85 -14.61 28.88
N GLY C 261 30.59 -14.20 28.66
CA GLY C 261 30.02 -14.16 27.34
C GLY C 261 29.11 -15.33 27.01
N THR C 262 29.05 -16.35 27.85
CA THR C 262 28.16 -17.48 27.61
C THR C 262 26.70 -17.00 27.54
N VAL C 263 25.99 -17.49 26.54
CA VAL C 263 24.58 -17.16 26.32
C VAL C 263 23.78 -18.45 26.39
N HIS C 264 22.71 -18.45 27.18
CA HIS C 264 21.91 -19.63 27.42
C HIS C 264 20.70 -19.66 26.51
N ASP C 265 20.07 -20.84 26.43
CA ASP C 265 18.91 -21.04 25.59
C ASP C 265 17.63 -20.82 26.41
N ALA C 266 16.48 -21.10 25.81
CA ALA C 266 15.21 -20.83 26.48
C ALA C 266 14.96 -21.79 27.64
N GLU C 267 15.42 -23.04 27.51
CA GLU C 267 15.21 -23.99 28.59
C GLU C 267 15.92 -23.56 29.86
N PHE C 268 17.09 -22.94 29.71
CA PHE C 268 17.82 -22.44 30.87
C PHE C 268 17.03 -21.36 31.59
N GLY C 269 16.53 -20.37 30.83
CA GLY C 269 15.73 -19.31 31.43
C GLY C 269 14.49 -19.86 32.11
N LEU C 270 13.81 -20.80 31.44
CA LEU C 270 12.64 -21.42 32.03
C LEU C 270 12.98 -22.09 33.35
N ASN C 271 14.12 -22.80 33.41
CA ASN C 271 14.46 -23.51 34.65
C ASN C 271 14.86 -22.55 35.76
N LEU C 272 15.55 -21.47 35.40
CA LEU C 272 15.84 -20.42 36.37
C LEU C 272 14.54 -19.92 37.01
N TYR C 273 13.57 -19.59 36.15
CA TYR C 273 12.27 -19.13 36.62
C TYR C 273 11.57 -20.19 37.46
N LYS C 274 11.62 -21.45 37.03
CA LYS C 274 10.92 -22.52 37.73
C LYS C 274 11.47 -22.73 39.13
N SER C 275 12.80 -22.69 39.29
CA SER C 275 13.34 -22.90 40.63
C SER C 275 13.03 -21.71 41.52
N VAL C 276 13.11 -20.48 40.98
CA VAL C 276 12.74 -19.33 41.81
C VAL C 276 11.28 -19.42 42.23
N THR C 277 10.41 -19.83 41.31
CA THR C 277 8.99 -19.95 41.64
C THR C 277 8.75 -21.02 42.70
N GLU C 278 9.41 -22.17 42.59
CA GLU C 278 9.20 -23.21 43.59
C GLU C 278 9.68 -22.74 44.97
N GLU C 279 10.83 -22.07 45.01
CA GLU C 279 11.32 -21.56 46.29
C GLU C 279 10.34 -20.57 46.89
N PHE C 280 9.84 -19.65 46.06
CA PHE C 280 8.88 -18.66 46.51
C PHE C 280 7.60 -19.32 47.02
N GLN C 281 7.13 -20.34 46.32
CA GLN C 281 5.90 -21.03 46.73
C GLN C 281 6.06 -21.69 48.09
N ARG C 282 7.18 -22.38 48.29
CA ARG C 282 7.41 -23.00 49.60
C ARG C 282 7.54 -21.94 50.70
N GLU C 283 8.15 -20.79 50.39
CA GLU C 283 8.35 -19.78 51.42
C GLU C 283 7.05 -19.06 51.80
N TYR C 284 6.10 -18.94 50.88
CA TYR C 284 4.86 -18.20 51.14
C TYR C 284 3.68 -19.06 50.72
N PRO C 285 3.18 -19.90 51.62
CA PRO C 285 2.03 -20.77 51.27
C PRO C 285 0.78 -20.01 50.88
N ASP C 286 0.63 -18.75 51.29
CA ASP C 286 -0.51 -17.96 50.84
C ASP C 286 -0.46 -17.73 49.33
N PHE C 287 0.73 -17.73 48.76
CA PHE C 287 0.88 -17.55 47.32
C PHE C 287 0.36 -18.77 46.57
N ILE C 288 -0.19 -18.54 45.38
CA ILE C 288 -0.68 -19.66 44.57
C ILE C 288 0.41 -20.18 43.65
N GLY C 289 1.04 -19.31 42.87
CA GLY C 289 2.16 -19.71 42.06
C GLY C 289 2.34 -18.79 40.86
N ALA C 290 3.15 -19.27 39.92
CA ALA C 290 3.50 -18.52 38.73
C ALA C 290 3.66 -19.48 37.56
N LYS C 291 3.32 -19.00 36.36
CA LYS C 291 3.49 -19.78 35.15
C LYS C 291 3.99 -18.86 34.03
N ILE C 292 4.56 -19.46 32.98
CA ILE C 292 5.31 -18.72 31.96
C ILE C 292 4.69 -18.97 30.59
N ILE C 293 4.60 -17.90 29.80
CA ILE C 293 4.21 -17.94 28.39
C ILE C 293 5.41 -17.46 27.58
N LEU C 294 5.79 -18.23 26.55
CA LEU C 294 6.87 -17.81 25.67
C LEU C 294 6.38 -16.76 24.69
N SER C 295 7.13 -15.67 24.57
CA SER C 295 6.76 -14.54 23.72
C SER C 295 7.80 -14.33 22.63
N GLY C 296 7.33 -14.15 21.39
CA GLY C 296 8.17 -13.79 20.27
C GLY C 296 7.75 -12.44 19.70
N LEU C 297 8.62 -11.88 18.87
CA LEU C 297 8.42 -10.53 18.39
C LEU C 297 7.77 -10.54 17.01
N ARG C 298 6.79 -9.65 16.83
CA ARG C 298 5.92 -9.55 15.67
C ARG C 298 6.64 -9.10 14.41
N PHE C 299 7.94 -8.85 14.47
CA PHE C 299 8.69 -8.38 13.32
C PHE C 299 9.83 -9.32 12.92
N LYS C 300 9.93 -10.50 13.55
CA LYS C 300 10.96 -11.45 13.17
C LYS C 300 10.54 -12.20 11.92
N SER C 301 11.50 -12.89 11.31
CA SER C 301 11.20 -13.66 10.12
C SER C 301 10.28 -14.83 10.48
N GLN C 302 9.58 -15.34 9.47
CA GLN C 302 8.73 -16.50 9.66
C GLN C 302 9.54 -17.70 10.11
N GLU C 303 10.79 -17.80 9.64
CA GLU C 303 11.66 -18.91 10.02
C GLU C 303 11.94 -18.86 11.52
N GLU C 304 12.27 -17.68 12.04
CA GLU C 304 12.54 -17.53 13.46
C GLU C 304 11.30 -17.85 14.30
N ILE C 305 10.13 -17.40 13.85
CA ILE C 305 8.91 -17.66 14.61
C ILE C 305 8.58 -19.15 14.60
N LEU C 306 8.86 -19.83 13.48
CA LEU C 306 8.68 -21.29 13.44
C LEU C 306 9.62 -21.99 14.41
N ASN C 307 10.88 -21.53 14.48
CA ASN C 307 11.81 -22.08 15.45
C ASN C 307 11.30 -21.90 16.87
N GLU C 308 10.76 -20.71 17.17
CA GLU C 308 10.22 -20.46 18.50
C GLU C 308 9.00 -21.34 18.77
N VAL C 309 8.19 -21.64 17.75
CA VAL C 309 7.06 -22.54 17.95
C VAL C 309 7.54 -23.95 18.28
N LYS C 310 8.60 -24.41 17.62
CA LYS C 310 9.14 -25.74 17.94
C LYS C 310 9.68 -25.77 19.37
N ILE C 311 10.39 -24.72 19.76
CA ILE C 311 10.92 -24.61 21.12
C ILE C 311 9.79 -24.61 22.14
N ALA C 312 8.72 -23.86 21.86
CA ALA C 312 7.57 -23.82 22.74
C ALA C 312 6.91 -25.19 22.84
N MET C 313 6.90 -25.93 21.74
CA MET C 313 6.37 -27.29 21.77
C MET C 313 7.17 -28.17 22.72
N ASP C 314 8.49 -28.12 22.61
CA ASP C 314 9.33 -28.94 23.50
C ASP C 314 9.18 -28.53 24.97
N LEU C 315 9.12 -27.21 25.23
CA LEU C 315 8.97 -26.72 26.59
C LEU C 315 7.63 -27.10 27.18
N HIS C 316 6.56 -27.09 26.37
CA HIS C 316 5.26 -27.50 26.87
C HIS C 316 5.22 -29.01 27.14
N LYS C 317 5.93 -29.80 26.33
CA LYS C 317 5.98 -31.24 26.58
C LYS C 317 6.72 -31.55 27.87
N LYS C 318 7.84 -30.87 28.11
CA LYS C 318 8.70 -31.22 29.24
C LYS C 318 8.36 -30.47 30.53
N TYR C 319 7.70 -29.33 30.45
CA TYR C 319 7.30 -28.57 31.63
C TYR C 319 5.82 -28.27 31.53
N PRO C 320 4.97 -29.30 31.59
CA PRO C 320 3.54 -29.11 31.33
C PRO C 320 2.84 -28.25 32.36
N ASP C 321 3.39 -28.07 33.55
CA ASP C 321 2.72 -27.31 34.59
C ASP C 321 3.35 -25.95 34.85
N PHE C 322 4.50 -25.65 34.26
CA PHE C 322 5.09 -24.34 34.42
C PHE C 322 5.06 -23.52 33.13
N PHE C 323 5.16 -24.18 31.97
CA PHE C 323 5.13 -23.52 30.68
C PHE C 323 3.75 -23.73 30.05
N LEU C 324 3.11 -22.63 29.67
CA LEU C 324 1.71 -22.61 29.24
C LEU C 324 1.53 -22.58 27.74
N GLY C 325 2.35 -21.82 27.02
CA GLY C 325 2.15 -21.72 25.58
C GLY C 325 2.93 -20.57 24.99
N TYR C 326 2.39 -20.03 23.89
CA TYR C 326 3.14 -19.09 23.06
C TYR C 326 2.30 -17.86 22.77
N ASP C 327 2.98 -16.75 22.49
CA ASP C 327 2.32 -15.49 22.16
C ASP C 327 3.26 -14.66 21.29
N LEU C 328 2.69 -13.73 20.53
CA LEU C 328 3.45 -12.77 19.74
C LEU C 328 3.18 -11.35 20.25
N VAL C 329 4.26 -10.59 20.48
CA VAL C 329 4.19 -9.27 21.09
C VAL C 329 4.96 -8.28 20.23
N GLY C 330 5.05 -7.04 20.73
CA GLY C 330 5.50 -5.92 19.94
C GLY C 330 4.32 -5.16 19.35
N GLN C 331 4.60 -3.95 18.87
CA GLN C 331 3.54 -3.09 18.35
C GLN C 331 2.82 -3.76 17.18
N GLU C 332 1.49 -3.70 17.20
CA GLU C 332 0.68 -4.50 16.28
C GLU C 332 0.35 -3.78 15.00
N ASP C 333 0.13 -2.46 15.02
CA ASP C 333 -0.28 -1.74 13.81
C ASP C 333 0.75 -1.83 12.69
N PRO C 334 2.02 -1.48 12.88
CA PRO C 334 2.95 -1.40 11.75
C PRO C 334 3.73 -2.69 11.46
N ASN C 335 3.57 -3.74 12.25
CA ASN C 335 4.32 -4.96 12.08
C ASN C 335 3.46 -6.05 11.43
N PHE C 336 3.95 -7.29 11.45
CA PHE C 336 3.31 -8.38 10.73
C PHE C 336 2.05 -8.85 11.44
N SER C 337 1.12 -9.39 10.65
CA SER C 337 -0.10 -9.99 11.17
C SER C 337 0.16 -11.42 11.62
N LEU C 338 -0.84 -12.00 12.29
CA LEU C 338 -0.79 -13.42 12.64
C LEU C 338 -0.86 -14.29 11.40
N LEU C 339 -1.65 -13.89 10.40
CA LEU C 339 -1.75 -14.63 9.16
C LEU C 339 -0.41 -14.71 8.44
N HIS C 340 0.41 -13.67 8.54
CA HIS C 340 1.75 -13.68 7.98
C HIS C 340 2.59 -14.82 8.55
N TYR C 341 2.30 -15.24 9.77
CA TYR C 341 3.00 -16.34 10.42
C TYR C 341 2.21 -17.63 10.44
N LEU C 342 1.19 -17.77 9.59
CA LEU C 342 0.27 -18.89 9.72
C LEU C 342 1.00 -20.23 9.64
N ASP C 343 1.96 -20.37 8.72
CA ASP C 343 2.67 -21.63 8.59
C ASP C 343 3.33 -22.03 9.90
N ALA C 344 3.90 -21.07 10.63
CA ALA C 344 4.47 -21.39 11.93
C ALA C 344 3.35 -21.78 12.91
N LEU C 345 2.30 -20.97 12.98
CA LEU C 345 1.30 -21.19 14.01
C LEU C 345 0.45 -22.41 13.76
N LEU C 346 0.37 -22.86 12.51
CA LEU C 346 -0.33 -24.08 12.18
C LEU C 346 0.54 -25.31 12.32
N TYR C 347 1.85 -25.13 12.48
CA TYR C 347 2.76 -26.27 12.54
C TYR C 347 2.37 -27.32 13.59
N PRO C 348 2.05 -26.95 14.84
CA PRO C 348 1.66 -28.00 15.81
C PRO C 348 0.46 -28.83 15.37
N SER C 349 -0.52 -28.22 14.71
CA SER C 349 -1.76 -28.90 14.37
C SER C 349 -1.63 -29.83 13.17
N ILE C 350 -0.56 -29.72 12.38
CA ILE C 350 -0.37 -30.61 11.24
C ILE C 350 0.55 -31.77 11.56
N GLN C 351 0.99 -31.91 12.81
CA GLN C 351 1.80 -33.07 13.15
C GLN C 351 0.91 -34.32 13.21
N ASN C 352 1.55 -35.48 13.07
CA ASN C 352 0.86 -36.76 13.15
C ASN C 352 1.53 -37.56 14.26
N PRO C 353 0.92 -37.64 15.45
CA PRO C 353 -0.37 -37.07 15.85
C PRO C 353 -0.33 -35.56 16.10
N PRO C 354 -1.49 -34.90 15.96
CA PRO C 354 -1.54 -33.45 16.13
C PRO C 354 -1.15 -33.02 17.53
N TYR C 355 -0.47 -31.89 17.61
CA TYR C 355 -0.09 -31.33 18.90
C TYR C 355 -0.84 -30.03 19.14
N ARG C 356 -1.43 -29.91 20.32
CA ARG C 356 -2.15 -28.70 20.70
C ARG C 356 -1.22 -27.82 21.52
N LEU C 357 -0.65 -26.80 20.87
CA LEU C 357 0.16 -25.81 21.56
C LEU C 357 -0.72 -24.64 21.98
N PRO C 358 -0.95 -24.43 23.26
CA PRO C 358 -1.81 -23.32 23.69
C PRO C 358 -1.23 -21.96 23.29
N TYR C 359 -2.13 -21.07 22.88
CA TYR C 359 -1.79 -19.73 22.42
C TYR C 359 -2.44 -18.70 23.33
N PHE C 360 -1.78 -17.55 23.43
CA PHE C 360 -2.24 -16.47 24.31
C PHE C 360 -2.10 -15.12 23.62
N PHE C 361 -2.60 -15.05 22.38
CA PHE C 361 -2.26 -13.95 21.47
C PHE C 361 -2.66 -12.58 21.99
N HIS C 362 -1.74 -11.61 21.88
CA HIS C 362 -2.14 -10.20 21.82
C HIS C 362 -2.93 -10.03 20.52
N ALA C 363 -4.07 -9.34 20.58
CA ALA C 363 -4.89 -9.20 19.37
C ALA C 363 -5.75 -7.93 19.39
N ALA C 364 -5.76 -7.24 18.25
CA ALA C 364 -6.64 -6.08 18.00
C ALA C 364 -6.38 -4.94 18.97
N GLU C 365 -5.11 -4.72 19.29
CA GLU C 365 -4.70 -3.54 20.05
C GLU C 365 -4.65 -2.33 19.11
N THR C 366 -5.84 -1.91 18.67
CA THR C 366 -5.91 -0.95 17.56
C THR C 366 -7.23 -0.20 17.58
N ASN C 367 -7.20 1.02 17.02
CA ASN C 367 -8.39 1.81 16.72
C ASN C 367 -8.91 1.55 15.30
N TRP C 368 -8.19 0.78 14.50
CA TRP C 368 -8.59 0.56 13.12
C TRP C 368 -9.73 -0.44 13.05
N GLN C 369 -10.41 -0.46 11.90
CA GLN C 369 -11.58 -1.29 11.69
C GLN C 369 -11.48 -1.92 10.31
N GLU C 370 -11.72 -3.23 10.23
CA GLU C 370 -11.65 -4.00 8.97
C GLU C 370 -10.28 -3.90 8.29
N THR C 371 -9.20 -3.93 9.08
CA THR C 371 -7.83 -3.94 8.57
C THR C 371 -7.13 -5.24 8.98
N GLU C 372 -5.87 -5.37 8.58
CA GLU C 372 -5.07 -6.53 8.97
C GLU C 372 -5.04 -6.68 10.48
N VAL C 373 -4.92 -5.56 11.19
CA VAL C 373 -4.62 -5.58 12.62
C VAL C 373 -5.79 -6.15 13.41
N ASP C 374 -7.01 -5.69 13.16
CA ASP C 374 -8.12 -6.20 13.95
C ASP C 374 -8.62 -7.56 13.46
N TYR C 375 -8.39 -7.91 12.19
CA TYR C 375 -8.72 -9.25 11.72
C TYR C 375 -7.80 -10.32 12.28
N ASN C 376 -6.72 -9.93 12.95
CA ASN C 376 -5.98 -10.87 13.78
C ASN C 376 -6.91 -11.60 14.75
N LEU C 377 -7.98 -10.94 15.20
CA LEU C 377 -8.95 -11.62 16.08
C LEU C 377 -9.47 -12.88 15.43
N ALA C 378 -9.82 -12.81 14.14
CA ALA C 378 -10.26 -13.99 13.41
C ALA C 378 -9.24 -15.11 13.54
N ASP C 379 -7.98 -14.80 13.25
CA ASP C 379 -6.96 -15.84 13.35
C ASP C 379 -6.84 -16.33 14.77
N ALA C 380 -6.88 -15.42 15.74
CA ALA C 380 -6.76 -15.83 17.14
C ALA C 380 -7.85 -16.83 17.50
N LEU C 381 -9.06 -16.62 16.99
CA LEU C 381 -10.14 -17.53 17.33
C LEU C 381 -9.96 -18.87 16.62
N LEU C 382 -9.47 -18.83 15.38
CA LEU C 382 -9.31 -20.07 14.62
C LEU C 382 -8.13 -20.90 15.06
N LEU C 383 -7.16 -20.29 15.75
CA LEU C 383 -6.03 -21.01 16.29
C LEU C 383 -6.28 -21.48 17.71
N ASN C 384 -7.52 -21.28 18.20
CA ASN C 384 -7.96 -21.75 19.51
C ASN C 384 -7.19 -21.06 20.64
N THR C 385 -7.03 -19.73 20.53
CA THR C 385 -6.34 -18.99 21.58
C THR C 385 -7.09 -19.12 22.90
N THR C 386 -6.35 -19.26 23.99
CA THR C 386 -6.96 -19.39 25.31
C THR C 386 -7.51 -18.05 25.80
N ARG C 387 -6.72 -17.00 25.67
CA ARG C 387 -7.16 -15.65 26.01
C ARG C 387 -6.72 -14.71 24.90
N VAL C 388 -7.31 -13.52 24.92
CA VAL C 388 -6.96 -12.46 24.00
C VAL C 388 -6.40 -11.30 24.81
N GLY C 389 -5.20 -10.84 24.46
CA GLY C 389 -4.64 -9.66 25.08
C GLY C 389 -5.26 -8.43 24.46
N HIS C 390 -5.72 -7.51 25.32
CA HIS C 390 -6.32 -6.23 24.93
C HIS C 390 -7.66 -6.43 24.24
N GLY C 391 -7.67 -6.90 23.00
CA GLY C 391 -8.91 -7.10 22.27
C GLY C 391 -9.70 -5.81 22.10
N PHE C 392 -9.00 -4.68 21.93
CA PHE C 392 -9.66 -3.38 22.00
C PHE C 392 -10.69 -3.22 20.90
N ALA C 393 -10.47 -3.84 19.74
CA ALA C 393 -11.36 -3.73 18.60
C ALA C 393 -12.39 -4.85 18.55
N LEU C 394 -12.40 -5.73 19.55
CA LEU C 394 -13.31 -6.88 19.51
C LEU C 394 -14.77 -6.45 19.44
N ILE C 395 -15.13 -5.41 20.20
CA ILE C 395 -16.52 -4.96 20.29
C ILE C 395 -17.09 -4.54 18.92
N LYS C 396 -16.23 -4.09 18.01
CA LYS C 396 -16.65 -3.67 16.68
C LYS C 396 -16.95 -4.84 15.75
N HIS C 397 -16.85 -6.07 16.23
CA HIS C 397 -17.05 -7.26 15.40
C HIS C 397 -18.07 -8.16 16.08
N PRO C 398 -19.35 -8.01 15.74
CA PRO C 398 -20.40 -8.71 16.49
C PRO C 398 -20.23 -10.22 16.49
N ARG C 399 -19.91 -10.81 15.32
CA ARG C 399 -19.76 -12.25 15.25
C ARG C 399 -18.55 -12.72 16.04
N PHE C 400 -17.44 -11.97 15.97
CA PHE C 400 -16.25 -12.33 16.74
C PHE C 400 -16.54 -12.31 18.23
N THR C 401 -17.25 -11.28 18.70
CA THR C 401 -17.60 -11.19 20.11
C THR C 401 -18.47 -12.35 20.56
N GLU C 402 -19.47 -12.71 19.75
CA GLU C 402 -20.29 -13.88 20.08
C GLU C 402 -19.44 -15.14 20.13
N LEU C 403 -18.56 -15.32 19.14
CA LEU C 403 -17.74 -16.52 19.06
C LEU C 403 -16.80 -16.64 20.23
N ALA C 404 -16.14 -15.55 20.59
CA ALA C 404 -15.23 -15.58 21.73
C ALA C 404 -15.97 -15.78 23.04
N LYS C 405 -17.18 -15.22 23.17
CA LYS C 405 -17.96 -15.44 24.39
C LYS C 405 -18.34 -16.89 24.57
N GLU C 406 -18.77 -17.56 23.49
CA GLU C 406 -19.08 -18.99 23.63
C GLU C 406 -17.85 -19.81 23.99
N ASN C 407 -16.74 -19.58 23.30
CA ASN C 407 -15.57 -20.44 23.46
C ASN C 407 -14.87 -20.23 24.78
N GLY C 408 -15.39 -19.34 25.63
CA GLY C 408 -14.75 -19.06 26.91
C GLY C 408 -13.42 -18.38 26.73
N VAL C 409 -13.27 -17.60 25.67
CA VAL C 409 -12.01 -16.94 25.41
C VAL C 409 -12.06 -15.62 26.17
N ALA C 410 -11.32 -15.57 27.28
CA ALA C 410 -11.32 -14.37 28.09
C ALA C 410 -10.48 -13.28 27.42
N VAL C 411 -10.80 -12.05 27.73
CA VAL C 411 -10.06 -10.91 27.23
C VAL C 411 -9.34 -10.24 28.39
N GLU C 412 -8.03 -10.09 28.24
CA GLU C 412 -7.21 -9.41 29.24
C GLU C 412 -7.30 -7.91 28.99
N VAL C 413 -7.77 -7.16 29.98
CA VAL C 413 -7.97 -5.72 29.88
C VAL C 413 -6.88 -5.07 30.72
N ASN C 414 -6.16 -4.15 30.12
CA ASN C 414 -5.09 -3.41 30.79
C ASN C 414 -5.40 -1.94 30.56
N PRO C 415 -6.28 -1.35 31.38
CA PRO C 415 -6.78 0.00 31.05
C PRO C 415 -5.71 1.08 31.04
N ILE C 416 -4.83 1.10 32.04
CA ILE C 416 -3.79 2.12 32.06
C ILE C 416 -2.87 1.96 30.86
N SER C 417 -2.57 0.71 30.49
CA SER C 417 -1.75 0.45 29.32
C SER C 417 -2.40 1.03 28.07
N ASN C 418 -3.71 0.81 27.90
CA ASN C 418 -4.39 1.32 26.72
C ASN C 418 -4.44 2.85 26.72
N GLN C 419 -4.47 3.49 27.89
CA GLN C 419 -4.45 4.96 27.87
C GLN C 419 -3.08 5.48 27.49
N ILE C 420 -2.02 4.95 28.10
CA ILE C 420 -0.67 5.47 27.88
C ILE C 420 -0.19 5.18 26.46
N LEU C 421 -0.49 3.99 25.94
CA LEU C 421 -0.04 3.60 24.63
C LEU C 421 -1.00 4.04 23.54
N GLY C 422 -1.82 5.05 23.80
CA GLY C 422 -2.48 5.80 22.75
C GLY C 422 -3.74 5.21 22.14
N LEU C 423 -4.42 4.29 22.82
CA LEU C 423 -5.66 3.75 22.27
C LEU C 423 -6.89 4.56 22.66
N VAL C 424 -6.87 5.26 23.79
CA VAL C 424 -7.98 6.09 24.21
C VAL C 424 -7.47 7.11 25.22
N ARG C 425 -8.13 8.27 25.28
CA ARG C 425 -7.73 9.32 26.20
C ARG C 425 -8.58 9.31 27.49
N ASP C 426 -9.89 9.45 27.35
CA ASP C 426 -10.79 9.32 28.50
C ASP C 426 -11.09 7.84 28.72
N VAL C 427 -10.70 7.32 29.88
CA VAL C 427 -10.86 5.90 30.15
C VAL C 427 -12.31 5.48 30.10
N ARG C 428 -13.25 6.40 30.35
CA ARG C 428 -14.67 6.06 30.25
C ARG C 428 -15.10 5.74 28.83
N ASN C 429 -14.31 6.12 27.82
CA ASN C 429 -14.58 5.76 26.44
C ASN C 429 -13.95 4.43 26.06
N HIS C 430 -13.42 3.69 27.04
CA HIS C 430 -12.77 2.42 26.75
C HIS C 430 -13.72 1.47 26.04
N ALA C 431 -13.21 0.87 24.96
CA ALA C 431 -14.06 0.09 24.07
C ALA C 431 -14.68 -1.12 24.74
N LEU C 432 -14.17 -1.56 25.87
CA LEU C 432 -14.62 -2.80 26.49
C LEU C 432 -15.67 -2.59 27.57
N VAL C 433 -15.98 -1.33 27.91
CA VAL C 433 -17.02 -1.05 28.90
C VAL C 433 -18.35 -1.74 28.56
N PRO C 434 -18.85 -1.71 27.31
CA PRO C 434 -20.11 -2.41 27.03
C PRO C 434 -20.01 -3.90 27.26
N LEU C 435 -18.84 -4.50 26.97
CA LEU C 435 -18.70 -5.93 27.22
C LEU C 435 -18.78 -6.25 28.70
N ILE C 436 -18.21 -5.40 29.55
CA ILE C 436 -18.42 -5.52 30.99
C ILE C 436 -19.89 -5.37 31.34
N ALA C 437 -20.57 -4.40 30.73
CA ALA C 437 -21.99 -4.22 31.07
C ALA C 437 -22.86 -5.38 30.62
N ASP C 438 -22.38 -6.26 29.75
CA ASP C 438 -23.14 -7.46 29.40
C ASP C 438 -22.43 -8.77 29.79
N ASP C 439 -21.72 -8.78 30.93
CA ASP C 439 -21.17 -10.00 31.54
C ASP C 439 -20.28 -10.77 30.58
N TYR C 440 -19.43 -10.07 29.91
CA TYR C 440 -18.49 -10.73 29.04
C TYR C 440 -17.33 -11.29 29.88
N PRO C 441 -16.79 -12.46 29.51
CA PRO C 441 -15.64 -12.99 30.28
C PRO C 441 -14.37 -12.18 30.09
N ILE C 442 -14.01 -11.38 31.10
CA ILE C 442 -12.83 -10.53 31.03
C ILE C 442 -12.06 -10.62 32.33
N VAL C 443 -10.77 -10.27 32.25
CA VAL C 443 -9.93 -10.13 33.42
C VAL C 443 -9.23 -8.79 33.33
N ILE C 444 -8.80 -8.27 34.47
CA ILE C 444 -8.10 -7.00 34.55
C ILE C 444 -6.65 -7.32 34.91
N SER C 445 -5.71 -6.69 34.20
CA SER C 445 -4.30 -6.87 34.49
C SER C 445 -3.56 -5.58 34.17
N SER C 446 -2.28 -5.56 34.53
CA SER C 446 -1.36 -4.49 34.19
C SER C 446 -0.34 -5.03 33.19
N ASP C 447 -0.16 -4.34 32.08
CA ASP C 447 0.76 -4.84 31.04
C ASP C 447 2.21 -4.73 31.52
N ASP C 448 2.67 -3.51 31.77
CA ASP C 448 4.05 -3.24 32.16
C ASP C 448 4.06 -2.22 33.28
N PRO C 449 3.53 -2.58 34.46
CA PRO C 449 3.42 -1.58 35.53
C PRO C 449 4.75 -0.94 35.92
N GLY C 450 5.84 -1.69 35.86
CA GLY C 450 7.14 -1.12 36.21
C GLY C 450 7.61 -0.06 35.25
N ALA C 451 7.15 -0.10 34.00
CA ALA C 451 7.60 0.87 33.01
C ALA C 451 7.06 2.27 33.31
N TRP C 452 5.84 2.35 33.85
CA TRP C 452 5.21 3.64 34.11
C TRP C 452 4.81 3.79 35.58
N GLU C 453 5.55 3.13 36.48
CA GLU C 453 5.47 3.39 37.92
C GLU C 453 4.07 3.16 38.48
N ALA C 454 3.43 2.08 38.06
CA ALA C 454 2.16 1.69 38.65
C ALA C 454 2.37 0.56 39.64
N SER C 455 1.45 0.46 40.60
CA SER C 455 1.45 -0.68 41.48
C SER C 455 1.21 -1.95 40.66
N PRO C 456 1.60 -3.11 41.17
CA PRO C 456 1.44 -4.34 40.38
C PRO C 456 0.04 -4.56 39.81
N LEU C 457 -1.01 -4.43 40.61
CA LEU C 457 -2.35 -4.58 40.08
C LEU C 457 -3.38 -3.62 40.64
N SER C 458 -3.09 -2.88 41.73
CA SER C 458 -4.12 -2.09 42.40
C SER C 458 -4.56 -0.89 41.56
N HIS C 459 -3.62 -0.23 40.89
CA HIS C 459 -3.96 0.95 40.10
C HIS C 459 -4.93 0.60 38.96
N ASP C 460 -4.70 -0.51 38.27
CA ASP C 460 -5.64 -0.87 37.22
C ASP C 460 -6.98 -1.30 37.78
N PHE C 461 -6.98 -1.97 38.94
CA PHE C 461 -8.24 -2.29 39.58
C PHE C 461 -8.99 -1.03 39.97
N TYR C 462 -8.27 -0.03 40.50
CA TYR C 462 -8.88 1.24 40.84
C TYR C 462 -9.46 1.94 39.61
N VAL C 463 -8.68 1.96 38.53
CA VAL C 463 -9.15 2.57 37.28
C VAL C 463 -10.39 1.84 36.75
N ALA C 464 -10.40 0.50 36.81
CA ALA C 464 -11.58 -0.25 36.37
C ALA C 464 -12.80 0.08 37.23
N LEU C 465 -12.59 0.19 38.55
CA LEU C 465 -13.69 0.50 39.45
C LEU C 465 -14.27 1.88 39.17
N MET C 466 -13.41 2.85 38.94
CA MET C 466 -13.87 4.23 38.79
C MET C 466 -14.38 4.54 37.37
N ASP C 467 -13.94 3.79 36.36
CA ASP C 467 -14.17 4.17 34.96
C ASP C 467 -14.90 3.11 34.15
N LEU C 468 -14.66 1.83 34.39
CA LEU C 468 -15.18 0.79 33.51
C LEU C 468 -16.54 0.27 33.92
N CYS C 469 -17.08 0.74 35.04
CA CYS C 469 -18.40 0.33 35.49
C CYS C 469 -19.11 1.54 36.07
N GLY C 470 -20.42 1.40 36.28
CA GLY C 470 -21.28 2.52 36.58
C GLY C 470 -21.35 2.92 38.06
N ARG C 471 -22.15 3.95 38.31
CA ARG C 471 -22.22 4.61 39.60
C ARG C 471 -22.73 3.70 40.71
N ASP C 472 -23.39 2.58 40.36
CA ASP C 472 -23.99 1.68 41.34
C ASP C 472 -23.18 0.40 41.57
N THR C 473 -21.97 0.30 41.02
CA THR C 473 -21.19 -0.94 41.05
C THR C 473 -19.86 -0.67 41.74
N ALA C 474 -19.62 -1.32 42.89
CA ALA C 474 -18.28 -1.29 43.46
C ALA C 474 -17.71 -2.68 43.74
N LEU C 475 -18.30 -3.45 44.66
CA LEU C 475 -17.59 -4.59 45.22
C LEU C 475 -17.92 -5.88 44.51
N THR C 476 -19.16 -6.01 44.05
CA THR C 476 -19.52 -7.18 43.26
C THR C 476 -18.65 -7.27 42.00
N PHE C 477 -18.38 -6.12 41.39
CA PHE C 477 -17.56 -6.09 40.18
C PHE C 477 -16.12 -6.54 40.47
N LEU C 478 -15.50 -5.97 41.51
CA LEU C 478 -14.12 -6.32 41.84
C LEU C 478 -13.98 -7.79 42.25
N LYS C 479 -14.92 -8.28 43.07
CA LYS C 479 -14.88 -9.69 43.48
C LYS C 479 -15.08 -10.62 42.28
N GLN C 480 -15.95 -10.25 41.34
CA GLN C 480 -16.10 -11.08 40.14
C GLN C 480 -14.83 -11.05 39.29
N LEU C 481 -14.15 -9.90 39.21
CA LEU C 481 -12.87 -9.87 38.52
C LEU C 481 -11.87 -10.83 39.16
N ALA C 482 -11.80 -10.81 40.49
CA ALA C 482 -10.89 -11.72 41.18
C ALA C 482 -11.24 -13.17 40.85
N LEU C 483 -12.54 -13.51 40.86
CA LEU C 483 -12.95 -14.87 40.53
C LEU C 483 -12.60 -15.22 39.09
N ASN C 484 -12.82 -14.29 38.16
CA ASN C 484 -12.55 -14.54 36.76
C ASN C 484 -11.07 -14.81 36.52
N SER C 485 -10.20 -14.06 37.22
CA SER C 485 -8.77 -14.23 37.03
C SER C 485 -8.30 -15.63 37.40
N ILE C 486 -9.09 -16.35 38.19
CA ILE C 486 -8.82 -17.75 38.47
C ILE C 486 -9.53 -18.66 37.47
N ARG C 487 -10.79 -18.36 37.17
CA ARG C 487 -11.56 -19.22 36.28
C ARG C 487 -10.94 -19.28 34.89
N TYR C 488 -10.42 -18.15 34.43
CA TYR C 488 -9.88 -18.06 33.08
C TYR C 488 -8.37 -18.06 33.05
N SER C 489 -7.73 -18.43 34.16
CA SER C 489 -6.31 -18.73 34.10
C SER C 489 -6.12 -20.06 33.36
N ALA C 490 -4.87 -20.35 33.02
CA ALA C 490 -4.51 -21.59 32.33
C ALA C 490 -4.20 -22.73 33.30
N MET C 491 -4.60 -22.61 34.57
CA MET C 491 -4.42 -23.69 35.53
C MET C 491 -5.29 -24.89 35.18
N SER C 492 -4.85 -26.07 35.60
CA SER C 492 -5.69 -27.26 35.48
C SER C 492 -6.87 -27.15 36.44
N ASP C 493 -7.82 -28.08 36.28
CA ASP C 493 -9.03 -28.04 37.11
C ASP C 493 -8.70 -28.19 38.60
N THR C 494 -7.83 -29.16 38.93
CA THR C 494 -7.37 -29.33 40.31
C THR C 494 -6.68 -28.08 40.82
N GLU C 495 -5.79 -27.52 40.00
CA GLU C 495 -5.09 -26.30 40.39
C GLU C 495 -6.06 -25.16 40.63
N LYS C 496 -7.11 -25.05 39.82
CA LYS C 496 -8.11 -23.99 40.01
C LYS C 496 -8.86 -24.18 41.30
N VAL C 497 -9.23 -25.42 41.64
CA VAL C 497 -9.92 -25.66 42.90
C VAL C 497 -9.03 -25.24 44.08
N ALA C 498 -7.76 -25.64 44.04
CA ALA C 498 -6.85 -25.26 45.13
C ALA C 498 -6.68 -23.75 45.19
N ALA C 499 -6.54 -23.09 44.03
CA ALA C 499 -6.35 -21.66 43.99
C ALA C 499 -7.56 -20.92 44.56
N LYS C 500 -8.77 -21.37 44.21
CA LYS C 500 -9.96 -20.74 44.76
C LYS C 500 -10.04 -20.91 46.27
N ALA C 501 -9.66 -22.08 46.80
CA ALA C 501 -9.67 -22.24 48.26
C ALA C 501 -8.69 -21.27 48.93
N LYS C 502 -7.47 -21.20 48.39
CA LYS C 502 -6.46 -20.30 48.97
C LYS C 502 -6.92 -18.85 48.91
N TRP C 503 -7.49 -18.44 47.78
CA TRP C 503 -7.99 -17.09 47.63
C TRP C 503 -9.17 -16.82 48.56
N THR C 504 -10.05 -17.79 48.74
CA THR C 504 -11.19 -17.59 49.65
C THR C 504 -10.69 -17.31 51.06
N THR C 505 -9.67 -18.05 51.49
CA THR C 505 -9.03 -17.79 52.78
C THR C 505 -8.54 -16.35 52.87
N GLN C 506 -7.79 -15.91 51.85
CA GLN C 506 -7.26 -14.54 51.91
C GLN C 506 -8.38 -13.49 51.88
N TRP C 507 -9.41 -13.72 51.07
CA TRP C 507 -10.49 -12.75 50.93
C TRP C 507 -11.25 -12.60 52.22
N ASP C 508 -11.53 -13.72 52.89
CA ASP C 508 -12.23 -13.67 54.17
C ASP C 508 -11.40 -12.89 55.19
N LYS C 509 -10.10 -13.16 55.25
CA LYS C 509 -9.24 -12.39 56.15
C LYS C 509 -9.32 -10.90 55.86
N PHE C 510 -9.27 -10.53 54.57
CA PHE C 510 -9.28 -9.12 54.20
C PHE C 510 -10.58 -8.43 54.58
N VAL C 511 -11.72 -9.06 54.29
CA VAL C 511 -13.01 -8.46 54.65
C VAL C 511 -13.14 -8.29 56.16
N LYS C 512 -12.85 -9.37 56.90
CA LYS C 512 -12.99 -9.31 58.36
C LYS C 512 -12.12 -8.22 58.94
N THR C 513 -10.85 -8.16 58.50
CA THR C 513 -9.92 -7.16 59.01
C THR C 513 -10.34 -5.74 58.65
N SER C 514 -10.78 -5.54 57.41
CA SER C 514 -11.16 -4.20 56.98
C SER C 514 -12.38 -3.71 57.75
N VAL C 515 -13.39 -4.56 57.88
CA VAL C 515 -14.60 -4.17 58.61
C VAL C 515 -14.27 -3.87 60.07
N GLU C 516 -13.45 -4.71 60.71
CA GLU C 516 -13.09 -4.42 62.09
C GLU C 516 -12.32 -3.11 62.20
N GLY C 517 -11.57 -2.75 61.17
CA GLY C 517 -10.89 -1.46 61.19
C GLY C 517 -11.74 -0.26 60.84
N LEU C 518 -12.94 -0.48 60.29
CA LEU C 518 -13.79 0.63 59.88
C LEU C 518 -15.02 0.84 60.76
N LYS C 519 -15.60 -0.22 61.33
CA LYS C 519 -16.83 -0.12 62.09
C LYS C 519 -16.57 0.14 63.58
N PRO C 520 -17.49 0.81 64.26
CA PRO C 520 -17.33 1.06 65.71
C PRO C 520 -17.33 -0.23 66.52
N HIS C 521 -16.66 -0.18 67.66
CA HIS C 521 -16.62 -1.30 68.61
C HIS C 521 -17.81 -1.21 69.57
N LEU D 28 -7.58 -29.36 0.26
CA LEU D 28 -6.76 -30.51 0.59
C LEU D 28 -5.67 -30.13 1.61
N THR D 29 -5.03 -28.98 1.43
CA THR D 29 -4.00 -28.55 2.35
C THR D 29 -4.63 -28.02 3.63
N SER D 30 -3.97 -28.27 4.76
CA SER D 30 -4.44 -27.72 6.04
C SER D 30 -4.43 -26.19 6.02
N LYS D 31 -3.44 -25.59 5.36
CA LYS D 31 -3.42 -24.14 5.21
C LYS D 31 -4.62 -23.66 4.39
N ALA D 32 -4.98 -24.41 3.34
CA ALA D 32 -6.13 -24.03 2.52
C ALA D 32 -7.45 -24.23 3.26
N ALA D 33 -7.58 -25.32 4.02
CA ALA D 33 -8.77 -25.51 4.83
C ALA D 33 -8.92 -24.39 5.85
N TYR D 34 -7.82 -24.02 6.49
CA TYR D 34 -7.84 -22.90 7.42
C TYR D 34 -8.28 -21.62 6.73
N LEU D 35 -7.73 -21.35 5.54
CA LEU D 35 -8.09 -20.12 4.85
C LEU D 35 -9.57 -20.12 4.49
N LEU D 36 -10.11 -21.29 4.14
CA LEU D 36 -11.53 -21.39 3.85
C LEU D 36 -12.36 -21.03 5.07
N LYS D 37 -11.97 -21.58 6.23
CA LYS D 37 -12.68 -21.27 7.47
C LYS D 37 -12.55 -19.78 7.81
N ARG D 38 -11.37 -19.21 7.59
CA ARG D 38 -11.14 -17.79 7.88
C ARG D 38 -12.00 -16.90 7.00
N ASN D 39 -12.11 -17.23 5.72
CA ASN D 39 -12.94 -16.45 4.82
C ASN D 39 -14.41 -16.53 5.25
N SER D 40 -14.89 -17.74 5.58
CA SER D 40 -16.28 -17.86 6.01
C SER D 40 -16.53 -17.02 7.24
N LEU D 41 -15.60 -17.05 8.21
CA LEU D 41 -15.76 -16.29 9.43
C LEU D 41 -15.77 -14.78 9.18
N ILE D 42 -14.87 -14.28 8.33
CA ILE D 42 -14.81 -12.85 8.09
C ILE D 42 -16.03 -12.36 7.34
N GLU D 43 -16.50 -13.11 6.34
CA GLU D 43 -17.71 -12.70 5.63
C GLU D 43 -18.92 -12.80 6.54
N GLU D 44 -18.96 -13.82 7.39
CA GLU D 44 -20.00 -13.97 8.39
C GLU D 44 -20.07 -12.75 9.29
N ASP D 45 -18.90 -12.25 9.73
CA ASP D 45 -18.88 -11.06 10.59
C ASP D 45 -19.25 -9.80 9.82
N ALA D 46 -18.72 -9.63 8.61
CA ALA D 46 -18.92 -8.40 7.87
C ALA D 46 -20.32 -8.29 7.28
N SER D 47 -21.05 -9.39 7.17
CA SER D 47 -22.38 -9.37 6.59
C SER D 47 -23.42 -8.78 7.53
N ARG D 48 -23.03 -8.38 8.74
CA ARG D 48 -23.96 -7.86 9.71
C ARG D 48 -23.88 -6.34 9.87
N LYS D 49 -23.06 -5.67 9.08
CA LYS D 49 -22.90 -4.23 9.26
C LYS D 49 -24.04 -3.47 8.57
N LEU D 50 -24.13 -2.19 8.88
CA LEU D 50 -25.11 -1.32 8.23
C LEU D 50 -24.76 -1.17 6.76
N GLY D 51 -25.77 -1.34 5.90
CA GLY D 51 -25.60 -1.26 4.46
C GLY D 51 -25.12 -2.54 3.82
N ALA D 52 -24.92 -3.61 4.59
CA ALA D 52 -24.45 -4.88 4.03
C ALA D 52 -25.49 -5.53 3.10
N LYS D 53 -26.76 -5.16 3.21
CA LYS D 53 -27.75 -5.72 2.29
C LYS D 53 -28.00 -4.83 1.07
N ILE D 54 -27.29 -3.72 0.95
CA ILE D 54 -27.45 -2.89 -0.23
C ILE D 54 -26.76 -3.59 -1.40
N VAL D 55 -27.48 -3.75 -2.50
CA VAL D 55 -26.92 -4.29 -3.74
C VAL D 55 -26.66 -3.13 -4.70
N LEU D 56 -25.44 -3.07 -5.20
CA LEU D 56 -25.03 -1.96 -6.06
C LEU D 56 -25.06 -2.39 -7.52
N THR D 57 -25.50 -1.47 -8.37
CA THR D 57 -25.36 -1.62 -9.81
C THR D 57 -23.89 -1.40 -10.19
N ASN D 58 -23.57 -1.66 -11.47
CA ASN D 58 -22.19 -1.58 -11.91
C ASN D 58 -21.63 -0.15 -11.81
N GLU D 59 -22.44 0.85 -12.17
CA GLU D 59 -22.01 2.24 -12.05
C GLU D 59 -21.85 2.67 -10.60
N GLU D 60 -22.79 2.25 -9.76
CA GLU D 60 -22.61 2.44 -8.33
C GLU D 60 -21.29 1.80 -7.88
N LYS D 61 -20.95 0.64 -8.46
CA LYS D 61 -19.69 0.01 -8.08
C LYS D 61 -18.50 0.85 -8.50
N VAL D 62 -18.59 1.52 -9.66
CA VAL D 62 -17.52 2.43 -10.06
C VAL D 62 -17.28 3.48 -8.96
N LEU D 63 -18.37 4.10 -8.52
CA LEU D 63 -18.25 5.13 -7.47
C LEU D 63 -17.67 4.53 -6.19
N ASP D 64 -18.09 3.30 -5.87
CA ASP D 64 -17.62 2.61 -4.67
C ASP D 64 -16.11 2.40 -4.72
N ASP D 65 -15.60 1.98 -5.88
CA ASP D 65 -14.16 1.78 -6.02
C ASP D 65 -13.40 3.09 -5.87
N PHE D 66 -13.92 4.18 -6.43
CA PHE D 66 -13.23 5.47 -6.28
C PHE D 66 -13.09 5.86 -4.81
N ILE D 67 -14.21 5.82 -4.08
CA ILE D 67 -14.18 6.24 -2.68
C ILE D 67 -13.29 5.30 -1.88
N LEU D 68 -13.43 3.99 -2.12
CA LEU D 68 -12.63 3.01 -1.38
C LEU D 68 -11.16 3.22 -1.62
N ALA D 69 -10.78 3.59 -2.85
CA ALA D 69 -9.36 3.79 -3.17
C ALA D 69 -8.79 4.93 -2.35
N GLU D 70 -9.50 6.07 -2.31
CA GLU D 70 -8.93 7.18 -1.53
C GLU D 70 -8.92 6.87 -0.03
N LYS D 71 -9.99 6.23 0.46
CA LYS D 71 -10.06 5.89 1.88
C LYS D 71 -8.93 4.94 2.28
N ARG D 72 -8.70 3.91 1.46
CA ARG D 72 -7.65 2.95 1.75
C ARG D 72 -6.27 3.59 1.67
N LYS D 73 -6.05 4.49 0.70
CA LYS D 73 -4.77 5.19 0.67
C LYS D 73 -4.52 5.93 1.98
N LEU D 74 -5.52 6.65 2.49
CA LEU D 74 -5.31 7.34 3.76
C LEU D 74 -5.07 6.37 4.92
N ILE D 75 -5.88 5.31 5.02
CA ILE D 75 -5.74 4.40 6.15
C ILE D 75 -4.37 3.70 6.12
N ASP D 76 -3.99 3.19 4.95
CA ASP D 76 -2.74 2.43 4.83
C ASP D 76 -1.52 3.33 5.02
N ASP D 77 -1.58 4.55 4.49
CA ASP D 77 -0.50 5.50 4.75
C ASP D 77 -0.36 5.81 6.23
N SER D 78 -1.48 6.04 6.91
CA SER D 78 -1.40 6.36 8.33
C SER D 78 -0.86 5.17 9.14
N ARG D 79 -1.29 3.94 8.79
CA ARG D 79 -0.94 2.76 9.58
C ARG D 79 0.51 2.31 9.36
N LEU D 80 0.95 2.22 8.10
CA LEU D 80 2.26 1.62 7.85
C LEU D 80 3.38 2.65 7.87
N ASN D 81 3.12 3.87 7.42
CA ASN D 81 4.11 4.91 7.55
C ASN D 81 4.02 5.61 8.89
N GLN D 82 3.09 5.20 9.77
CA GLN D 82 3.03 5.67 11.15
C GLN D 82 2.91 7.19 11.21
N THR D 83 1.91 7.71 10.51
CA THR D 83 1.61 9.13 10.44
C THR D 83 0.21 9.37 10.99
N GLU D 84 -0.13 10.63 11.19
CA GLU D 84 -1.44 10.96 11.76
C GLU D 84 -2.54 10.65 10.76
N TYR D 85 -3.67 10.16 11.28
CA TYR D 85 -4.84 9.88 10.44
C TYR D 85 -5.76 11.10 10.48
N MET D 86 -5.65 11.97 9.47
CA MET D 86 -6.30 13.27 9.51
C MET D 86 -7.81 13.24 9.70
N PRO D 87 -8.57 12.34 9.07
CA PRO D 87 -10.04 12.40 9.24
C PRO D 87 -10.50 12.20 10.67
N ALA D 88 -9.67 11.64 11.54
CA ALA D 88 -10.05 11.43 12.94
C ALA D 88 -9.54 12.53 13.86
N ALA D 89 -8.82 13.52 13.34
CA ALA D 89 -8.33 14.59 14.19
C ALA D 89 -9.44 15.59 14.48
N SER D 90 -9.11 16.62 15.27
CA SER D 90 -10.07 17.68 15.56
C SER D 90 -10.57 18.34 14.28
N PHE D 91 -11.87 18.68 14.27
CA PHE D 91 -12.43 19.27 13.07
C PHE D 91 -11.71 20.56 12.70
N TYR D 92 -11.24 21.32 13.70
CA TYR D 92 -10.48 22.53 13.43
C TYR D 92 -9.28 22.25 12.54
N ARG D 93 -8.63 21.11 12.73
CA ARG D 93 -7.43 20.80 11.96
C ARG D 93 -7.73 20.01 10.69
N SER D 94 -8.78 19.20 10.71
CA SER D 94 -9.07 18.33 9.58
C SER D 94 -9.96 18.96 8.52
N LYS D 95 -10.59 20.10 8.80
CA LYS D 95 -11.59 20.64 7.87
C LYS D 95 -10.96 20.97 6.52
N ASP D 96 -9.80 21.64 6.53
CA ASP D 96 -9.14 22.00 5.27
C ASP D 96 -8.66 20.78 4.51
N PHE D 97 -8.06 19.82 5.21
CA PHE D 97 -7.66 18.58 4.57
C PHE D 97 -8.85 17.87 3.92
N ILE D 98 -9.99 17.83 4.63
CA ILE D 98 -11.20 17.25 4.06
C ILE D 98 -11.59 17.99 2.79
N ASP D 99 -11.55 19.32 2.82
CA ASP D 99 -11.96 20.10 1.66
C ASP D 99 -10.99 19.97 0.50
N THR D 100 -9.81 19.37 0.69
CA THR D 100 -8.91 19.10 -0.43
C THR D 100 -8.91 17.64 -0.88
N THR D 101 -9.98 16.88 -0.63
CA THR D 101 -10.03 15.48 -1.04
C THR D 101 -11.08 15.26 -2.12
N PHE D 102 -10.86 14.22 -2.94
CA PHE D 102 -11.81 13.88 -3.98
C PHE D 102 -13.08 13.25 -3.41
N ALA D 103 -12.94 12.41 -2.39
CA ALA D 103 -14.10 11.77 -1.79
C ALA D 103 -15.07 12.78 -1.22
N TYR D 104 -14.56 13.91 -0.71
CA TYR D 104 -15.46 14.93 -0.19
C TYR D 104 -16.28 15.55 -1.30
N LYS D 105 -15.72 15.69 -2.49
CA LYS D 105 -16.51 16.19 -3.61
C LYS D 105 -17.60 15.20 -3.97
N ILE D 106 -17.28 13.90 -3.93
CA ILE D 106 -18.31 12.88 -4.15
C ILE D 106 -19.42 13.04 -3.12
N ILE D 107 -19.07 13.24 -1.86
CA ILE D 107 -20.10 13.35 -0.83
C ILE D 107 -20.88 14.65 -0.95
N GLN D 108 -20.23 15.75 -1.34
CA GLN D 108 -20.95 16.98 -1.60
C GLN D 108 -22.03 16.77 -2.66
N ASP D 109 -21.68 16.06 -3.74
CA ASP D 109 -22.66 15.86 -4.81
C ASP D 109 -23.73 14.82 -4.46
N MET D 110 -23.48 13.99 -3.47
CA MET D 110 -24.39 12.88 -3.20
C MET D 110 -25.65 13.39 -2.51
N PRO D 111 -26.84 13.00 -2.99
CA PRO D 111 -28.07 13.34 -2.27
C PRO D 111 -28.24 12.52 -1.00
N LYS D 112 -27.98 13.13 0.16
CA LYS D 112 -27.89 12.37 1.39
C LYS D 112 -29.24 12.10 2.03
N GLY D 113 -30.32 12.57 1.44
CA GLY D 113 -31.66 12.33 1.99
C GLY D 113 -32.07 13.41 2.97
N GLY D 114 -32.30 13.02 4.22
CA GLY D 114 -32.84 13.93 5.22
C GLY D 114 -31.88 14.15 6.37
N ALA D 115 -31.84 15.40 6.85
CA ALA D 115 -31.16 15.76 8.09
C ALA D 115 -32.21 15.75 9.19
N LEU D 116 -32.12 14.79 10.10
CA LEU D 116 -33.19 14.62 11.07
C LEU D 116 -32.92 15.29 12.41
N HIS D 117 -31.74 15.88 12.61
CA HIS D 117 -31.37 16.45 13.90
C HIS D 117 -30.72 17.82 13.70
N LEU D 118 -31.50 18.89 13.83
CA LEU D 118 -31.02 20.25 13.65
C LEU D 118 -31.63 21.18 14.68
N HIS D 119 -30.89 22.21 15.04
CA HIS D 119 -31.38 23.29 15.89
C HIS D 119 -31.39 24.55 15.05
N ASP D 120 -32.56 25.20 14.96
CA ASP D 120 -32.77 26.24 13.95
C ASP D 120 -31.80 27.41 14.11
N THR D 121 -31.52 27.84 15.34
CA THR D 121 -30.67 29.02 15.53
C THR D 121 -29.20 28.78 15.23
N ALA D 122 -28.78 27.55 14.89
CA ALA D 122 -27.38 27.32 14.53
C ALA D 122 -27.26 26.47 13.27
N SER D 123 -28.24 26.54 12.38
CA SER D 123 -28.26 25.69 11.20
C SER D 123 -27.90 26.42 9.91
N ALA D 124 -27.53 27.69 9.99
CA ALA D 124 -27.18 28.45 8.81
C ALA D 124 -25.87 29.18 9.05
N ARG D 125 -25.34 29.71 7.97
CA ARG D 125 -24.03 30.32 8.01
C ARG D 125 -23.99 31.55 8.90
N ILE D 126 -22.93 31.63 9.70
CA ILE D 126 -22.62 32.86 10.40
C ILE D 126 -22.31 33.96 9.39
N ASP D 127 -21.77 33.55 8.25
CA ASP D 127 -21.44 34.52 7.21
C ASP D 127 -22.67 35.30 6.80
N TRP D 128 -23.81 34.61 6.68
CA TRP D 128 -25.05 35.30 6.36
C TRP D 128 -25.48 36.23 7.48
N ILE D 129 -25.30 35.80 8.74
CA ILE D 129 -25.67 36.65 9.87
C ILE D 129 -24.89 37.95 9.82
N VAL D 130 -23.61 37.88 9.46
CA VAL D 130 -22.77 39.07 9.42
C VAL D 130 -23.07 39.91 8.19
N SER D 131 -23.05 39.29 7.01
CA SER D 131 -23.10 40.03 5.76
C SER D 131 -24.50 40.51 5.41
N ASN D 132 -25.54 39.92 5.99
CA ASN D 132 -26.91 40.32 5.73
C ASN D 132 -27.57 40.97 6.95
N ALA D 133 -27.61 40.27 8.09
CA ALA D 133 -28.42 40.74 9.21
C ALA D 133 -27.83 42.00 9.85
N THR D 134 -26.52 42.03 10.06
CA THR D 134 -25.92 43.23 10.67
C THR D 134 -25.77 44.37 9.67
N TYR D 135 -26.34 44.24 8.48
CA TYR D 135 -26.45 45.34 7.53
C TYR D 135 -27.85 45.94 7.47
N ARG D 136 -28.79 45.40 8.25
CA ARG D 136 -30.12 45.98 8.38
C ARG D 136 -30.13 47.07 9.45
N ASP D 137 -31.17 47.90 9.41
CA ASP D 137 -31.27 49.01 10.35
C ASP D 137 -31.60 48.51 11.76
N HIS D 138 -31.29 49.36 12.75
CA HIS D 138 -31.63 49.14 14.16
C HIS D 138 -30.87 47.97 14.79
N VAL D 139 -29.68 47.66 14.28
CA VAL D 139 -28.84 46.59 14.81
C VAL D 139 -27.76 47.19 15.70
N TYR D 140 -27.71 46.71 16.93
CA TYR D 140 -26.77 47.20 17.92
C TYR D 140 -25.82 46.07 18.30
N MET D 141 -24.60 46.46 18.63
CA MET D 141 -23.57 45.55 19.08
C MET D 141 -22.97 46.06 20.38
N CYS D 142 -22.41 45.14 21.15
CA CYS D 142 -21.67 45.51 22.34
C CYS D 142 -20.70 44.40 22.73
N MET D 143 -19.71 44.74 23.53
CA MET D 143 -18.78 43.76 24.09
C MET D 143 -19.18 43.48 25.53
N ASP D 144 -19.52 42.22 25.81
CA ASP D 144 -20.04 41.88 27.14
C ASP D 144 -18.89 41.67 28.13
N GLN D 145 -19.26 41.28 29.35
CA GLN D 145 -18.31 41.18 30.44
C GLN D 145 -17.23 40.12 30.17
N ASP D 146 -17.54 39.14 29.34
CA ASP D 146 -16.61 38.09 29.02
C ASP D 146 -15.82 38.39 27.74
N ASN D 147 -15.89 39.62 27.25
CA ASN D 147 -15.17 40.06 26.07
C ASN D 147 -15.66 39.30 24.82
N PHE D 148 -16.98 39.11 24.75
CA PHE D 148 -17.65 38.53 23.59
C PHE D 148 -18.60 39.55 22.99
N VAL D 149 -18.71 39.56 21.67
CA VAL D 149 -19.61 40.49 21.00
C VAL D 149 -21.03 39.95 21.10
N ARG D 150 -21.96 40.84 21.47
CA ARG D 150 -23.39 40.61 21.55
C ARG D 150 -24.07 41.46 20.49
N LEU D 151 -25.05 40.86 19.80
CA LEU D 151 -25.82 41.53 18.77
C LEU D 151 -27.30 41.54 19.14
N THR D 152 -27.96 42.68 18.94
CA THR D 152 -29.39 42.75 19.22
C THR D 152 -30.06 43.76 18.29
N VAL D 153 -31.38 43.70 18.25
CA VAL D 153 -32.19 44.63 17.47
C VAL D 153 -33.06 45.41 18.44
N SER D 154 -33.03 46.74 18.34
CA SER D 154 -33.88 47.59 19.17
C SER D 154 -34.38 48.75 18.32
N GLY D 155 -35.70 48.84 18.16
CA GLY D 155 -36.28 49.84 17.28
C GLY D 155 -36.63 51.16 17.91
N THR D 156 -36.69 51.21 19.24
CA THR D 156 -37.16 52.38 19.98
C THR D 156 -36.01 53.10 20.68
N GLY D 157 -34.84 53.15 20.04
CA GLY D 157 -33.67 53.70 20.67
C GLY D 157 -32.74 52.59 21.09
N PRO D 158 -31.63 52.93 21.73
CA PRO D 158 -30.66 51.91 22.16
C PRO D 158 -31.30 50.89 23.07
N PRO D 159 -30.73 49.68 23.17
CA PRO D 159 -31.36 48.63 23.98
C PRO D 159 -31.46 49.04 25.45
N ALA D 160 -32.50 48.54 26.12
CA ALA D 160 -32.78 48.97 27.48
C ALA D 160 -31.82 48.38 28.52
N ASN D 161 -30.91 47.50 28.12
CA ASN D 161 -29.90 46.98 29.05
C ASN D 161 -28.68 47.87 28.92
N SER D 162 -28.47 48.74 29.89
CA SER D 162 -27.33 49.65 29.91
C SER D 162 -26.12 49.04 30.58
N GLY D 163 -26.24 47.80 31.06
CA GLY D 163 -25.07 47.12 31.60
C GLY D 163 -24.03 46.90 30.53
N CYS D 164 -24.43 46.86 29.27
CA CYS D 164 -23.55 46.83 28.13
C CYS D 164 -23.59 48.20 27.45
N GLU D 165 -22.50 48.58 26.79
CA GLU D 165 -22.45 49.85 26.07
C GLU D 165 -22.75 49.55 24.60
N TRP D 166 -24.01 49.77 24.22
CA TRP D 166 -24.50 49.40 22.91
C TRP D 166 -24.18 50.47 21.88
N LYS D 167 -23.62 50.06 20.74
CA LYS D 167 -23.35 50.95 19.61
C LYS D 167 -24.07 50.43 18.38
N LEU D 168 -24.45 51.36 17.53
CA LEU D 168 -25.05 51.01 16.26
C LEU D 168 -24.02 50.29 15.40
N VAL D 169 -24.39 49.16 14.81
CA VAL D 169 -23.42 48.37 14.05
C VAL D 169 -22.94 49.15 12.84
N GLU D 170 -23.85 49.91 12.21
CA GLU D 170 -23.43 50.70 11.04
C GLU D 170 -22.36 51.72 11.43
N THR D 171 -22.48 52.34 12.61
CA THR D 171 -21.49 53.32 13.04
C THR D 171 -20.12 52.68 13.26
N GLU D 172 -20.09 51.51 13.91
CA GLU D 172 -18.81 50.84 14.13
C GLU D 172 -18.19 50.34 12.84
N ARG D 173 -19.01 49.78 11.93
CA ARG D 173 -18.48 49.34 10.66
C ARG D 173 -17.92 50.52 9.86
N ALA D 174 -18.63 51.65 9.85
CA ALA D 174 -18.15 52.83 9.12
C ALA D 174 -16.87 53.40 9.74
N ASN D 175 -16.81 53.46 11.07
CA ASN D 175 -15.63 54.00 11.72
C ASN D 175 -14.49 52.99 11.80
N SER D 176 -14.68 51.75 11.34
CA SER D 176 -13.60 50.77 11.44
C SER D 176 -12.41 51.17 10.58
N GLY D 177 -12.66 51.63 9.35
CA GLY D 177 -11.61 51.91 8.40
C GLY D 177 -11.22 50.75 7.51
N ASP D 178 -11.57 49.52 7.89
CA ASP D 178 -11.41 48.34 7.03
C ASP D 178 -12.69 47.51 7.23
N ILE D 179 -13.64 47.68 6.32
CA ILE D 179 -14.94 47.03 6.48
C ILE D 179 -14.79 45.51 6.42
N ALA D 180 -13.96 45.01 5.50
CA ALA D 180 -13.75 43.57 5.43
C ALA D 180 -13.16 43.04 6.73
N ALA D 181 -12.18 43.77 7.29
CA ALA D 181 -11.59 43.37 8.56
C ALA D 181 -12.62 43.39 9.68
N PHE D 182 -13.50 44.40 9.68
CA PHE D 182 -14.54 44.47 10.70
C PHE D 182 -15.45 43.24 10.64
N ASP D 183 -15.95 42.92 9.42
CA ASP D 183 -16.86 41.79 9.27
C ASP D 183 -16.17 40.46 9.59
N HIS D 184 -14.90 40.32 9.19
CA HIS D 184 -14.16 39.11 9.51
C HIS D 184 -13.95 38.97 11.02
N TRP D 185 -13.66 40.08 11.71
CA TRP D 185 -13.52 40.03 13.16
C TRP D 185 -14.83 39.65 13.80
N LEU D 186 -15.93 40.19 13.27
CA LEU D 186 -17.26 39.89 13.80
C LEU D 186 -17.55 38.40 13.70
N LYS D 187 -17.33 37.81 12.52
CA LYS D 187 -17.56 36.37 12.37
C LYS D 187 -16.62 35.57 13.26
N SER D 188 -15.36 36.01 13.37
CA SER D 188 -14.41 35.31 14.21
C SER D 188 -14.80 35.36 15.68
N ASN D 189 -15.43 36.45 16.13
CA ASN D 189 -15.84 36.58 17.52
C ASN D 189 -17.09 35.78 17.84
N ILE D 190 -17.74 35.22 16.82
CA ILE D 190 -18.96 34.44 17.02
C ILE D 190 -18.73 32.95 16.82
N SER D 191 -17.82 32.55 15.94
CA SER D 191 -17.65 31.16 15.54
C SER D 191 -16.91 30.35 16.61
N LEU D 192 -17.23 29.05 16.66
CA LEU D 192 -16.51 28.12 17.51
C LEU D 192 -15.25 27.57 16.84
N LEU D 193 -15.05 27.88 15.57
CA LEU D 193 -13.89 27.36 14.84
C LEU D 193 -12.84 28.43 14.59
N THR D 194 -12.92 29.56 15.27
CA THR D 194 -11.87 30.57 15.13
C THR D 194 -10.53 30.02 15.66
N THR D 195 -10.57 29.29 16.76
CA THR D 195 -9.43 28.54 17.27
C THR D 195 -9.81 27.06 17.38
N ASP D 196 -8.84 26.21 17.70
CA ASP D 196 -9.15 24.79 17.92
C ASP D 196 -9.88 24.65 19.25
N PRO D 197 -11.15 24.21 19.25
CA PRO D 197 -11.88 24.10 20.53
C PRO D 197 -11.25 23.14 21.50
N LEU D 198 -10.67 22.05 21.00
CA LEU D 198 -10.04 21.05 21.86
C LEU D 198 -8.81 21.59 22.56
N VAL D 199 -8.22 22.66 22.05
CA VAL D 199 -7.08 23.31 22.69
C VAL D 199 -7.52 24.49 23.53
N THR D 200 -8.39 25.35 22.99
CA THR D 200 -8.78 26.58 23.66
C THR D 200 -9.78 26.35 24.80
N TYR D 201 -10.63 25.33 24.68
CA TYR D 201 -11.64 25.00 25.69
C TYR D 201 -11.50 23.52 26.05
N PRO D 202 -10.42 23.16 26.72
CA PRO D 202 -10.08 21.74 26.91
C PRO D 202 -10.79 21.06 28.07
N SER D 203 -12.10 21.27 28.18
CA SER D 203 -12.92 20.53 29.12
C SER D 203 -14.37 20.61 28.70
N LEU D 204 -15.18 19.69 29.24
CA LEU D 204 -16.59 19.67 28.90
C LEU D 204 -17.26 20.97 29.33
N ASP D 205 -16.95 21.41 30.55
CA ASP D 205 -17.53 22.64 31.06
C ASP D 205 -17.13 23.84 30.22
N LYS D 206 -15.84 23.92 29.83
CA LYS D 206 -15.38 25.11 29.13
C LYS D 206 -15.95 25.18 27.71
N VAL D 207 -15.95 24.07 26.98
CA VAL D 207 -16.48 24.13 25.63
C VAL D 207 -17.98 24.38 25.70
N TRP D 208 -18.66 23.85 26.71
CA TRP D 208 -20.07 24.13 26.84
C TRP D 208 -20.32 25.58 27.22
N GLY D 209 -19.42 26.18 27.99
CA GLY D 209 -19.51 27.62 28.24
C GLY D 209 -19.42 28.42 26.96
N ARG D 210 -18.47 28.06 26.09
CA ARG D 210 -18.36 28.76 24.81
C ARG D 210 -19.61 28.55 23.94
N PHE D 211 -20.16 27.34 23.96
CA PHE D 211 -21.34 27.02 23.17
C PHE D 211 -22.54 27.87 23.60
N ASP D 212 -22.80 27.86 24.92
CA ASP D 212 -23.88 28.69 25.44
C ASP D 212 -23.64 30.16 25.11
N LYS D 213 -22.39 30.60 25.23
CA LYS D 213 -22.06 31.98 24.91
C LYS D 213 -22.42 32.31 23.47
N HIS D 214 -22.16 31.39 22.56
CA HIS D 214 -22.52 31.58 21.15
C HIS D 214 -24.01 31.87 20.99
N PHE D 215 -24.84 31.03 21.61
CA PHE D 215 -26.27 31.25 21.45
C PHE D 215 -26.71 32.58 22.06
N SER D 216 -26.13 32.95 23.20
CA SER D 216 -26.53 34.22 23.80
C SER D 216 -25.97 35.40 23.01
N GLN D 217 -24.88 35.20 22.27
CA GLN D 217 -24.36 36.26 21.41
C GLN D 217 -25.33 36.55 20.28
N LEU D 218 -25.98 35.52 19.74
CA LEU D 218 -26.88 35.77 18.61
C LEU D 218 -28.34 35.94 19.02
N ARG D 219 -28.66 35.77 20.31
CA ARG D 219 -30.06 35.78 20.75
C ARG D 219 -30.82 37.02 20.29
N GLY D 220 -30.26 38.21 20.54
CA GLY D 220 -31.02 39.43 20.34
C GLY D 220 -31.32 39.74 18.90
N ILE D 221 -30.47 39.29 17.98
CA ILE D 221 -30.65 39.68 16.59
C ILE D 221 -31.36 38.57 15.84
N ILE D 222 -31.22 37.32 16.30
CA ILE D 222 -31.80 36.23 15.51
C ILE D 222 -33.26 35.96 15.86
N TYR D 223 -33.81 36.60 16.90
CA TYR D 223 -35.22 36.46 17.21
C TYR D 223 -36.07 37.62 16.72
N HIS D 224 -35.49 38.59 16.01
CA HIS D 224 -36.26 39.63 15.33
C HIS D 224 -36.93 39.03 14.11
N THR D 225 -38.27 39.13 14.04
CA THR D 225 -39.07 38.34 13.11
C THR D 225 -38.60 38.37 11.65
N PRO D 226 -38.38 39.53 11.02
CA PRO D 226 -37.95 39.48 9.60
C PRO D 226 -36.64 38.75 9.42
N ILE D 227 -35.71 38.98 10.33
CA ILE D 227 -34.41 38.31 10.29
C ILE D 227 -34.59 36.81 10.50
N ARG D 228 -35.48 36.41 11.41
CA ARG D 228 -35.69 34.99 11.68
C ARG D 228 -36.30 34.29 10.47
N ARG D 229 -37.26 34.96 9.82
CA ARG D 229 -37.84 34.43 8.59
C ARG D 229 -36.77 34.22 7.53
N ASP D 230 -35.95 35.24 7.31
CA ASP D 230 -34.88 35.12 6.30
C ASP D 230 -33.84 34.10 6.69
N TYR D 231 -33.54 33.96 7.98
CA TYR D 231 -32.58 32.96 8.44
C TYR D 231 -33.09 31.54 8.18
N TYR D 232 -34.37 31.29 8.45
CA TYR D 232 -34.93 29.97 8.15
C TYR D 232 -34.89 29.69 6.64
N ARG D 233 -35.19 30.71 5.83
CA ARG D 233 -35.04 30.54 4.39
C ARG D 233 -33.59 30.19 4.03
N GLN D 234 -32.63 30.85 4.68
CA GLN D 234 -31.23 30.52 4.45
C GLN D 234 -30.92 29.08 4.81
N ILE D 235 -31.53 28.57 5.87
CA ILE D 235 -31.34 27.17 6.24
C ILE D 235 -31.79 26.27 5.09
N LEU D 236 -32.99 26.50 4.58
CA LEU D 236 -33.48 25.65 3.50
C LEU D 236 -32.57 25.72 2.27
N GLU D 237 -32.11 26.92 1.93
CA GLU D 237 -31.24 27.07 0.77
C GLU D 237 -29.91 26.35 0.97
N GLU D 238 -29.26 26.54 2.11
CA GLU D 238 -27.96 25.91 2.32
C GLU D 238 -28.10 24.39 2.33
N PHE D 239 -29.16 23.85 2.94
CA PHE D 239 -29.31 22.40 2.95
C PHE D 239 -29.65 21.85 1.58
N ARG D 240 -30.44 22.57 0.79
CA ARG D 240 -30.66 22.11 -0.57
C ARG D 240 -29.37 22.13 -1.38
N SER D 241 -28.56 23.19 -1.21
CA SER D 241 -27.33 23.31 -1.99
C SER D 241 -26.34 22.23 -1.65
N ASP D 242 -26.38 21.70 -0.43
CA ASP D 242 -25.56 20.54 -0.08
C ASP D 242 -26.26 19.23 -0.44
N ASN D 243 -27.30 19.29 -1.27
CA ASN D 243 -27.99 18.11 -1.78
C ASN D 243 -28.68 17.30 -0.68
N VAL D 244 -29.27 18.00 0.28
CA VAL D 244 -30.16 17.42 1.27
C VAL D 244 -31.56 17.87 0.91
N GLN D 245 -32.50 16.91 0.85
CA GLN D 245 -33.83 17.23 0.39
C GLN D 245 -34.86 17.36 1.52
N TYR D 246 -34.52 16.95 2.74
CA TYR D 246 -35.48 16.91 3.83
C TYR D 246 -34.82 17.30 5.14
N VAL D 247 -35.50 18.12 5.93
CA VAL D 247 -35.00 18.50 7.25
C VAL D 247 -36.14 18.45 8.26
N GLU D 248 -35.85 17.92 9.44
CA GLU D 248 -36.70 18.08 10.62
C GLU D 248 -35.92 18.92 11.61
N VAL D 249 -36.44 20.09 11.95
CA VAL D 249 -35.70 21.11 12.69
C VAL D 249 -36.33 21.31 14.06
N ARG D 250 -35.48 21.39 15.08
CA ARG D 250 -35.92 21.70 16.43
C ARG D 250 -35.88 23.20 16.65
N SER D 251 -36.96 23.74 17.21
CA SER D 251 -37.12 25.19 17.37
C SER D 251 -37.95 25.47 18.62
N SER D 252 -37.58 26.53 19.33
CA SER D 252 -38.39 26.95 20.48
C SER D 252 -39.66 27.68 20.06
N LEU D 253 -39.64 28.32 18.87
CA LEU D 253 -40.80 28.80 18.12
C LEU D 253 -41.49 30.07 18.64
N SER D 254 -41.17 30.52 19.85
CA SER D 254 -41.84 31.69 20.40
C SER D 254 -40.83 32.79 20.67
N GLY D 255 -41.33 33.98 20.95
CA GLY D 255 -40.47 35.09 21.26
C GLY D 255 -40.00 35.92 20.08
N PHE D 256 -40.52 35.66 18.88
CA PHE D 256 -40.14 36.50 17.74
C PHE D 256 -40.75 37.87 17.95
N PHE D 257 -39.92 38.92 17.79
CA PHE D 257 -40.35 40.27 18.15
C PHE D 257 -40.24 41.23 16.98
N GLU D 258 -41.02 42.30 17.07
CA GLU D 258 -41.06 43.36 16.06
C GLU D 258 -40.32 44.59 16.56
N LEU D 259 -40.12 45.55 15.66
CA LEU D 259 -39.40 46.77 16.01
C LEU D 259 -40.13 47.54 17.11
N ASP D 260 -41.45 47.42 17.18
CA ASP D 260 -42.23 48.17 18.16
C ASP D 260 -42.30 47.49 19.51
N GLY D 261 -41.70 46.31 19.68
CA GLY D 261 -41.71 45.61 20.94
C GLY D 261 -42.68 44.46 21.03
N THR D 262 -43.56 44.31 20.04
CA THR D 262 -44.51 43.19 20.03
C THR D 262 -43.78 41.86 20.04
N VAL D 263 -44.24 40.94 20.87
CA VAL D 263 -43.66 39.61 20.99
C VAL D 263 -44.75 38.58 20.70
N HIS D 264 -44.45 37.65 19.79
CA HIS D 264 -45.42 36.66 19.31
C HIS D 264 -45.29 35.33 20.03
N ASP D 265 -46.31 34.48 19.86
CA ASP D 265 -46.36 33.18 20.50
C ASP D 265 -45.81 32.08 19.59
N ALA D 266 -45.94 30.84 20.02
CA ALA D 266 -45.36 29.71 19.30
C ALA D 266 -46.12 29.44 18.00
N GLU D 267 -47.45 29.65 18.00
CA GLU D 267 -48.21 29.41 16.79
C GLU D 267 -47.78 30.33 15.67
N PHE D 268 -47.43 31.58 16.02
CA PHE D 268 -46.93 32.52 15.03
C PHE D 268 -45.64 32.02 14.39
N GLY D 269 -44.67 31.59 15.21
CA GLY D 269 -43.43 31.07 14.66
C GLY D 269 -43.68 29.86 13.78
N LEU D 270 -44.55 28.96 14.23
CA LEU D 270 -44.89 27.78 13.44
C LEU D 270 -45.45 28.18 12.08
N ASN D 271 -46.36 29.16 12.05
CA ASN D 271 -46.97 29.55 10.78
C ASN D 271 -45.98 30.27 9.88
N LEU D 272 -45.10 31.09 10.47
CA LEU D 272 -44.04 31.72 9.69
C LEU D 272 -43.20 30.67 8.99
N TYR D 273 -42.73 29.68 9.76
CA TYR D 273 -41.96 28.60 9.20
C TYR D 273 -42.74 27.83 8.13
N LYS D 274 -44.04 27.59 8.38
CA LYS D 274 -44.84 26.81 7.44
C LYS D 274 -44.97 27.53 6.10
N SER D 275 -45.20 28.84 6.13
CA SER D 275 -45.36 29.56 4.87
C SER D 275 -44.03 29.68 4.12
N VAL D 276 -42.93 29.92 4.85
CA VAL D 276 -41.62 29.96 4.19
C VAL D 276 -41.29 28.61 3.56
N THR D 277 -41.61 27.53 4.27
CA THR D 277 -41.36 26.18 3.77
C THR D 277 -42.19 25.89 2.52
N GLU D 278 -43.47 26.28 2.53
CA GLU D 278 -44.28 26.01 1.36
C GLU D 278 -43.80 26.82 0.15
N GLU D 279 -43.40 28.07 0.36
CA GLU D 279 -42.85 28.87 -0.73
C GLU D 279 -41.59 28.22 -1.30
N PHE D 280 -40.70 27.77 -0.41
CA PHE D 280 -39.50 27.07 -0.85
C PHE D 280 -39.83 25.82 -1.63
N GLN D 281 -40.82 25.05 -1.18
CA GLN D 281 -41.19 23.83 -1.89
C GLN D 281 -41.69 24.13 -3.29
N ARG D 282 -42.55 25.15 -3.43
CA ARG D 282 -43.03 25.48 -4.76
C ARG D 282 -41.88 25.91 -5.66
N GLU D 283 -40.89 26.61 -5.10
CA GLU D 283 -39.78 27.07 -5.93
C GLU D 283 -38.81 25.96 -6.32
N TYR D 284 -38.71 24.88 -5.53
CA TYR D 284 -37.74 23.81 -5.78
C TYR D 284 -38.43 22.45 -5.72
N PRO D 285 -38.97 21.97 -6.84
CA PRO D 285 -39.66 20.66 -6.83
C PRO D 285 -38.77 19.49 -6.46
N ASP D 286 -37.45 19.61 -6.63
CA ASP D 286 -36.57 18.52 -6.20
C ASP D 286 -36.58 18.37 -4.68
N PHE D 287 -36.89 19.45 -3.96
CA PHE D 287 -36.89 19.42 -2.51
C PHE D 287 -38.07 18.60 -1.98
N ILE D 288 -37.84 17.90 -0.87
CA ILE D 288 -38.89 17.07 -0.26
C ILE D 288 -39.73 17.88 0.72
N GLY D 289 -39.10 18.52 1.69
CA GLY D 289 -39.84 19.38 2.59
C GLY D 289 -39.13 19.53 3.92
N ALA D 290 -39.87 20.05 4.89
CA ALA D 290 -39.34 20.36 6.21
C ALA D 290 -40.46 20.18 7.23
N LYS D 291 -40.08 19.76 8.44
CA LYS D 291 -41.01 19.64 9.56
C LYS D 291 -40.35 20.14 10.84
N ILE D 292 -41.18 20.45 11.83
CA ILE D 292 -40.74 21.19 13.00
C ILE D 292 -40.99 20.38 14.25
N ILE D 293 -40.01 20.42 15.16
CA ILE D 293 -40.11 19.84 16.50
C ILE D 293 -40.00 20.99 17.49
N LEU D 294 -40.93 21.07 18.43
CA LEU D 294 -40.86 22.09 19.47
C LEU D 294 -39.83 21.69 20.52
N SER D 295 -38.94 22.63 20.87
CA SER D 295 -37.87 22.37 21.82
C SER D 295 -38.04 23.24 23.05
N GLY D 296 -37.89 22.62 24.23
CA GLY D 296 -37.84 23.32 25.48
C GLY D 296 -36.49 23.08 26.16
N LEU D 297 -36.18 23.89 27.16
CA LEU D 297 -34.87 23.89 27.77
C LEU D 297 -34.88 23.04 29.03
N ARG D 298 -33.83 22.24 29.21
CA ARG D 298 -33.63 21.26 30.27
C ARG D 298 -33.44 21.86 31.66
N PHE D 299 -33.48 23.18 31.79
CA PHE D 299 -33.31 23.83 33.09
C PHE D 299 -34.50 24.69 33.47
N LYS D 300 -35.60 24.64 32.72
CA LYS D 300 -36.77 25.41 33.06
C LYS D 300 -37.55 24.73 34.18
N SER D 301 -38.49 25.49 34.77
CA SER D 301 -39.34 24.95 35.81
C SER D 301 -40.25 23.88 35.23
N GLN D 302 -40.72 22.98 36.11
CA GLN D 302 -41.67 21.95 35.67
C GLN D 302 -42.94 22.58 35.17
N GLU D 303 -43.32 23.71 35.76
CA GLU D 303 -44.52 24.44 35.37
C GLU D 303 -44.41 24.93 33.93
N GLU D 304 -43.26 25.53 33.59
CA GLU D 304 -43.03 26.02 32.23
C GLU D 304 -43.03 24.87 31.24
N ILE D 305 -42.39 23.75 31.59
CA ILE D 305 -42.31 22.62 30.67
C ILE D 305 -43.69 22.02 30.43
N LEU D 306 -44.53 22.01 31.47
CA LEU D 306 -45.91 21.55 31.28
C LEU D 306 -46.68 22.48 30.35
N ASN D 307 -46.49 23.80 30.50
CA ASN D 307 -47.14 24.72 29.56
C ASN D 307 -46.71 24.43 28.14
N GLU D 308 -45.40 24.23 27.92
CA GLU D 308 -44.90 23.96 26.58
C GLU D 308 -45.43 22.64 26.04
N VAL D 309 -45.67 21.67 26.93
CA VAL D 309 -46.26 20.40 26.52
C VAL D 309 -47.71 20.62 26.07
N LYS D 310 -48.46 21.46 26.78
CA LYS D 310 -49.83 21.77 26.36
C LYS D 310 -49.85 22.49 25.01
N ILE D 311 -48.92 23.43 24.84
CA ILE D 311 -48.77 24.16 23.57
C ILE D 311 -48.43 23.21 22.44
N ALA D 312 -47.54 22.25 22.71
CA ALA D 312 -47.19 21.24 21.71
C ALA D 312 -48.38 20.37 21.36
N MET D 313 -49.23 20.06 22.35
CA MET D 313 -50.45 19.31 22.06
C MET D 313 -51.36 20.07 21.11
N ASP D 314 -51.59 21.36 21.40
CA ASP D 314 -52.46 22.14 20.51
C ASP D 314 -51.86 22.25 19.12
N LEU D 315 -50.55 22.47 19.02
CA LEU D 315 -49.92 22.60 17.70
C LEU D 315 -49.96 21.29 16.93
N HIS D 316 -49.78 20.16 17.62
CA HIS D 316 -49.86 18.89 16.93
C HIS D 316 -51.28 18.58 16.48
N LYS D 317 -52.28 19.02 17.25
CA LYS D 317 -53.66 18.85 16.80
C LYS D 317 -53.95 19.69 15.57
N LYS D 318 -53.50 20.94 15.56
CA LYS D 318 -53.89 21.88 14.51
C LYS D 318 -52.99 21.83 13.26
N TYR D 319 -51.75 21.36 13.37
CA TYR D 319 -50.85 21.27 12.22
C TYR D 319 -50.29 19.85 12.18
N PRO D 320 -51.16 18.86 11.95
CA PRO D 320 -50.73 17.46 12.14
C PRO D 320 -49.67 17.01 11.17
N ASP D 321 -49.50 17.71 10.05
CA ASP D 321 -48.59 17.30 9.00
C ASP D 321 -47.33 18.13 8.94
N PHE D 322 -47.26 19.23 9.69
CA PHE D 322 -46.07 20.07 9.74
C PHE D 322 -45.36 20.05 11.09
N PHE D 323 -46.10 19.90 12.18
CA PHE D 323 -45.56 19.88 13.53
C PHE D 323 -45.50 18.44 14.03
N LEU D 324 -44.32 18.02 14.49
CA LEU D 324 -44.04 16.63 14.80
C LEU D 324 -44.17 16.29 16.28
N GLY D 325 -43.70 17.15 17.17
CA GLY D 325 -43.73 16.80 18.58
C GLY D 325 -42.85 17.72 19.39
N TYR D 326 -42.34 17.18 20.50
CA TYR D 326 -41.67 17.96 21.51
C TYR D 326 -40.34 17.32 21.90
N ASP D 327 -39.41 18.15 22.36
CA ASP D 327 -38.10 17.68 22.80
C ASP D 327 -37.54 18.63 23.85
N LEU D 328 -36.62 18.11 24.66
CA LEU D 328 -35.89 18.90 25.66
C LEU D 328 -34.42 18.93 25.30
N VAL D 329 -33.82 20.12 25.30
CA VAL D 329 -32.46 20.35 24.84
C VAL D 329 -31.71 21.16 25.91
N GLY D 330 -30.48 21.54 25.59
CA GLY D 330 -29.55 22.08 26.55
C GLY D 330 -28.63 21.01 27.10
N GLN D 331 -27.57 21.44 27.77
CA GLN D 331 -26.59 20.49 28.27
C GLN D 331 -27.24 19.51 29.26
N GLU D 332 -26.91 18.22 29.10
CA GLU D 332 -27.63 17.16 29.78
C GLU D 332 -27.03 16.79 31.14
N ASP D 333 -25.70 16.84 31.29
CA ASP D 333 -25.08 16.42 32.55
C ASP D 333 -25.50 17.25 33.76
N PRO D 334 -25.39 18.57 33.77
CA PRO D 334 -25.68 19.31 35.01
C PRO D 334 -27.12 19.82 35.17
N ASN D 335 -27.99 19.61 34.20
CA ASN D 335 -29.36 20.13 34.29
C ASN D 335 -30.31 19.00 34.66
N PHE D 336 -31.61 19.27 34.57
CA PHE D 336 -32.60 18.32 35.04
C PHE D 336 -32.72 17.11 34.13
N SER D 337 -33.10 15.97 34.71
CA SER D 337 -33.36 14.76 33.98
C SER D 337 -34.79 14.78 33.40
N LEU D 338 -35.07 13.77 32.55
CA LEU D 338 -36.43 13.60 32.06
C LEU D 338 -37.38 13.19 33.18
N LEU D 339 -36.93 12.36 34.11
CA LEU D 339 -37.80 11.96 35.22
C LEU D 339 -38.24 13.17 36.03
N HIS D 340 -37.38 14.17 36.15
CA HIS D 340 -37.75 15.40 36.86
C HIS D 340 -38.98 16.07 36.22
N TYR D 341 -39.17 15.91 34.90
CA TYR D 341 -40.32 16.49 34.21
C TYR D 341 -41.40 15.45 33.92
N LEU D 342 -41.39 14.33 34.65
CA LEU D 342 -42.30 13.24 34.32
C LEU D 342 -43.75 13.68 34.33
N ASP D 343 -44.13 14.49 35.32
CA ASP D 343 -45.52 14.96 35.39
C ASP D 343 -45.91 15.69 34.11
N ALA D 344 -44.99 16.50 33.56
CA ALA D 344 -45.27 17.14 32.28
C ALA D 344 -45.35 16.11 31.17
N LEU D 345 -44.35 15.21 31.10
CA LEU D 345 -44.24 14.34 29.96
C LEU D 345 -45.32 13.27 29.94
N LEU D 346 -45.88 12.94 31.09
CA LEU D 346 -46.98 11.99 31.17
C LEU D 346 -48.33 12.65 30.97
N TYR D 347 -48.40 13.99 31.02
CA TYR D 347 -49.69 14.67 30.93
C TYR D 347 -50.50 14.28 29.69
N PRO D 348 -49.95 14.26 28.48
CA PRO D 348 -50.80 13.88 27.33
C PRO D 348 -51.45 12.51 27.44
N SER D 349 -50.74 11.55 28.04
CA SER D 349 -51.23 10.18 28.06
C SER D 349 -52.30 9.95 29.12
N ILE D 350 -52.46 10.86 30.09
CA ILE D 350 -53.48 10.71 31.12
C ILE D 350 -54.76 11.47 30.77
N GLN D 351 -54.84 12.03 29.57
CA GLN D 351 -56.07 12.70 29.13
C GLN D 351 -57.15 11.66 28.80
N ASN D 352 -58.39 12.15 28.69
CA ASN D 352 -59.55 11.30 28.42
C ASN D 352 -60.17 11.72 27.10
N PRO D 353 -59.90 11.01 26.00
CA PRO D 353 -59.03 9.84 25.82
C PRO D 353 -57.55 10.22 25.79
N PRO D 354 -56.64 9.27 26.01
CA PRO D 354 -55.21 9.61 26.00
C PRO D 354 -54.79 10.20 24.66
N TYR D 355 -53.87 11.17 24.72
CA TYR D 355 -53.33 11.83 23.54
C TYR D 355 -51.89 11.39 23.33
N ARG D 356 -51.55 11.05 22.09
CA ARG D 356 -50.19 10.61 21.78
C ARG D 356 -49.41 11.80 21.22
N LEU D 357 -48.61 12.42 22.08
CA LEU D 357 -47.71 13.49 21.66
C LEU D 357 -46.34 12.89 21.35
N PRO D 358 -45.92 12.86 20.08
CA PRO D 358 -44.61 12.27 19.76
C PRO D 358 -43.47 13.03 20.39
N TYR D 359 -42.45 12.29 20.81
CA TYR D 359 -41.28 12.84 21.48
C TYR D 359 -40.04 12.56 20.67
N PHE D 360 -39.05 13.45 20.81
CA PHE D 360 -37.81 13.36 20.06
C PHE D 360 -36.63 13.64 20.98
N PHE D 361 -36.60 12.98 22.13
CA PHE D 361 -35.71 13.36 23.22
C PHE D 361 -34.24 13.25 22.85
N HIS D 362 -33.46 14.28 23.18
CA HIS D 362 -32.04 14.13 23.39
C HIS D 362 -31.84 13.20 24.60
N ALA D 363 -30.96 12.21 24.48
CA ALA D 363 -30.80 11.28 25.59
C ALA D 363 -29.41 10.66 25.60
N ALA D 364 -28.82 10.62 26.81
CA ALA D 364 -27.56 9.93 27.10
C ALA D 364 -26.39 10.49 26.29
N GLU D 365 -26.40 11.81 26.11
CA GLU D 365 -25.27 12.55 25.55
C GLU D 365 -24.21 12.75 26.64
N THR D 366 -23.61 11.63 27.05
CA THR D 366 -22.81 11.64 28.27
C THR D 366 -21.80 10.50 28.24
N ASN D 367 -20.69 10.69 28.95
CA ASN D 367 -19.73 9.63 29.20
C ASN D 367 -20.06 8.85 30.47
N TRP D 368 -21.06 9.29 31.22
CA TRP D 368 -21.34 8.68 32.51
C TRP D 368 -22.09 7.36 32.33
N GLN D 369 -22.12 6.59 33.41
CA GLN D 369 -22.69 5.25 33.40
C GLN D 369 -23.47 5.04 34.68
N GLU D 370 -24.71 4.54 34.57
CA GLU D 370 -25.62 4.32 35.69
C GLU D 370 -25.87 5.60 36.51
N THR D 371 -26.04 6.72 35.83
CA THR D 371 -26.43 7.98 36.49
C THR D 371 -27.79 8.43 35.98
N GLU D 372 -28.27 9.56 36.50
CA GLU D 372 -29.50 10.14 35.97
C GLU D 372 -29.42 10.36 34.46
N VAL D 373 -28.25 10.81 33.99
CA VAL D 373 -28.14 11.27 32.62
C VAL D 373 -28.34 10.12 31.65
N ASP D 374 -27.62 9.01 31.84
CA ASP D 374 -27.77 7.94 30.87
C ASP D 374 -29.00 7.08 31.14
N TYR D 375 -29.50 7.05 32.38
CA TYR D 375 -30.79 6.40 32.63
C TYR D 375 -31.97 7.19 32.08
N ASN D 376 -31.75 8.43 31.61
CA ASN D 376 -32.76 9.09 30.79
C ASN D 376 -33.22 8.22 29.62
N LEU D 377 -32.36 7.30 29.15
CA LEU D 377 -32.74 6.39 28.08
C LEU D 377 -33.98 5.58 28.45
N ALA D 378 -34.02 5.06 29.68
CA ALA D 378 -35.19 4.33 30.14
C ALA D 378 -36.46 5.16 29.96
N ASP D 379 -36.41 6.41 30.42
CA ASP D 379 -37.58 7.28 30.30
C ASP D 379 -37.94 7.53 28.85
N ALA D 380 -36.94 7.76 28.01
CA ALA D 380 -37.21 8.02 26.59
C ALA D 380 -37.91 6.84 25.94
N LEU D 381 -37.49 5.61 26.27
CA LEU D 381 -38.14 4.44 25.67
C LEU D 381 -39.53 4.22 26.24
N LEU D 382 -39.72 4.50 27.53
CA LEU D 382 -41.03 4.29 28.13
C LEU D 382 -42.04 5.36 27.74
N LEU D 383 -41.57 6.52 27.27
CA LEU D 383 -42.43 7.58 26.76
C LEU D 383 -42.63 7.45 25.26
N ASN D 384 -42.13 6.37 24.65
CA ASN D 384 -42.33 6.06 23.24
C ASN D 384 -41.70 7.10 22.33
N THR D 385 -40.45 7.45 22.63
CA THR D 385 -39.75 8.42 21.79
C THR D 385 -39.61 7.89 20.36
N THR D 386 -39.77 8.79 19.39
CA THR D 386 -39.65 8.36 18.01
C THR D 386 -38.21 8.08 17.64
N ARG D 387 -37.31 8.98 17.99
CA ARG D 387 -35.88 8.80 17.81
C ARG D 387 -35.16 9.22 19.07
N VAL D 388 -33.90 8.86 19.17
CA VAL D 388 -33.05 9.26 20.27
C VAL D 388 -31.94 10.13 19.71
N GLY D 389 -31.80 11.34 20.27
CA GLY D 389 -30.68 12.20 19.91
C GLY D 389 -29.43 11.77 20.64
N HIS D 390 -28.32 11.63 19.88
CA HIS D 390 -27.00 11.27 20.38
C HIS D 390 -26.95 9.83 20.90
N GLY D 391 -27.50 9.58 22.08
CA GLY D 391 -27.51 8.24 22.63
C GLY D 391 -26.13 7.66 22.84
N PHE D 392 -25.17 8.52 23.21
CA PHE D 392 -23.77 8.11 23.22
C PHE D 392 -23.53 6.96 24.22
N ALA D 393 -24.31 6.91 25.29
CA ALA D 393 -24.16 5.86 26.29
C ALA D 393 -25.08 4.68 26.06
N LEU D 394 -25.86 4.69 24.98
CA LEU D 394 -26.81 3.60 24.77
C LEU D 394 -26.11 2.26 24.72
N ILE D 395 -24.94 2.21 24.09
CA ILE D 395 -24.21 0.94 23.96
C ILE D 395 -23.88 0.34 25.32
N LYS D 396 -23.71 1.16 26.35
CA LYS D 396 -23.37 0.65 27.68
C LYS D 396 -24.55 0.01 28.38
N HIS D 397 -25.71 -0.08 27.74
CA HIS D 397 -26.93 -0.63 28.33
C HIS D 397 -27.48 -1.69 27.39
N PRO D 398 -27.13 -2.96 27.62
CA PRO D 398 -27.54 -4.00 26.65
C PRO D 398 -29.04 -4.13 26.49
N ARG D 399 -29.79 -4.13 27.60
CA ARG D 399 -31.24 -4.27 27.54
C ARG D 399 -31.88 -3.07 26.86
N PHE D 400 -31.39 -1.85 27.15
CA PHE D 400 -31.92 -0.66 26.49
C PHE D 400 -31.70 -0.70 24.99
N THR D 401 -30.50 -1.13 24.56
CA THR D 401 -30.21 -1.22 23.14
C THR D 401 -31.11 -2.25 22.47
N GLU D 402 -31.31 -3.40 23.10
CA GLU D 402 -32.22 -4.40 22.53
C GLU D 402 -33.62 -3.84 22.42
N LEU D 403 -34.10 -3.19 23.48
CA LEU D 403 -35.47 -2.69 23.46
C LEU D 403 -35.65 -1.62 22.39
N ALA D 404 -34.68 -0.71 22.28
CA ALA D 404 -34.78 0.35 21.29
C ALA D 404 -34.75 -0.20 19.88
N LYS D 405 -33.91 -1.22 19.63
CA LYS D 405 -33.92 -1.86 18.31
C LYS D 405 -35.24 -2.56 18.03
N GLU D 406 -35.81 -3.24 19.03
CA GLU D 406 -37.12 -3.86 18.84
C GLU D 406 -38.20 -2.81 18.53
N ASN D 407 -38.19 -1.69 19.24
CA ASN D 407 -39.21 -0.66 19.05
C ASN D 407 -38.98 0.16 17.79
N GLY D 408 -37.92 -0.11 17.03
CA GLY D 408 -37.61 0.64 15.83
C GLY D 408 -37.22 2.08 16.08
N VAL D 409 -36.59 2.35 17.21
CA VAL D 409 -36.21 3.71 17.59
C VAL D 409 -34.82 4.00 17.06
N ALA D 410 -34.74 4.85 16.04
CA ALA D 410 -33.47 5.22 15.46
C ALA D 410 -32.72 6.19 16.37
N VAL D 411 -31.40 6.18 16.25
CA VAL D 411 -30.53 7.08 16.99
C VAL D 411 -29.91 8.07 16.01
N GLU D 412 -30.06 9.35 16.31
CA GLU D 412 -29.45 10.41 15.53
C GLU D 412 -28.01 10.59 15.98
N VAL D 413 -27.06 10.40 15.07
CA VAL D 413 -25.64 10.47 15.37
C VAL D 413 -25.10 11.75 14.74
N ASN D 414 -24.37 12.54 15.54
CA ASN D 414 -23.78 13.80 15.10
C ASN D 414 -22.31 13.75 15.46
N PRO D 415 -21.49 13.16 14.60
CA PRO D 415 -20.09 12.87 15.01
C PRO D 415 -19.27 14.11 15.31
N ILE D 416 -19.32 15.13 14.44
CA ILE D 416 -18.55 16.34 14.70
C ILE D 416 -19.07 17.04 15.96
N SER D 417 -20.38 17.02 16.16
CA SER D 417 -20.94 17.57 17.39
C SER D 417 -20.39 16.84 18.61
N ASN D 418 -20.38 15.51 18.57
CA ASN D 418 -19.87 14.76 19.72
C ASN D 418 -18.39 15.02 19.97
N GLN D 419 -17.61 15.29 18.91
CA GLN D 419 -16.19 15.59 19.14
C GLN D 419 -16.00 16.98 19.76
N ILE D 420 -16.64 18.01 19.20
CA ILE D 420 -16.40 19.37 19.66
C ILE D 420 -16.94 19.57 21.07
N LEU D 421 -18.10 18.99 21.37
CA LEU D 421 -18.70 19.15 22.69
C LEU D 421 -18.20 18.12 23.70
N GLY D 422 -17.02 17.54 23.47
CA GLY D 422 -16.26 16.88 24.51
C GLY D 422 -16.63 15.46 24.87
N LEU D 423 -17.31 14.73 23.99
CA LEU D 423 -17.66 13.36 24.32
C LEU D 423 -16.57 12.37 23.96
N VAL D 424 -15.73 12.69 22.97
CA VAL D 424 -14.67 11.79 22.56
C VAL D 424 -13.62 12.57 21.78
N ARG D 425 -12.38 12.07 21.82
CA ARG D 425 -11.25 12.71 21.15
C ARG D 425 -11.02 12.11 19.75
N ASP D 426 -10.72 10.81 19.68
CA ASP D 426 -10.57 10.11 18.41
C ASP D 426 -11.94 9.66 17.93
N VAL D 427 -12.35 10.11 16.74
CA VAL D 427 -13.68 9.77 16.24
C VAL D 427 -13.83 8.28 16.06
N ARG D 428 -12.73 7.55 15.86
CA ARG D 428 -12.81 6.09 15.77
C ARG D 428 -13.18 5.44 17.10
N ASN D 429 -13.06 6.17 18.22
CA ASN D 429 -13.50 5.68 19.53
C ASN D 429 -14.96 6.02 19.83
N HIS D 430 -15.70 6.53 18.85
CA HIS D 430 -17.09 6.89 19.04
C HIS D 430 -17.91 5.68 19.47
N ALA D 431 -18.75 5.88 20.50
CA ALA D 431 -19.47 4.76 21.13
C ALA D 431 -20.45 4.07 20.19
N LEU D 432 -20.83 4.69 19.09
CA LEU D 432 -21.83 4.10 18.21
C LEU D 432 -21.22 3.26 17.09
N VAL D 433 -19.88 3.25 16.95
CA VAL D 433 -19.25 2.42 15.91
C VAL D 433 -19.66 0.94 16.01
N PRO D 434 -19.64 0.30 17.19
CA PRO D 434 -20.10 -1.10 17.24
C PRO D 434 -21.55 -1.29 16.84
N LEU D 435 -22.41 -0.33 17.19
CA LEU D 435 -23.81 -0.45 16.77
C LEU D 435 -23.96 -0.33 15.25
N ILE D 436 -23.18 0.56 14.62
CA ILE D 436 -23.14 0.58 13.16
C ILE D 436 -22.65 -0.76 12.63
N ALA D 437 -21.64 -1.34 13.28
CA ALA D 437 -21.11 -2.62 12.79
C ALA D 437 -22.12 -3.76 12.97
N ASP D 438 -23.15 -3.57 13.79
CA ASP D 438 -24.19 -4.61 13.90
C ASP D 438 -25.56 -4.14 13.42
N ASP D 439 -25.60 -3.27 12.40
CA ASP D 439 -26.84 -2.91 11.69
C ASP D 439 -27.92 -2.37 12.63
N TYR D 440 -27.52 -1.51 13.51
CA TYR D 440 -28.49 -0.84 14.37
C TYR D 440 -29.18 0.29 13.59
N PRO D 441 -30.47 0.53 13.82
CA PRO D 441 -31.15 1.62 13.09
C PRO D 441 -30.65 3.01 13.51
N ILE D 442 -29.85 3.65 12.66
CA ILE D 442 -29.26 4.94 12.98
C ILE D 442 -29.36 5.87 11.77
N VAL D 443 -29.30 7.18 12.05
CA VAL D 443 -29.20 8.18 11.00
C VAL D 443 -28.05 9.10 11.38
N ILE D 444 -27.49 9.76 10.38
CA ILE D 444 -26.37 10.69 10.57
C ILE D 444 -26.89 12.09 10.29
N SER D 445 -26.57 13.03 11.18
CA SER D 445 -26.95 14.42 11.00
C SER D 445 -25.86 15.31 11.61
N SER D 446 -26.02 16.62 11.39
CA SER D 446 -25.19 17.67 11.98
C SER D 446 -26.03 18.41 13.01
N ASP D 447 -25.50 18.59 14.21
CA ASP D 447 -26.29 19.22 15.27
C ASP D 447 -26.45 20.71 15.01
N ASP D 448 -25.32 21.42 14.99
CA ASP D 448 -25.30 22.87 14.82
C ASP D 448 -24.21 23.22 13.82
N PRO D 449 -24.38 22.81 12.56
CA PRO D 449 -23.32 23.02 11.56
C PRO D 449 -22.90 24.46 11.43
N GLY D 450 -23.83 25.40 11.62
CA GLY D 450 -23.51 26.80 11.51
C GLY D 450 -22.61 27.32 12.61
N ALA D 451 -22.68 26.72 13.80
CA ALA D 451 -21.90 27.23 14.93
C ALA D 451 -20.41 26.96 14.77
N TRP D 452 -20.04 25.86 14.14
CA TRP D 452 -18.63 25.50 13.99
C TRP D 452 -18.26 25.33 12.52
N GLU D 453 -18.95 26.06 11.65
CA GLU D 453 -18.55 26.27 10.27
C GLU D 453 -18.41 24.96 9.48
N ALA D 454 -19.35 24.06 9.67
CA ALA D 454 -19.43 22.84 8.88
C ALA D 454 -20.48 22.97 7.79
N SER D 455 -20.31 22.17 6.73
CA SER D 455 -21.33 22.10 5.71
C SER D 455 -22.60 21.50 6.31
N PRO D 456 -23.75 21.74 5.68
CA PRO D 456 -25.02 21.21 6.24
C PRO D 456 -24.99 19.73 6.59
N LEU D 457 -24.52 18.87 5.70
CA LEU D 457 -24.42 17.46 6.03
C LEU D 457 -23.17 16.77 5.51
N SER D 458 -22.42 17.39 4.57
CA SER D 458 -21.33 16.68 3.89
C SER D 458 -20.16 16.38 4.81
N HIS D 459 -19.76 17.33 5.65
CA HIS D 459 -18.63 17.08 6.53
C HIS D 459 -18.92 15.94 7.51
N ASP D 460 -20.13 15.89 8.05
CA ASP D 460 -20.47 14.81 8.98
C ASP D 460 -20.56 13.47 8.27
N PHE D 461 -21.06 13.46 7.03
CA PHE D 461 -21.04 12.23 6.24
C PHE D 461 -19.61 11.79 5.95
N TYR D 462 -18.73 12.73 5.66
CA TYR D 462 -17.33 12.38 5.42
C TYR D 462 -16.70 11.76 6.67
N VAL D 463 -16.95 12.36 7.82
CA VAL D 463 -16.42 11.83 9.08
C VAL D 463 -16.98 10.44 9.34
N ALA D 464 -18.28 10.23 9.06
CA ALA D 464 -18.84 8.90 9.25
C ALA D 464 -18.18 7.88 8.33
N LEU D 465 -17.97 8.26 7.06
CA LEU D 465 -17.34 7.37 6.10
C LEU D 465 -15.91 7.03 6.51
N MET D 466 -15.16 8.01 6.98
CA MET D 466 -13.74 7.80 7.22
C MET D 466 -13.46 7.17 8.58
N ASP D 467 -14.34 7.35 9.56
CA ASP D 467 -14.05 6.97 10.95
C ASP D 467 -15.03 5.98 11.56
N LEU D 468 -16.32 6.03 11.18
CA LEU D 468 -17.32 5.24 11.87
C LEU D 468 -17.53 3.86 11.26
N CYS D 469 -16.85 3.57 10.16
CA CYS D 469 -16.94 2.26 9.53
C CYS D 469 -15.55 1.88 9.03
N GLY D 470 -15.41 0.60 8.70
CA GLY D 470 -14.12 -0.01 8.47
C GLY D 470 -13.59 0.18 7.05
N ARG D 471 -12.42 -0.42 6.82
CA ARG D 471 -11.64 -0.23 5.61
C ARG D 471 -12.32 -0.79 4.35
N ASP D 472 -13.34 -1.62 4.49
CA ASP D 472 -14.01 -2.26 3.36
C ASP D 472 -15.37 -1.65 3.04
N THR D 473 -15.73 -0.54 3.67
CA THR D 473 -17.08 0.03 3.59
C THR D 473 -16.96 1.45 3.06
N ALA D 474 -17.51 1.71 1.87
CA ALA D 474 -17.68 3.08 1.42
C ALA D 474 -19.13 3.42 1.07
N LEU D 475 -19.67 2.82 0.01
CA LEU D 475 -20.85 3.40 -0.62
C LEU D 475 -22.14 2.78 -0.11
N THR D 476 -22.11 1.47 0.18
CA THR D 476 -23.28 0.81 0.75
C THR D 476 -23.68 1.47 2.06
N PHE D 477 -22.68 1.86 2.87
CA PHE D 477 -22.94 2.52 4.14
C PHE D 477 -23.63 3.87 3.93
N LEU D 478 -23.09 4.71 3.04
CA LEU D 478 -23.66 6.03 2.81
C LEU D 478 -25.07 5.94 2.23
N LYS D 479 -25.28 5.03 1.27
CA LYS D 479 -26.61 4.85 0.70
C LYS D 479 -27.60 4.36 1.75
N GLN D 480 -27.17 3.46 2.64
CA GLN D 480 -28.07 3.04 3.70
C GLN D 480 -28.38 4.17 4.67
N LEU D 481 -27.40 5.02 4.98
CA LEU D 481 -27.67 6.17 5.83
C LEU D 481 -28.75 7.05 5.19
N ALA D 482 -28.61 7.33 3.90
CA ALA D 482 -29.59 8.15 3.22
C ALA D 482 -30.97 7.50 3.29
N LEU D 483 -31.04 6.19 3.05
CA LEU D 483 -32.32 5.49 3.12
C LEU D 483 -32.90 5.56 4.54
N ASN D 484 -32.06 5.38 5.55
CA ASN D 484 -32.55 5.41 6.93
C ASN D 484 -33.15 6.75 7.26
N SER D 485 -32.52 7.84 6.78
CA SER D 485 -33.01 9.18 7.07
C SER D 485 -34.41 9.43 6.53
N ILE D 486 -34.86 8.64 5.57
CA ILE D 486 -36.25 8.70 5.11
C ILE D 486 -37.12 7.70 5.85
N ARG D 487 -36.62 6.47 6.07
CA ARG D 487 -37.41 5.45 6.74
C ARG D 487 -37.70 5.81 8.20
N TYR D 488 -36.77 6.48 8.87
CA TYR D 488 -36.91 6.81 10.28
C TYR D 488 -37.25 8.28 10.48
N SER D 489 -37.64 8.98 9.43
CA SER D 489 -38.21 10.31 9.60
C SER D 489 -39.60 10.18 10.21
N ALA D 490 -40.15 11.32 10.64
CA ALA D 490 -41.49 11.40 11.19
C ALA D 490 -42.56 11.62 10.11
N MET D 491 -42.23 11.37 8.84
CA MET D 491 -43.21 11.48 7.77
C MET D 491 -44.24 10.37 7.88
N SER D 492 -45.43 10.64 7.35
CA SER D 492 -46.40 9.58 7.21
C SER D 492 -45.92 8.59 6.14
N ASP D 493 -46.57 7.43 6.10
CA ASP D 493 -46.14 6.38 5.18
C ASP D 493 -46.28 6.84 3.73
N THR D 494 -47.41 7.49 3.41
CA THR D 494 -47.61 8.05 2.08
C THR D 494 -46.50 9.02 1.73
N GLU D 495 -46.19 9.91 2.68
CA GLU D 495 -45.12 10.87 2.48
C GLU D 495 -43.78 10.17 2.29
N LYS D 496 -43.57 9.06 3.01
CA LYS D 496 -42.31 8.32 2.85
C LYS D 496 -42.18 7.75 1.45
N VAL D 497 -43.26 7.21 0.91
CA VAL D 497 -43.21 6.69 -0.46
C VAL D 497 -42.87 7.81 -1.44
N ALA D 498 -43.54 8.96 -1.29
CA ALA D 498 -43.28 10.07 -2.20
C ALA D 498 -41.85 10.58 -2.07
N ALA D 499 -41.37 10.69 -0.82
CA ALA D 499 -40.02 11.18 -0.58
C ALA D 499 -38.99 10.23 -1.15
N LYS D 500 -39.20 8.92 -0.98
CA LYS D 500 -38.25 7.97 -1.54
C LYS D 500 -38.22 8.05 -3.05
N ALA D 501 -39.37 8.28 -3.69
CA ALA D 501 -39.36 8.45 -5.14
C ALA D 501 -38.53 9.66 -5.56
N LYS D 502 -38.75 10.81 -4.90
CA LYS D 502 -37.97 12.00 -5.26
C LYS D 502 -36.48 11.77 -5.00
N TRP D 503 -36.15 11.16 -3.86
CA TRP D 503 -34.75 10.92 -3.53
C TRP D 503 -34.11 9.95 -4.52
N THR D 504 -34.85 8.92 -4.94
CA THR D 504 -34.31 7.98 -5.93
C THR D 504 -34.00 8.68 -7.24
N THR D 505 -34.90 9.57 -7.67
CA THR D 505 -34.62 10.37 -8.86
C THR D 505 -33.29 11.10 -8.72
N GLN D 506 -33.12 11.82 -7.61
CA GLN D 506 -31.89 12.58 -7.42
C GLN D 506 -30.68 11.65 -7.36
N TRP D 507 -30.82 10.52 -6.69
CA TRP D 507 -29.71 9.59 -6.53
C TRP D 507 -29.27 9.01 -7.87
N ASP D 508 -30.24 8.60 -8.72
CA ASP D 508 -29.89 8.08 -10.04
C ASP D 508 -29.20 9.14 -10.88
N LYS D 509 -29.73 10.37 -10.86
CA LYS D 509 -29.07 11.45 -11.61
C LYS D 509 -27.63 11.64 -11.14
N PHE D 510 -27.43 11.64 -9.82
CA PHE D 510 -26.10 11.87 -9.25
C PHE D 510 -25.14 10.75 -9.64
N VAL D 511 -25.59 9.51 -9.55
CA VAL D 511 -24.71 8.40 -9.89
C VAL D 511 -24.33 8.48 -11.36
N LYS D 512 -25.32 8.66 -12.24
CA LYS D 512 -25.01 8.70 -13.66
C LYS D 512 -24.06 9.85 -14.00
N THR D 513 -24.30 11.05 -13.44
CA THR D 513 -23.43 12.18 -13.72
C THR D 513 -22.01 11.92 -13.23
N SER D 514 -21.86 11.37 -12.02
CA SER D 514 -20.53 11.11 -11.48
C SER D 514 -19.78 10.07 -12.29
N VAL D 515 -20.46 8.98 -12.66
CA VAL D 515 -19.78 7.94 -13.42
C VAL D 515 -19.38 8.47 -14.80
N GLU D 516 -20.23 9.29 -15.42
CA GLU D 516 -19.82 9.87 -16.69
C GLU D 516 -18.62 10.79 -16.52
N GLY D 517 -18.52 11.46 -15.39
CA GLY D 517 -17.32 12.27 -15.25
C GLY D 517 -16.08 11.50 -14.88
N LEU D 518 -16.22 10.25 -14.43
CA LEU D 518 -15.07 9.50 -13.98
C LEU D 518 -14.65 8.37 -14.93
N LYS D 519 -15.60 7.74 -15.63
CA LYS D 519 -15.14 6.61 -16.43
C LYS D 519 -14.83 7.01 -17.88
N PRO D 520 -13.92 6.26 -18.50
CA PRO D 520 -13.61 6.53 -19.91
C PRO D 520 -14.84 6.27 -20.79
N HIS D 521 -14.93 7.05 -21.87
CA HIS D 521 -15.98 6.84 -22.86
C HIS D 521 -15.50 5.89 -23.97
C1 NAG E . 23.14 16.45 -45.09
C2 NAG E . 23.46 16.42 -46.59
C3 NAG E . 24.90 16.84 -46.84
C4 NAG E . 25.21 18.15 -46.14
C5 NAG E . 24.83 18.03 -44.65
C6 NAG E . 25.05 19.29 -43.85
C7 NAG E . 22.08 14.69 -47.64
C8 NAG E . 22.10 13.25 -48.09
N2 NAG E . 23.23 15.10 -47.09
O3 NAG E . 25.08 16.95 -48.22
O4 NAG E . 26.59 18.39 -46.33
O5 NAG E . 23.46 17.71 -44.55
O6 NAG E . 24.07 20.24 -44.23
O7 NAG E . 21.10 15.41 -47.78
C1 NAG E . 26.74 19.66 -47.00
C2 NAG E . 28.12 20.23 -46.64
C3 NAG E . 28.34 21.57 -47.33
C4 NAG E . 27.99 21.54 -48.82
C5 NAG E . 26.66 20.79 -49.06
C6 NAG E . 26.31 20.56 -50.51
C7 NAG E . 29.02 19.62 -44.45
C8 NAG E . 28.98 19.96 -42.98
N2 NAG E . 28.23 20.39 -45.22
O3 NAG E . 29.68 21.92 -47.11
O4 NAG E . 27.90 22.88 -49.26
O5 NAG E . 26.67 19.54 -48.40
O6 NAG E . 27.20 19.64 -51.10
O7 NAG E . 29.74 18.74 -44.90
C1 BMA E . 28.95 23.19 -50.21
C2 BMA E . 28.58 24.51 -50.89
C3 BMA E . 29.75 25.07 -51.74
C4 BMA E . 31.16 24.45 -51.51
C5 BMA E . 31.38 23.63 -50.21
C6 BMA E . 32.40 24.21 -49.22
O2 BMA E . 28.12 25.42 -49.94
O3 BMA E . 29.72 26.47 -51.59
O4 BMA E . 31.37 23.62 -52.64
O5 BMA E . 30.19 23.30 -49.53
O6 BMA E . 32.45 23.32 -48.13
C1 MAN E . 33.75 23.31 -47.45
C2 MAN E . 33.78 24.48 -46.45
C3 MAN E . 35.12 25.21 -46.50
C4 MAN E . 36.27 24.22 -46.57
C5 MAN E . 36.14 23.37 -47.85
C6 MAN E . 36.46 21.91 -47.59
O2 MAN E . 33.54 23.93 -45.17
O3 MAN E . 35.20 26.04 -45.37
O4 MAN E . 37.47 24.95 -46.54
O5 MAN E . 34.81 23.44 -48.38
O6 MAN E . 36.87 21.76 -46.25
C1 NAG F . 32.67 4.92 1.59
C2 NAG F . 32.55 4.99 3.12
C3 NAG F . 32.85 6.37 3.68
C4 NAG F . 34.13 6.94 3.10
C5 NAG F . 34.06 6.85 1.57
C6 NAG F . 35.26 7.39 0.83
C7 NAG F . 30.97 3.36 3.96
C8 NAG F . 29.54 3.10 4.34
N2 NAG F . 31.22 4.60 3.51
O3 NAG F . 32.93 6.26 5.08
O4 NAG F . 34.17 8.27 3.55
O5 NAG F . 33.91 5.49 1.20
O6 NAG F . 36.40 6.65 1.21
O7 NAG F . 31.84 2.50 4.05
C1 NAG F . 35.43 8.58 4.17
C2 NAG F . 35.61 10.10 4.10
C3 NAG F . 36.82 10.59 4.89
C4 NAG F . 36.99 9.90 6.25
C5 NAG F . 36.71 8.39 6.12
C6 NAG F . 36.71 7.66 7.45
C7 NAG F . 34.69 10.94 1.97
C8 NAG F . 35.01 11.23 0.53
N2 NAG F . 35.71 10.45 2.70
O3 NAG F . 36.66 11.98 5.05
O4 NAG F . 38.32 10.13 6.66
O5 NAG F . 35.46 8.18 5.52
O6 NAG F . 35.54 7.99 8.16
O7 NAG F . 33.58 11.14 2.45
C1 BMA F . 38.36 11.04 7.78
C2 BMA F . 39.61 10.75 8.61
C3 BMA F . 39.73 11.72 9.79
C4 BMA F . 39.09 13.13 9.59
C5 BMA F . 38.48 13.47 8.22
C6 BMA F . 39.06 14.66 7.46
O2 BMA F . 40.73 10.74 7.75
O3 BMA F . 41.10 11.74 10.16
O4 BMA F . 38.06 13.15 10.55
O5 BMA F . 38.39 12.37 7.31
O6 BMA F . 38.41 14.71 6.20
C1 MAN F . 38.12 16.07 5.79
C2 MAN F . 39.23 16.51 4.81
C3 MAN F . 39.91 17.77 5.33
C4 MAN F . 38.89 18.86 5.61
C5 MAN F . 37.86 18.34 6.63
C6 MAN F . 36.42 18.55 6.20
O2 MAN F . 38.62 16.69 3.54
O3 MAN F . 40.88 18.18 4.38
O4 MAN F . 39.60 19.98 6.11
O5 MAN F . 38.05 16.95 6.89
O6 MAN F . 36.35 18.71 4.80
C1 NAG G . -8.54 -25.90 17.02
C2 NAG G . -7.45 -26.77 16.36
C3 NAG G . -8.05 -27.78 15.39
C4 NAG G . -9.24 -28.52 15.99
C5 NAG G . -10.21 -27.49 16.58
C6 NAG G . -11.46 -28.08 17.23
C7 NAG G . -5.32 -25.48 16.28
C8 NAG G . -4.43 -24.68 15.37
N2 NAG G . -6.44 -25.96 15.69
O3 NAG G . -7.04 -28.67 15.01
O4 NAG G . -9.81 -29.28 14.95
O5 NAG G . -9.53 -26.72 17.56
O6 NAG G . -11.07 -29.12 18.10
O7 NAG G . -5.04 -25.65 17.46
C1 NAG G . -9.96 -30.66 15.35
C2 NAG G . -11.17 -31.24 14.61
C3 NAG G . -11.30 -32.75 14.85
C4 NAG G . -9.98 -33.50 14.72
C5 NAG G . -8.86 -32.74 15.47
C6 NAG G . -7.48 -33.31 15.30
C7 NAG G . -13.14 -29.80 14.25
C8 NAG G . -14.37 -29.24 14.94
N2 NAG G . -12.38 -30.59 15.02
O3 NAG G . -12.27 -33.22 13.95
O4 NAG G . -10.18 -34.79 15.27
O5 NAG G . -8.81 -31.41 15.01
O6 NAG G . -6.76 -32.53 14.39
O7 NAG G . -12.88 -29.54 13.08
C1 BMA G . -10.00 -35.82 14.26
C2 BMA G . -9.90 -37.16 14.97
C3 BMA G . -9.77 -38.32 13.94
C4 BMA G . -10.15 -37.96 12.48
C5 BMA G . -11.15 -36.82 12.32
C6 BMA G . -12.61 -37.27 12.11
O2 BMA G . -10.99 -37.33 15.84
O3 BMA G . -10.53 -39.38 14.48
O4 BMA G . -8.94 -37.66 11.81
O5 BMA G . -11.10 -35.83 13.35
O6 BMA G . -13.41 -36.10 12.04
C1 MAN G . -14.58 -36.32 11.21
C2 MAN G . -15.69 -36.92 12.10
C3 MAN G . -16.58 -37.87 11.28
C4 MAN G . -16.72 -37.43 9.83
C5 MAN G . -15.33 -37.38 9.17
C6 MAN G . -15.19 -36.28 8.14
O2 MAN G . -16.40 -35.85 12.67
O3 MAN G . -17.84 -37.96 11.94
O4 MAN G . -17.58 -38.34 9.18
O5 MAN G . -14.29 -37.20 10.14
O6 MAN G . -16.13 -35.26 8.38
C1 NAG H . -46.44 4.23 25.03
C2 NAG H . -47.47 4.97 25.90
C3 NAG H . -48.50 4.03 26.52
C4 NAG H . -48.97 2.93 25.60
C5 NAG H . -47.78 2.29 24.87
C6 NAG H . -48.15 1.34 23.78
C7 NAG H . -46.70 6.98 27.06
C8 NAG H . -45.96 7.45 28.28
N2 NAG H . -46.80 5.66 26.96
O3 NAG H . -49.57 4.84 26.91
O4 NAG H . -49.69 2.02 26.41
O5 NAG H . -47.09 3.31 24.20
O6 NAG H . -48.81 2.12 22.81
O7 NAG H . -47.16 7.76 26.23
C1 NAG H . -50.95 1.71 25.77
C2 NAG H . -51.40 0.33 26.25
C3 NAG H . -52.76 0.01 25.63
C4 NAG H . -53.77 1.13 25.93
C5 NAG H . -53.16 2.44 25.40
C6 NAG H . -54.05 3.67 25.53
C7 NAG H . -49.51 -1.18 26.77
C8 NAG H . -48.58 -2.22 26.19
N2 NAG H . -50.41 -0.66 25.91
O3 NAG H . -53.17 -1.23 26.14
O4 NAG H . -55.00 0.81 25.31
O5 NAG H . -51.95 2.66 26.08
O6 NAG H . -54.14 4.05 26.87
O7 NAG H . -49.44 -0.86 27.95
C1 BMA H . -56.02 0.68 26.33
C2 BMA H . -57.38 0.57 25.64
C3 BMA H . -58.50 0.14 26.60
C4 BMA H . -58.12 -0.81 27.78
C5 BMA H . -56.64 -0.88 28.15
C6 BMA H . -56.18 -2.20 28.78
O2 BMA H . -57.24 -0.31 24.54
O3 BMA H . -59.52 -0.38 25.77
O4 BMA H . -58.85 -0.32 28.88
O5 BMA H . -55.75 -0.46 27.12
O6 BMA H . -56.09 -3.24 27.84
C1 MAN H . -54.77 -3.85 27.92
C2 MAN H . -54.54 -4.69 26.65
C3 MAN H . -54.06 -6.07 27.04
C4 MAN H . -52.85 -5.86 27.94
C5 MAN H . -53.38 -5.30 29.28
C6 MAN H . -52.44 -4.32 29.98
O2 MAN H . -53.57 -4.03 25.90
O3 MAN H . -53.77 -6.80 25.86
O4 MAN H . -52.18 -7.11 28.04
O5 MAN H . -54.63 -4.64 29.09
O6 MAN H . -51.44 -3.86 29.12
ZN ZN I . 5.35 3.06 -38.98
C14 A1CDW J . 4.77 -0.53 -41.51
C15 A1CDW J . 4.16 -0.25 -40.31
C17 A1CDW J . 2.62 -0.21 -41.78
C18 A1CDW J . 4.82 -0.09 -38.97
C2 A1CDW J . 2.31 -2.17 -44.95
C20 A1CDW J . 5.98 -1.05 -38.75
C22 A1CDW J . 6.97 -1.06 -41.02
C3 A1CDW J . 3.67 -2.20 -44.29
C4 A1CDW J . 3.94 -0.75 -43.88
C6 A1CDW J . 2.22 -0.75 -45.48
C7 A1CDW J . 0.82 -0.18 -45.55
N13 A1CDW J . 3.77 -0.51 -42.45
N16 A1CDW J . 2.80 -0.05 -40.49
N21 A1CDW J . 7.07 -0.87 -39.71
N23 A1CDW J . 6.07 -0.81 -41.90
O1 A1CDW J . 2.28 -3.11 -46.03
O10 A1CDW J . -1.17 0.30 -48.74
O11 A1CDW J . 1.17 1.23 -48.46
O12 A1CDW J . -0.65 1.87 -46.83
O19 A1CDW J . 5.31 1.24 -38.78
O5 A1CDW J . 2.99 0.05 -44.57
O8 A1CDW J . 0.26 -0.46 -46.83
P9 A1CDW J . -0.12 0.82 -47.77
C1 NAG K . -20.13 6.96 -45.03
C2 NAG K . -21.61 7.14 -45.38
C3 NAG K . -21.80 8.37 -46.25
C4 NAG K . -21.05 9.59 -45.70
C5 NAG K . -19.60 9.23 -45.39
C6 NAG K . -18.82 10.41 -44.81
C7 NAG K . -22.88 5.04 -45.53
C8 NAG K . -23.19 3.88 -46.46
N2 NAG K . -22.05 5.96 -46.05
O3 NAG K . -23.18 8.59 -46.30
O4 NAG K . -21.12 10.60 -46.68
O5 NAG K . -19.59 8.15 -44.49
O6 NAG K . -17.62 9.98 -44.19
O7 NAG K . -23.36 5.14 -44.40
C1 NAG L . -2.60 -6.30 -1.33
C2 NAG L . -2.60 -4.77 -1.26
C3 NAG L . -3.43 -4.32 -0.06
C4 NAG L . -4.83 -4.88 -0.19
C5 NAG L . -4.75 -6.40 -0.30
C6 NAG L . -6.09 -7.09 -0.46
C7 NAG L . -0.89 -3.10 -1.82
C8 NAG L . 0.54 -2.66 -1.61
N2 NAG L . -1.26 -4.22 -1.18
O3 NAG L . -3.41 -2.91 -0.01
O4 NAG L . -5.51 -4.49 0.97
O5 NAG L . -3.93 -6.76 -1.40
O6 NAG L . -5.93 -8.46 -0.13
O7 NAG L . -1.66 -2.44 -2.51
C1 NAG M . -12.48 -15.88 -40.42
C2 NAG M . -11.59 -16.41 -39.30
C3 NAG M . -11.42 -17.92 -39.44
C4 NAG M . -12.78 -18.60 -39.43
C5 NAG M . -13.60 -18.03 -40.59
C6 NAG M . -15.00 -18.60 -40.59
C7 NAG M . -9.89 -14.79 -38.46
C8 NAG M . -8.46 -14.35 -38.69
N2 NAG M . -10.30 -15.79 -39.28
O3 NAG M . -10.61 -18.36 -38.38
O4 NAG M . -12.63 -20.00 -39.56
O5 NAG M . -13.68 -16.61 -40.47
O6 NAG M . -15.90 -17.63 -41.06
O7 NAG M . -10.60 -14.25 -37.63
C1 EDO N . -31.75 -17.02 -46.51
O1 EDO N . -32.67 -16.35 -47.34
C2 EDO N . -32.09 -18.48 -46.40
O2 EDO N . -32.07 -19.09 -47.68
C1 EDO O . 31.68 16.18 3.06
O1 EDO O . 31.65 15.41 1.87
C2 EDO O . 31.91 15.31 4.27
O2 EDO O . 33.16 14.65 4.17
C1 EDO P . 5.01 -12.63 -31.55
O1 EDO P . 6.19 -12.47 -30.81
C2 EDO P . 3.90 -11.81 -30.95
O2 EDO P . 4.26 -10.45 -30.98
C1 EDO Q . 3.51 -7.70 -16.50
O1 EDO Q . 3.64 -8.25 -15.20
C2 EDO Q . 3.92 -8.74 -17.51
O2 EDO Q . 3.11 -9.88 -17.36
C1 EDO R . 14.44 -13.12 -35.43
O1 EDO R . 13.49 -13.50 -34.45
C2 EDO R . 14.23 -11.68 -35.84
O2 EDO R . 14.30 -11.49 -37.25
C1 GOL S . 11.56 -12.82 -39.41
O1 GOL S . 10.24 -12.93 -39.91
C2 GOL S . 11.81 -13.62 -38.13
O2 GOL S . 13.18 -13.93 -38.10
C3 GOL S . 10.99 -14.89 -37.98
O3 GOL S . 10.46 -15.01 -36.67
ZN ZN T . 22.94 -14.10 -7.11
C14 A1CDW U . 19.39 -15.74 -4.73
C15 A1CDW U . 20.00 -16.09 -5.91
C17 A1CDW U . 20.25 -17.75 -4.61
C18 A1CDW U . 20.08 -15.30 -7.19
C2 A1CDW U . 17.44 -18.56 -1.66
C20 A1CDW U . 18.88 -14.38 -7.44
C22 A1CDW U . 18.55 -13.62 -5.10
C3 A1CDW U . 17.53 -17.25 -2.44
C4 A1CDW U . 19.03 -16.95 -2.52
C6 A1CDW U . 18.78 -18.62 -0.95
C7 A1CDW U . 19.25 -20.00 -0.58
N13 A1CDW U . 19.55 -16.82 -3.90
N16 A1CDW U . 20.54 -17.36 -5.83
N21 A1CDW U . 18.71 -13.37 -6.41
N23 A1CDW U . 18.71 -14.62 -4.31
O1 A1CDW U . 16.35 -18.55 -0.75
O10 A1CDW U . 20.77 -19.26 2.14
O11 A1CDW U . 22.60 -20.71 1.19
O12 A1CDW U . 20.30 -21.67 1.56
O19 A1CDW U . 21.28 -14.53 -7.29
O5 A1CDW U . 19.71 -18.02 -1.88
O8 A1CDW U . 20.66 -19.99 -0.25
P9 A1CDW U . 21.11 -20.44 1.25
C1 NAG V . 30.65 -39.41 -2.30
C2 NAG V . 30.88 -40.92 -2.18
C3 NAG V . 32.04 -41.31 -1.28
C4 NAG V . 33.26 -40.46 -1.56
C5 NAG V . 32.86 -38.98 -1.55
C6 NAG V . 34.07 -38.12 -1.80
C7 NAG V . 28.88 -42.34 -2.42
C8 NAG V . 27.69 -42.84 -1.66
N2 NAG V . 29.68 -41.53 -1.70
O3 NAG V . 32.35 -42.66 -1.53
O4 NAG V . 34.19 -40.74 -0.55
O5 NAG V . 31.88 -38.75 -2.54
O6 NAG V . 33.71 -36.76 -1.71
O7 NAG V . 29.11 -42.65 -3.59
C1 NAG W . 17.86 -20.16 -46.05
C2 NAG W . 19.39 -20.01 -45.97
C3 NAG W . 20.01 -20.61 -47.22
C4 NAG W . 19.57 -22.06 -47.38
C5 NAG W . 18.05 -22.12 -47.41
C6 NAG W . 17.52 -23.54 -47.46
C7 NAG W . 20.75 -18.24 -45.01
C8 NAG W . 21.06 -16.76 -45.03
N2 NAG W . 19.79 -18.64 -45.87
O3 NAG W . 21.39 -20.48 -47.07
O4 NAG W . 20.10 -22.49 -48.61
O5 NAG W . 17.52 -21.51 -46.26
O6 NAG W . 16.23 -23.52 -47.99
O7 NAG W . 21.33 -19.03 -44.28
C1 NAG X . 7.11 -34.73 -8.34
C2 NAG X . 6.42 -34.02 -9.52
C3 NAG X . 4.89 -34.27 -9.54
C4 NAG X . 4.57 -35.74 -9.39
C5 NAG X . 5.19 -36.16 -8.05
C6 NAG X . 4.92 -37.60 -7.69
C7 NAG X . 7.64 -31.97 -10.19
C8 NAG X . 7.72 -30.48 -9.93
N2 NAG X . 6.70 -32.61 -9.47
O3 NAG X . 4.36 -33.75 -10.72
O4 NAG X . 3.16 -35.95 -9.46
O5 NAG X . 6.59 -36.03 -8.18
O6 NAG X . 5.55 -38.39 -8.67
O7 NAG X . 8.38 -32.52 -10.99
C1 EDO Y . 8.13 -16.43 -16.14
O1 EDO Y . 7.99 -15.84 -17.41
C2 EDO Y . 9.16 -17.52 -16.18
O2 EDO Y . 10.45 -16.95 -16.19
C1 EDO Z . 23.08 -8.56 -41.93
O1 EDO Z . 24.31 -7.91 -41.65
C2 EDO Z . 23.22 -10.06 -41.76
O2 EDO Z . 22.30 -10.57 -40.80
C1 EDO AA . 14.02 -15.48 -31.59
O1 EDO AA . 13.21 -16.20 -32.50
C2 EDO AA . 13.42 -15.51 -30.21
O2 EDO AA . 13.52 -16.83 -29.70
C1 GOL BA . 4.98 -9.88 -9.35
O1 GOL BA . 5.00 -11.17 -9.93
C2 GOL BA . 5.76 -8.90 -10.22
O2 GOL BA . 5.06 -8.59 -11.42
C3 GOL BA . 6.09 -7.63 -9.42
O3 GOL BA . 7.41 -7.75 -8.92
ZN ZN CA . 1.60 -7.29 26.74
C14 A1CDW DA . 4.30 -5.13 24.30
C15 A1CDW DA . 3.58 -4.82 25.43
C17 A1CDW DA . 5.62 -4.90 26.04
C18 A1CDW DA . 2.11 -4.52 25.54
C2 A1CDW DA . 9.09 -5.11 23.52
C20 A1CDW DA . 1.54 -3.97 24.24
C22 A1CDW DA . 2.79 -5.31 22.57
C3 A1CDW DA . 7.89 -4.35 24.06
C4 A1CDW DA . 6.76 -5.33 23.80
C6 A1CDW DA . 8.71 -6.58 23.77
C7 A1CDW DA . 9.41 -7.19 24.95
N13 A1CDW DA . 5.61 -5.18 24.70
N16 A1CDW DA . 4.42 -4.68 26.52
N21 A1CDW DA . 1.64 -4.91 23.13
N23 A1CDW DA . 4.00 -5.41 22.99
O1 A1CDW DA . 9.28 -4.86 22.12
O10 A1CDW DA . 10.91 -9.08 26.29
O11 A1CDW DA . 12.63 -8.81 24.45
O12 A1CDW DA . 12.51 -7.10 26.33
O19 A1CDW DA . 1.35 -5.66 25.98
O5 A1CDW DA . 7.30 -6.61 24.01
O8 A1CDW DA . 10.78 -7.21 24.58
P9 A1CDW DA . 11.77 -8.12 25.50
C1 NAG EA . 19.57 -7.34 45.26
C2 NAG EA . 20.70 -7.50 46.28
C3 NAG EA . 20.91 -8.98 46.52
C4 NAG EA . 19.61 -9.72 46.83
C5 NAG EA . 18.55 -9.38 45.78
C6 NAG EA . 17.19 -10.01 46.00
C7 NAG EA . 22.34 -5.71 46.13
C8 NAG EA . 23.61 -5.27 45.44
N2 NAG EA . 21.89 -6.91 45.74
O3 NAG EA . 21.83 -9.12 47.57
O4 NAG EA . 19.91 -11.08 46.80
O5 NAG EA . 18.42 -7.98 45.77
O6 NAG EA . 16.34 -9.82 44.88
O7 NAG EA . 21.77 -5.03 46.96
C1 NAG FA . -20.07 21.17 44.82
C2 NAG FA . -20.43 19.97 45.72
C3 NAG FA . -20.83 20.46 47.12
C4 NAG FA . -19.73 21.34 47.69
C5 NAG FA . -19.49 22.49 46.72
C6 NAG FA . -18.45 23.49 47.16
C7 NAG FA . -21.41 17.86 45.02
C8 NAG FA . -22.61 17.21 44.36
N2 NAG FA . -21.48 19.19 45.13
O3 NAG FA . -21.11 19.34 47.92
O4 NAG FA . -20.15 21.80 48.94
O5 NAG FA . -19.10 21.96 45.46
O6 NAG FA . -17.16 23.01 46.84
O7 NAG FA . -20.44 17.22 45.41
C1 NAG GA . 18.12 12.18 30.22
C2 NAG GA . 16.96 13.09 29.80
C3 NAG GA . 17.40 14.32 28.98
C4 NAG GA . 18.54 15.04 29.69
C5 NAG GA . 19.66 14.02 29.81
C6 NAG GA . 20.91 14.58 30.43
C7 NAG GA . 14.81 11.95 29.59
C8 NAG GA . 13.93 11.10 28.68
N2 NAG GA . 16.00 12.30 29.07
O3 NAG GA . 16.30 15.19 28.83
O4 NAG GA . 18.90 16.20 28.95
O5 NAG GA . 19.23 12.95 30.65
O6 NAG GA . 20.70 14.70 31.82
O7 NAG GA . 14.44 12.31 30.69
C1 EDO HA . -0.80 9.75 22.43
O1 EDO HA . -2.12 10.23 22.44
C2 EDO HA . -0.28 9.68 23.85
O2 EDO HA . -0.66 8.46 24.47
C1 EDO IA . -12.50 13.53 32.03
O1 EDO IA . -12.99 14.49 32.94
C2 EDO IA . -11.08 13.16 32.39
O2 EDO IA . -10.31 14.33 32.54
C1 EDO JA . -2.93 5.76 13.80
O1 EDO JA . -3.57 6.27 14.93
C2 EDO JA . -2.34 4.41 14.12
O2 EDO JA . -1.52 3.95 13.07
C1 GOL KA . -17.79 16.98 34.26
O1 GOL KA . -18.17 18.33 34.14
C2 GOL KA . -18.39 16.17 33.12
O2 GOL KA . -19.76 15.87 33.37
C3 GOL KA . -17.53 14.94 32.80
O3 GOL KA . -16.23 15.19 33.27
ZN ZN LA . -29.19 18.48 19.30
C14 A1CDW MA . -28.22 21.67 22.19
C15 A1CDW MA . -27.61 21.19 21.04
C17 A1CDW MA . -28.20 23.20 20.61
C18 A1CDW MA . -26.93 19.86 20.84
C2 A1CDW MA . -29.21 26.18 23.58
C20 A1CDW MA . -26.32 19.32 22.13
C22 A1CDW MA . -28.15 19.92 23.70
C3 A1CDW MA . -28.22 25.08 23.19
C4 A1CDW MA . -29.15 23.92 22.87
C6 A1CDW MA . -30.43 25.88 22.70
C7 A1CDW MA . -30.58 26.75 21.48
N13 A1CDW MA . -28.59 22.96 21.91
N16 A1CDW MA . -27.61 22.16 20.06
N21 A1CDW MA . -27.30 19.03 23.17
N23 A1CDW MA . -28.52 21.12 23.42
O1 A1CDW MA . -29.51 26.09 24.97
O10 A1CDW MA . -33.13 29.21 22.77
O11 A1CDW MA . -32.67 29.04 20.29
O12 A1CDW MA . -33.34 26.97 21.58
O19 A1CDW MA . -27.79 18.88 20.28
O5 A1CDW MA . -30.30 24.50 22.28
O8 A1CDW MA . -31.11 28.01 21.93
P9 A1CDW MA . -32.67 28.33 21.62
C1 NAG NA . -30.91 39.23 3.15
C2 NAG NA . -30.98 40.43 2.20
C3 NAG NA . -32.40 40.60 1.65
C4 NAG NA . -32.95 39.29 1.10
C5 NAG NA . -32.75 38.15 2.12
C6 NAG NA . -33.19 36.77 1.64
C7 NAG NA . -29.53 42.34 2.60
C8 NAG NA . -29.32 43.53 3.52
N2 NAG NA . -30.61 41.60 2.92
O3 NAG NA . -32.31 41.61 0.67
O4 NAG NA . -34.31 39.51 0.84
O5 NAG NA . -31.37 38.09 2.45
O6 NAG NA . -32.71 35.75 2.50
O7 NAG NA . -28.80 42.06 1.66
C1 NAG OA . 4.84 5.37 2.71
C2 NAG OA . 3.83 4.85 1.67
C3 NAG OA . 4.50 4.71 0.30
C4 NAG OA . 5.04 6.08 -0.11
C5 NAG OA . 6.06 6.50 0.94
C6 NAG OA . 6.63 7.88 0.67
C7 NAG OA . 1.86 3.46 2.11
C8 NAG OA . 1.36 2.09 2.50
N2 NAG OA . 3.20 3.60 2.03
O3 NAG OA . 3.57 4.24 -0.63
O4 NAG OA . 5.63 5.97 -1.38
O5 NAG OA . 5.47 6.54 2.23
O6 NAG OA . 7.21 8.36 1.85
O7 NAG OA . 1.09 4.38 1.89
C1 NAG PA . -13.54 38.88 20.62
C2 NAG PA . -12.40 37.91 20.99
C3 NAG PA . -11.49 38.46 22.09
C4 NAG PA . -11.00 39.85 21.72
C5 NAG PA . -12.22 40.74 21.50
C6 NAG PA . -11.84 42.10 20.97
C7 NAG PA . -13.10 35.60 20.61
C8 NAG PA . -13.76 34.43 21.30
N2 NAG PA . -12.99 36.68 21.40
O3 NAG PA . -10.38 37.61 22.27
O4 NAG PA . -10.12 40.27 22.74
O5 NAG PA . -13.05 40.20 20.48
O6 NAG PA . -11.08 41.89 19.80
O7 NAG PA . -12.70 35.55 19.46
C1 EDO QA . -7.18 9.17 -5.20
O1 EDO QA . -7.06 9.63 -3.86
C2 EDO QA . -8.02 7.91 -5.28
O2 EDO QA . -9.31 8.19 -5.79
C1 EDO RA . -12.44 19.53 25.30
O1 EDO RA . -12.64 18.18 25.64
C2 EDO RA . -12.79 19.74 23.84
O2 EDO RA . -14.01 19.11 23.55
C1 EDO SA . -5.52 9.86 14.44
O1 EDO SA . -4.13 9.68 14.22
C2 EDO SA . -5.79 10.76 15.62
O2 EDO SA . -5.44 12.10 15.31
C1 GOL TA . -23.75 27.56 -3.15
O1 GOL TA . -24.58 28.58 -3.67
C2 GOL TA . -24.06 26.27 -3.88
O2 GOL TA . -24.16 26.57 -5.26
C3 GOL TA . -22.99 25.23 -3.61
O3 GOL TA . -23.54 23.98 -3.96
#